data_2W76
#
_entry.id   2W76
#
_cell.length_a   193.422
_cell.length_b   129.932
_cell.length_c   140.877
_cell.angle_alpha   90.00
_cell.angle_beta   130.77
_cell.angle_gamma   90.00
#
_symmetry.space_group_name_H-M   'C 1 2 1'
#
loop_
_entity.id
_entity.type
_entity.pdbx_description
1 polymer 'FERRIPYOVERDINE RECEPTOR'
2 polymer 'PYOVERDIN R'
3 non-polymer 3,6,9,12,15-PENTAOXATRICOSAN-1-OL
4 non-polymer 'PHOSPHATE ION'
5 non-polymer (1S)-1-CARBOXY-5-[(3-CARBOXYPROPANOYL)AMINO]-8,9-DIHYDROXY-1,2,3,4-TETRAHYDROPYRIMIDO[1,2-A]QUINOLIN-11-IUM
6 non-polymer 'FE (III) ION'
#
loop_
_entity_poly.entity_id
_entity_poly.type
_entity_poly.pdbx_seq_one_letter_code
_entity_poly.pdbx_strand_id
1 'polypeptide(L)'
;QEVEFDIPPQALGSALQEFGRQADIQVLYRPEEVRNKRSSAIKGKLEPNQAITELLRGTGASVDFQGNAITISVAEAADS
SVDLGATMITSNQLGTITEDSGSYTPGTIATATRLVLTPRETPQSITVVTRQNMDDFGLNNIDDVMRHTPGITVSAYDTD
RNNYYARGFSINNFQYDGIPSTARNVGYSAGNTLSDMAIYDRVEVLKGATGLLTGAGSLGATINLIRKKPTHEFKGHVEL
GAGSWDNYRSELDVSGPLTESGNVRGRAVAAYQDKHSFMDHYERKTSVYYGILEFDLNPDTMLTVGADYQDNDPKGSGWS
GSFPLFDSQGNRNDVSRSFNNGAKWSSWEQYTRTVFANLEHNFANGWVGKVQLDHKINGYHAPLGAIMGDWPAPDNSAKI
VAQKYTGETKSNSLDIYLTGPFQFLGREHELVVGTSASFSHWEGKSYWNLRNYDNTTDDFINWDGDIGKPDWGTPSQYID
DKTRQLGSYMTARFNVTDDLNLFLGGRVVDYRVTGLNPTIRESGRFIPYVGAVYDLNDTYSVYASYTDIFMPQDSWYRDS
SNKLLEPDEGQNYEIGIKGEYLDGRLNTSLAYFEIHEENRAEEDALYNSKPTNPAITYAYKGIKAKTKGYEAEISGELAP
GWQVQAGYTHKIIRDDSGKKVSTWEPQDQLSLYTSYKFKGALDKLTVGGGARWQGKSWQMVYNNPRSRWEKFSQEDYWLV
DLMARYQITDKLSASVNVNNVFDKTYYTNIGFYTSASYGDPRNLMFSTRWDF
;
A,B
2 'polypeptide(L)' (DSN)(DAB)(FHO)Q(DGN)(FHO)G C
#
loop_
_chem_comp.id
_chem_comp.type
_chem_comp.name
_chem_comp.formula
FE non-polymer 'FE (III) ION' 'Fe 3'
N8E non-polymer 3,6,9,12,15-PENTAOXATRICOSAN-1-OL 'C18 H38 O6'
PO4 non-polymer 'PHOSPHATE ION' 'O4 P -3'
PVE non-polymer (1S)-1-CARBOXY-5-[(3-CARBOXYPROPANOYL)AMINO]-8,9-DIHYDROXY-1,2,3,4-TETRAHYDROPYRIMIDO[1,2-A]QUINOLIN-11-IUM 'C17 H18 N3 O7 1'
#
# COMPACT_ATOMS: atom_id res chain seq x y z
N GLN A 1 -0.15 -25.42 8.49
CA GLN A 1 0.62 -25.19 9.76
C GLN A 1 -0.07 -25.81 11.00
N GLU A 2 0.64 -25.82 12.13
CA GLU A 2 0.30 -26.65 13.32
C GLU A 2 -1.04 -26.34 14.03
N VAL A 3 -1.83 -27.38 14.32
CA VAL A 3 -3.18 -27.27 14.94
C VAL A 3 -3.28 -28.07 16.25
N GLU A 4 -4.23 -27.70 17.12
CA GLU A 4 -4.44 -28.33 18.41
C GLU A 4 -5.53 -29.39 18.34
N PHE A 5 -5.17 -30.67 18.40
CA PHE A 5 -6.19 -31.71 18.32
C PHE A 5 -6.54 -32.41 19.64
N ASP A 6 -7.78 -32.86 19.74
CA ASP A 6 -8.22 -33.80 20.77
C ASP A 6 -9.43 -34.57 20.24
N ILE A 7 -9.17 -35.66 19.53
CA ILE A 7 -10.22 -36.57 19.10
C ILE A 7 -9.90 -38.00 19.56
N PRO A 8 -10.69 -38.48 20.52
CA PRO A 8 -10.62 -39.83 21.03
C PRO A 8 -11.34 -40.83 20.13
N PRO A 9 -10.95 -42.14 20.26
CA PRO A 9 -11.49 -43.24 19.43
C PRO A 9 -13.02 -43.32 19.51
N GLN A 10 -13.67 -43.55 18.37
CA GLN A 10 -15.12 -43.53 18.20
C GLN A 10 -15.46 -44.04 16.81
N ALA A 11 -16.73 -43.93 16.45
CA ALA A 11 -17.15 -44.25 15.10
C ALA A 11 -16.38 -43.36 14.13
N LEU A 12 -15.75 -43.97 13.13
CA LEU A 12 -14.95 -43.25 12.18
C LEU A 12 -15.76 -42.06 11.65
N GLY A 13 -17.07 -42.28 11.47
CA GLY A 13 -18.00 -41.24 11.05
C GLY A 13 -17.84 -40.03 11.96
N SER A 14 -18.14 -40.17 13.25
CA SER A 14 -17.92 -39.08 14.24
C SER A 14 -16.51 -38.52 14.23
N ALA A 15 -15.52 -39.39 14.09
CA ALA A 15 -14.15 -38.98 14.24
C ALA A 15 -13.87 -38.06 13.07
N LEU A 16 -14.49 -38.35 11.94
CA LEU A 16 -14.26 -37.56 10.75
C LEU A 16 -14.97 -36.22 10.88
N GLN A 17 -16.16 -36.23 11.46
CA GLN A 17 -16.83 -35.00 11.68
C GLN A 17 -16.07 -34.15 12.69
N GLU A 18 -15.59 -34.78 13.78
CA GLU A 18 -14.94 -34.08 14.87
C GLU A 18 -13.70 -33.46 14.25
N PHE A 19 -13.03 -34.25 13.43
CA PHE A 19 -11.84 -33.77 12.73
C PHE A 19 -12.11 -32.53 11.88
N GLY A 20 -13.12 -32.57 11.01
CA GLY A 20 -13.37 -31.48 10.08
C GLY A 20 -13.46 -30.17 10.86
N ARG A 21 -14.11 -30.30 12.01
CA ARG A 21 -14.23 -29.23 12.96
C ARG A 21 -12.93 -28.76 13.53
N GLN A 22 -12.21 -29.65 14.19
CA GLN A 22 -11.03 -29.15 14.91
C GLN A 22 -10.06 -28.54 13.91
N ALA A 23 -10.14 -28.97 12.65
CA ALA A 23 -9.15 -28.60 11.67
C ALA A 23 -9.58 -27.49 10.68
N ASP A 24 -10.83 -27.06 10.71
CA ASP A 24 -11.38 -26.07 9.79
C ASP A 24 -11.17 -26.54 8.35
N ILE A 25 -11.69 -27.71 8.07
CA ILE A 25 -11.40 -28.39 6.83
C ILE A 25 -12.60 -29.26 6.54
N GLN A 26 -12.98 -29.34 5.28
CA GLN A 26 -14.07 -30.19 5.00
C GLN A 26 -13.66 -31.61 4.67
N VAL A 27 -14.38 -32.52 5.30
CA VAL A 27 -14.01 -33.90 5.18
C VAL A 27 -15.14 -34.52 4.43
N LEU A 28 -14.83 -35.16 3.31
CA LEU A 28 -15.86 -35.89 2.56
C LEU A 28 -15.53 -37.35 2.71
N TYR A 29 -16.54 -38.16 2.97
CA TYR A 29 -16.33 -39.59 3.08
C TYR A 29 -17.58 -40.35 2.72
N ARG A 30 -17.38 -41.58 2.27
CA ARG A 30 -18.47 -42.49 1.95
C ARG A 30 -18.94 -43.23 3.22
N PRO A 31 -20.21 -43.01 3.57
CA PRO A 31 -20.82 -43.61 4.75
C PRO A 31 -20.71 -45.14 4.75
N GLU A 32 -21.02 -45.82 3.66
CA GLU A 32 -20.93 -47.29 3.71
C GLU A 32 -19.49 -47.75 3.87
N GLU A 33 -18.52 -46.88 3.59
CA GLU A 33 -17.09 -47.27 3.70
C GLU A 33 -16.51 -47.24 5.14
N VAL A 34 -16.99 -46.29 5.93
CA VAL A 34 -16.51 -46.01 7.30
C VAL A 34 -17.36 -46.62 8.42
N ARG A 35 -18.31 -47.51 8.07
CA ARG A 35 -19.51 -47.76 8.89
C ARG A 35 -19.20 -48.60 10.13
N ASN A 36 -18.28 -49.52 9.98
CA ASN A 36 -18.07 -50.46 11.05
C ASN A 36 -16.67 -50.22 11.54
N LYS A 37 -16.26 -48.96 11.57
CA LYS A 37 -14.81 -48.72 11.76
C LYS A 37 -14.58 -47.68 12.83
N ARG A 38 -13.44 -47.76 13.52
CA ARG A 38 -13.12 -46.73 14.52
C ARG A 38 -11.75 -46.07 14.27
N SER A 39 -11.62 -44.82 14.74
CA SER A 39 -10.39 -44.07 14.64
C SER A 39 -9.49 -44.47 15.76
N SER A 40 -8.19 -44.24 15.57
CA SER A 40 -7.28 -44.25 16.70
C SER A 40 -7.18 -42.84 17.25
N ALA A 41 -6.93 -42.74 18.57
CA ALA A 41 -6.86 -41.47 19.35
C ALA A 41 -5.86 -40.50 18.76
N ILE A 42 -6.21 -39.22 18.72
CA ILE A 42 -5.21 -38.21 18.36
C ILE A 42 -5.20 -37.15 19.43
N LYS A 43 -4.01 -36.71 19.81
CA LYS A 43 -3.89 -35.85 20.98
C LYS A 43 -2.82 -34.78 20.85
N GLY A 44 -3.24 -33.52 20.76
CA GLY A 44 -2.31 -32.39 20.91
C GLY A 44 -2.03 -31.55 19.67
N LYS A 45 -0.99 -30.70 19.79
CA LYS A 45 -0.57 -29.81 18.72
C LYS A 45 -0.03 -30.73 17.63
N LEU A 46 -0.61 -30.61 16.43
CA LEU A 46 -0.25 -31.45 15.28
C LEU A 46 -0.44 -30.75 13.95
N GLU A 47 0.20 -31.27 12.91
CA GLU A 47 -0.04 -30.75 11.60
C GLU A 47 -1.17 -31.55 10.94
N PRO A 48 -2.14 -30.83 10.34
CA PRO A 48 -3.41 -31.43 10.02
C PRO A 48 -3.24 -32.68 9.18
N ASN A 49 -2.11 -32.84 8.49
CA ASN A 49 -1.92 -34.06 7.70
C ASN A 49 -1.25 -35.23 8.44
N GLN A 50 -0.40 -34.92 9.42
CA GLN A 50 0.08 -35.99 10.30
C GLN A 50 -1.16 -36.48 11.01
N ALA A 51 -1.72 -35.60 11.84
CA ALA A 51 -3.04 -35.77 12.46
C ALA A 51 -4.04 -36.70 11.75
N ILE A 52 -4.30 -36.45 10.47
CA ILE A 52 -5.33 -37.24 9.82
C ILE A 52 -4.88 -38.69 9.64
N THR A 53 -3.64 -38.91 9.20
CA THR A 53 -3.22 -40.28 8.95
C THR A 53 -3.00 -41.03 10.26
N GLU A 54 -2.81 -40.30 11.36
CA GLU A 54 -2.68 -40.92 12.67
C GLU A 54 -4.07 -41.45 13.09
N LEU A 55 -5.03 -40.53 13.14
CA LEU A 55 -6.46 -40.83 13.23
C LEU A 55 -6.93 -42.03 12.40
N LEU A 56 -6.54 -42.11 11.13
CA LEU A 56 -7.06 -43.21 10.28
C LEU A 56 -6.35 -44.54 10.43
N ARG A 57 -5.32 -44.57 11.29
CA ARG A 57 -4.45 -45.72 11.45
C ARG A 57 -5.33 -46.90 11.80
N GLY A 58 -5.12 -48.03 11.16
CA GLY A 58 -5.93 -49.20 11.43
C GLY A 58 -7.26 -49.29 10.70
N THR A 59 -7.69 -48.22 10.05
CA THR A 59 -8.99 -48.21 9.43
C THR A 59 -8.94 -48.61 7.97
N GLY A 60 -7.75 -48.65 7.38
CA GLY A 60 -7.62 -48.98 5.95
C GLY A 60 -7.98 -47.88 4.96
N ALA A 61 -7.96 -46.64 5.39
CA ALA A 61 -8.38 -45.60 4.46
C ALA A 61 -7.21 -44.80 3.99
N SER A 62 -7.40 -44.07 2.88
CA SER A 62 -6.39 -43.15 2.31
C SER A 62 -7.04 -41.78 2.22
N VAL A 63 -6.23 -40.74 2.21
CA VAL A 63 -6.72 -39.37 2.24
C VAL A 63 -6.27 -38.80 0.95
N ASP A 64 -7.11 -38.05 0.28
CA ASP A 64 -6.75 -37.23 -0.88
C ASP A 64 -6.80 -35.77 -0.41
N PHE A 65 -5.64 -35.11 -0.26
CA PHE A 65 -5.61 -33.69 0.15
C PHE A 65 -6.05 -32.78 -1.00
N GLN A 66 -7.15 -32.06 -0.79
CA GLN A 66 -7.64 -31.15 -1.80
C GLN A 66 -7.98 -29.75 -1.29
N GLY A 67 -6.95 -29.08 -0.79
CA GLY A 67 -6.98 -27.67 -0.46
C GLY A 67 -7.59 -27.51 0.89
N ASN A 68 -8.76 -26.88 0.90
CA ASN A 68 -9.60 -26.81 2.08
C ASN A 68 -10.54 -28.05 2.28
N ALA A 69 -10.32 -29.08 1.46
CA ALA A 69 -11.10 -30.29 1.59
C ALA A 69 -10.11 -31.46 1.71
N ILE A 70 -10.53 -32.52 2.43
CA ILE A 70 -9.90 -33.82 2.31
C ILE A 70 -10.94 -34.89 1.96
N THR A 71 -10.71 -35.70 0.96
CA THR A 71 -11.70 -36.75 0.87
C THR A 71 -11.14 -38.09 1.27
N ILE A 72 -11.84 -38.80 2.14
CA ILE A 72 -11.36 -40.08 2.63
C ILE A 72 -11.89 -41.17 1.70
N SER A 73 -11.11 -42.24 1.51
CA SER A 73 -11.62 -43.42 0.78
C SER A 73 -10.96 -44.66 1.29
N VAL A 74 -11.61 -45.79 1.08
CA VAL A 74 -11.10 -47.08 1.53
C VAL A 74 -11.14 -47.99 0.32
N ALA A 75 -10.02 -48.04 -0.38
CA ALA A 75 -9.81 -48.92 -1.50
C ALA A 75 -9.94 -50.43 -1.12
N GLU A 76 -10.50 -51.23 -2.04
CA GLU A 76 -10.49 -52.71 -1.99
C GLU A 76 -9.51 -53.27 -3.06
N ALA A 77 -9.11 -54.55 -2.92
CA ALA A 77 -8.43 -55.32 -3.96
C ALA A 77 -9.32 -55.52 -5.18
N ALA A 78 -10.62 -55.56 -4.92
CA ALA A 78 -11.67 -55.77 -5.93
C ALA A 78 -11.94 -54.59 -6.93
N ASP A 79 -12.86 -53.65 -6.65
CA ASP A 79 -13.11 -52.44 -7.48
C ASP A 79 -13.43 -52.65 -8.99
N SER A 80 -14.71 -52.86 -9.33
CA SER A 80 -15.14 -53.37 -10.68
C SER A 80 -15.43 -52.30 -11.78
N SER A 81 -14.93 -51.09 -11.52
CA SER A 81 -15.25 -49.82 -12.18
C SER A 81 -15.65 -48.88 -11.02
N VAL A 82 -15.35 -47.58 -11.17
CA VAL A 82 -15.41 -46.66 -10.07
C VAL A 82 -16.65 -45.79 -10.12
N ASP A 83 -17.18 -45.47 -8.94
CA ASP A 83 -18.41 -44.72 -8.75
C ASP A 83 -17.99 -43.29 -8.36
N LEU A 84 -17.85 -42.41 -9.35
CA LEU A 84 -17.24 -41.12 -9.11
C LEU A 84 -18.13 -40.23 -8.32
N GLY A 85 -19.44 -40.34 -8.55
CA GLY A 85 -20.37 -39.54 -7.78
C GLY A 85 -21.02 -40.34 -6.67
N ALA A 86 -20.25 -41.19 -5.98
CA ALA A 86 -20.81 -41.89 -4.87
C ALA A 86 -21.25 -40.88 -3.83
N THR A 87 -22.37 -41.20 -3.16
CA THR A 87 -22.88 -40.49 -1.99
C THR A 87 -21.82 -40.21 -0.97
N MET A 88 -21.63 -38.94 -0.68
CA MET A 88 -20.58 -38.55 0.27
C MET A 88 -21.08 -37.67 1.40
N ILE A 89 -20.80 -38.07 2.62
CA ILE A 89 -21.25 -37.29 3.73
C ILE A 89 -20.15 -36.36 4.11
N THR A 90 -20.55 -35.13 4.40
CA THR A 90 -19.66 -34.01 4.49
C THR A 90 -19.60 -33.45 5.91
N SER A 91 -18.53 -32.79 6.30
CA SER A 91 -18.54 -32.20 7.66
C SER A 91 -18.88 -30.71 7.72
N ASN A 92 -18.89 -30.00 6.60
CA ASN A 92 -19.42 -28.66 6.62
C ASN A 92 -20.66 -28.55 5.72
N GLN A 93 -21.85 -28.35 6.32
CA GLN A 93 -23.10 -28.29 5.53
C GLN A 93 -23.14 -27.18 4.44
N LEU A 94 -22.31 -26.15 4.54
CA LEU A 94 -22.39 -25.10 3.58
C LEU A 94 -21.43 -25.31 2.37
N GLY A 95 -20.56 -26.32 2.51
CA GLY A 95 -19.58 -26.68 1.50
C GLY A 95 -18.17 -26.30 1.97
N THR A 96 -17.22 -26.39 1.01
CA THR A 96 -15.83 -26.06 1.23
C THR A 96 -15.55 -24.56 1.32
N ILE A 97 -14.87 -24.11 2.38
CA ILE A 97 -14.53 -22.68 2.48
C ILE A 97 -13.56 -22.29 1.37
N THR A 98 -13.73 -21.13 0.72
CA THR A 98 -12.83 -20.78 -0.34
C THR A 98 -11.67 -19.97 0.18
N GLU A 99 -11.83 -19.32 1.33
CA GLU A 99 -10.78 -18.44 1.82
C GLU A 99 -9.48 -19.23 1.97
N ASP A 100 -8.35 -18.70 1.49
CA ASP A 100 -7.05 -19.49 1.46
C ASP A 100 -6.91 -20.66 0.48
N SER A 101 -7.91 -20.89 -0.37
CA SER A 101 -7.77 -21.97 -1.33
C SER A 101 -6.73 -21.58 -2.37
N GLY A 102 -6.38 -20.29 -2.47
CA GLY A 102 -5.67 -19.84 -3.66
C GLY A 102 -6.36 -20.06 -5.01
N SER A 103 -7.64 -20.44 -5.02
CA SER A 103 -8.32 -20.83 -6.22
C SER A 103 -9.49 -19.90 -6.64
N TYR A 104 -10.00 -20.05 -7.87
CA TYR A 104 -11.14 -19.25 -8.35
C TYR A 104 -12.26 -20.17 -8.76
N THR A 105 -12.13 -21.43 -8.38
CA THR A 105 -13.17 -22.40 -8.62
C THR A 105 -13.58 -22.91 -7.22
N PRO A 106 -14.84 -23.28 -7.04
CA PRO A 106 -15.27 -23.53 -5.70
C PRO A 106 -14.95 -25.00 -5.32
N GLY A 107 -15.48 -25.50 -4.21
CA GLY A 107 -15.01 -26.77 -3.68
C GLY A 107 -16.22 -27.61 -3.75
N THR A 108 -17.07 -27.59 -2.72
CA THR A 108 -18.36 -28.25 -2.76
C THR A 108 -19.35 -27.13 -2.40
N ILE A 109 -20.62 -27.34 -2.63
CA ILE A 109 -21.56 -26.29 -2.68
C ILE A 109 -22.92 -26.92 -2.34
N ALA A 110 -23.83 -26.18 -1.71
CA ALA A 110 -25.11 -26.78 -1.34
C ALA A 110 -26.25 -25.92 -1.86
N THR A 111 -25.89 -25.03 -2.75
CA THR A 111 -26.78 -24.04 -3.27
C THR A 111 -28.01 -24.69 -3.95
N ALA A 112 -27.79 -25.77 -4.67
CA ALA A 112 -28.86 -26.38 -5.42
C ALA A 112 -29.85 -27.16 -4.56
N THR A 113 -29.41 -28.02 -3.65
CA THR A 113 -30.45 -28.92 -3.14
C THR A 113 -30.38 -29.10 -1.67
N ARG A 114 -29.51 -28.30 -1.04
CA ARG A 114 -29.09 -28.44 0.35
C ARG A 114 -28.13 -29.60 0.59
N LEU A 115 -27.96 -30.51 -0.36
CA LEU A 115 -26.95 -31.61 -0.26
C LEU A 115 -25.54 -31.14 -0.62
N VAL A 116 -24.54 -31.44 0.19
CA VAL A 116 -23.19 -30.98 -0.16
C VAL A 116 -22.62 -31.72 -1.40
N LEU A 117 -22.58 -30.98 -2.51
CA LEU A 117 -22.17 -31.57 -3.81
C LEU A 117 -21.08 -30.78 -4.51
N THR A 118 -20.42 -31.42 -5.49
CA THR A 118 -19.42 -30.67 -6.28
C THR A 118 -20.07 -29.98 -7.48
N PRO A 119 -19.44 -28.97 -8.04
CA PRO A 119 -19.99 -28.47 -9.31
C PRO A 119 -20.23 -29.60 -10.34
N ARG A 120 -19.30 -30.53 -10.47
CA ARG A 120 -19.62 -31.65 -11.38
C ARG A 120 -20.88 -32.44 -10.95
N GLU A 121 -21.07 -32.64 -9.65
CA GLU A 121 -22.18 -33.45 -9.14
C GLU A 121 -23.60 -32.78 -9.21
N THR A 122 -23.63 -31.45 -9.37
CA THR A 122 -24.83 -30.59 -9.30
C THR A 122 -25.47 -30.38 -10.69
N PRO A 123 -26.70 -30.85 -10.90
CA PRO A 123 -27.35 -30.77 -12.23
C PRO A 123 -27.97 -29.43 -12.56
N GLN A 124 -27.20 -28.37 -12.38
CA GLN A 124 -27.69 -26.97 -12.53
C GLN A 124 -26.53 -26.00 -12.79
N SER A 125 -26.83 -24.86 -13.39
CA SER A 125 -25.76 -24.02 -13.76
C SER A 125 -25.38 -23.39 -12.45
N ILE A 126 -24.17 -23.62 -11.96
CA ILE A 126 -23.78 -23.08 -10.68
C ILE A 126 -22.43 -22.40 -10.88
N THR A 127 -22.40 -21.09 -10.65
CA THR A 127 -21.20 -20.26 -10.81
C THR A 127 -20.90 -19.69 -9.46
N VAL A 128 -19.63 -19.68 -9.06
CA VAL A 128 -19.20 -19.12 -7.76
C VAL A 128 -18.08 -18.06 -7.89
N VAL A 129 -18.17 -16.95 -7.13
CA VAL A 129 -17.06 -16.04 -7.07
C VAL A 129 -16.23 -16.21 -5.80
N THR A 130 -15.05 -16.79 -5.92
CA THR A 130 -14.39 -17.25 -4.70
C THR A 130 -13.77 -16.10 -3.97
N ARG A 131 -13.51 -16.36 -2.68
CA ARG A 131 -12.88 -15.42 -1.77
C ARG A 131 -11.67 -14.79 -2.36
N GLN A 132 -10.81 -15.56 -3.02
CA GLN A 132 -9.54 -15.01 -3.48
C GLN A 132 -9.68 -14.18 -4.74
N ASN A 133 -10.68 -14.51 -5.57
CA ASN A 133 -11.06 -13.73 -6.76
C ASN A 133 -11.39 -12.34 -6.26
N MET A 134 -12.13 -12.32 -5.16
CA MET A 134 -12.59 -11.06 -4.60
C MET A 134 -11.41 -10.25 -4.09
N ASP A 135 -10.43 -10.94 -3.50
CA ASP A 135 -9.23 -10.27 -3.00
C ASP A 135 -8.42 -9.67 -4.17
N ASP A 136 -8.26 -10.46 -5.23
CA ASP A 136 -7.40 -10.12 -6.34
C ASP A 136 -7.98 -8.93 -7.16
N PHE A 137 -9.29 -8.86 -7.33
CA PHE A 137 -9.85 -7.82 -8.13
C PHE A 137 -10.48 -6.72 -7.28
N GLY A 138 -10.49 -6.91 -5.97
CA GLY A 138 -10.91 -5.83 -5.08
C GLY A 138 -12.40 -5.55 -5.14
N LEU A 139 -13.12 -6.63 -5.41
CA LEU A 139 -14.53 -6.63 -5.43
C LEU A 139 -14.98 -6.45 -3.98
N ASN A 140 -15.26 -5.22 -3.58
CA ASN A 140 -15.62 -5.07 -2.18
C ASN A 140 -17.11 -5.01 -1.93
N ASN A 141 -17.91 -5.08 -2.97
CA ASN A 141 -19.33 -5.25 -2.73
C ASN A 141 -20.01 -6.10 -3.76
N ILE A 142 -21.27 -6.37 -3.55
CA ILE A 142 -21.93 -7.38 -4.35
C ILE A 142 -22.17 -6.82 -5.79
N ASP A 143 -22.13 -5.49 -5.91
CA ASP A 143 -22.16 -4.90 -7.23
C ASP A 143 -20.89 -5.31 -7.98
N ASP A 144 -19.73 -5.12 -7.37
CA ASP A 144 -18.48 -5.51 -8.04
C ASP A 144 -18.48 -7.02 -8.30
N VAL A 145 -18.92 -7.84 -7.34
CA VAL A 145 -18.91 -9.27 -7.53
C VAL A 145 -19.82 -9.65 -8.70
N MET A 146 -21.03 -9.08 -8.74
CA MET A 146 -21.93 -9.30 -9.93
C MET A 146 -21.27 -8.86 -11.23
N ARG A 147 -20.66 -7.67 -11.23
CA ARG A 147 -19.99 -7.19 -12.47
C ARG A 147 -18.99 -8.20 -13.00
N HIS A 148 -18.27 -8.91 -12.10
CA HIS A 148 -17.28 -9.97 -12.49
C HIS A 148 -17.90 -11.36 -12.50
N THR A 149 -19.21 -11.50 -12.38
CA THR A 149 -19.79 -12.86 -12.38
C THR A 149 -20.22 -13.33 -13.78
N PRO A 150 -19.57 -14.41 -14.24
CA PRO A 150 -19.91 -14.87 -15.57
C PRO A 150 -21.41 -15.05 -15.72
N GLY A 151 -21.98 -14.43 -16.75
CA GLY A 151 -23.35 -14.73 -17.12
C GLY A 151 -24.31 -13.73 -16.54
N ILE A 152 -23.78 -12.65 -15.98
CA ILE A 152 -24.58 -11.69 -15.25
C ILE A 152 -24.37 -10.30 -15.84
N THR A 153 -25.44 -9.56 -15.93
CA THR A 153 -25.34 -8.25 -16.52
C THR A 153 -25.82 -7.32 -15.46
N VAL A 154 -24.97 -6.35 -15.08
CA VAL A 154 -25.35 -5.39 -14.05
C VAL A 154 -25.71 -4.09 -14.73
N SER A 155 -26.96 -3.64 -14.57
CA SER A 155 -27.44 -2.35 -15.10
C SER A 155 -27.96 -1.41 -13.99
N ALA A 156 -27.98 -0.11 -14.30
CA ALA A 156 -28.15 0.93 -13.26
C ALA A 156 -29.60 1.30 -13.22
N TYR A 157 -30.20 1.36 -12.03
CA TYR A 157 -31.46 2.13 -11.86
C TYR A 157 -31.10 3.55 -11.44
N ASP A 158 -30.29 3.69 -10.39
CA ASP A 158 -29.84 4.99 -9.97
C ASP A 158 -28.58 4.76 -9.20
N THR A 159 -27.99 5.84 -8.71
CA THR A 159 -26.70 5.79 -8.12
C THR A 159 -26.64 4.81 -6.95
N ASP A 160 -27.79 4.35 -6.44
CA ASP A 160 -27.80 3.59 -5.21
C ASP A 160 -28.57 2.30 -5.36
N ARG A 161 -28.78 1.89 -6.61
CA ARG A 161 -29.47 0.63 -6.85
C ARG A 161 -29.20 0.10 -8.22
N ASN A 162 -28.54 -1.05 -8.27
CA ASN A 162 -28.31 -1.70 -9.55
C ASN A 162 -29.27 -2.82 -9.78
N ASN A 163 -29.22 -3.39 -10.97
CA ASN A 163 -30.11 -4.44 -11.40
C ASN A 163 -29.22 -5.53 -11.89
N TYR A 164 -29.59 -6.79 -11.62
CA TYR A 164 -28.75 -7.91 -12.03
C TYR A 164 -29.58 -8.85 -12.95
N TYR A 165 -29.15 -9.12 -14.18
CA TYR A 165 -29.91 -10.08 -14.97
C TYR A 165 -29.22 -11.42 -15.14
N ALA A 166 -30.02 -12.48 -15.16
CA ALA A 166 -29.55 -13.73 -15.70
C ALA A 166 -30.64 -14.27 -16.65
N ARG A 167 -30.25 -14.74 -17.82
CA ARG A 167 -31.13 -15.58 -18.63
C ARG A 167 -32.48 -14.93 -19.00
N GLY A 168 -32.45 -13.59 -19.12
CA GLY A 168 -33.63 -12.79 -19.50
C GLY A 168 -34.32 -12.03 -18.37
N PHE A 169 -33.97 -12.39 -17.12
CA PHE A 169 -34.67 -11.96 -15.93
C PHE A 169 -33.93 -11.09 -14.97
N SER A 170 -34.66 -10.19 -14.30
CA SER A 170 -34.13 -9.57 -13.08
C SER A 170 -34.07 -10.54 -11.92
N ILE A 171 -32.88 -10.71 -11.35
CA ILE A 171 -32.73 -11.47 -10.10
C ILE A 171 -33.29 -10.70 -8.93
N ASN A 172 -34.12 -11.38 -8.15
CA ASN A 172 -34.62 -10.84 -6.89
C ASN A 172 -34.61 -11.85 -5.78
N ASN A 173 -33.80 -12.88 -5.94
CA ASN A 173 -33.63 -13.87 -4.94
C ASN A 173 -32.25 -13.65 -4.38
N PHE A 174 -32.16 -13.42 -3.07
CA PHE A 174 -30.88 -13.38 -2.39
C PHE A 174 -30.96 -14.28 -1.16
N GLN A 175 -29.84 -14.90 -0.77
CA GLN A 175 -29.77 -15.65 0.51
C GLN A 175 -28.55 -15.30 1.28
N TYR A 176 -28.63 -15.51 2.58
CA TYR A 176 -27.43 -15.35 3.40
C TYR A 176 -27.25 -16.63 4.16
N ASP A 177 -26.17 -17.34 3.86
CA ASP A 177 -25.91 -18.66 4.46
C ASP A 177 -27.08 -19.56 4.09
N GLY A 178 -27.59 -19.41 2.87
CA GLY A 178 -28.69 -20.25 2.39
C GLY A 178 -30.02 -20.07 3.07
N ILE A 179 -30.26 -18.89 3.63
CA ILE A 179 -31.56 -18.51 4.15
C ILE A 179 -32.16 -17.43 3.24
N PRO A 180 -33.27 -17.72 2.51
CA PRO A 180 -33.77 -16.72 1.55
C PRO A 180 -34.23 -15.51 2.27
N SER A 181 -34.05 -14.35 1.68
CA SER A 181 -34.58 -13.19 2.27
C SER A 181 -35.93 -12.94 1.60
N THR A 182 -36.70 -11.94 2.03
CA THR A 182 -37.89 -11.58 1.29
C THR A 182 -37.49 -10.46 0.35
N ALA A 183 -37.77 -10.57 -0.94
CA ALA A 183 -37.35 -9.46 -1.81
C ALA A 183 -38.45 -8.86 -2.69
N ARG A 184 -39.70 -9.29 -2.47
CA ARG A 184 -40.90 -8.77 -3.16
C ARG A 184 -40.81 -7.47 -3.97
N ASN A 185 -40.30 -6.41 -3.35
CA ASN A 185 -40.08 -5.12 -3.99
C ASN A 185 -38.97 -4.36 -3.25
N VAL A 186 -38.64 -3.14 -3.69
CA VAL A 186 -37.58 -2.38 -2.97
C VAL A 186 -37.86 -2.03 -1.46
N GLY A 187 -39.12 -2.14 -1.03
CA GLY A 187 -39.45 -1.94 0.37
C GLY A 187 -38.68 -2.91 1.23
N TYR A 188 -38.95 -4.20 1.01
CA TYR A 188 -38.38 -5.30 1.80
C TYR A 188 -36.84 -5.47 1.62
N SER A 189 -36.34 -4.89 0.54
CA SER A 189 -35.12 -5.31 -0.14
C SER A 189 -33.97 -4.33 0.06
N ALA A 190 -34.18 -3.28 0.86
CA ALA A 190 -33.20 -2.22 1.06
C ALA A 190 -31.84 -2.83 1.29
N GLY A 191 -30.84 -2.37 0.52
CA GLY A 191 -29.45 -2.76 0.71
C GLY A 191 -28.97 -4.11 0.16
N ASN A 192 -29.77 -4.79 -0.63
CA ASN A 192 -29.28 -5.98 -1.29
C ASN A 192 -28.29 -5.73 -2.45
N THR A 193 -28.52 -4.69 -3.20
CA THR A 193 -27.65 -4.27 -4.28
C THR A 193 -26.30 -3.84 -3.67
N LEU A 194 -26.20 -3.69 -2.34
CA LEU A 194 -25.02 -2.98 -1.78
C LEU A 194 -24.12 -3.68 -0.76
N SER A 195 -24.41 -4.97 -0.48
CA SER A 195 -23.78 -5.68 0.66
C SER A 195 -22.28 -5.65 0.54
N ASP A 196 -21.58 -5.22 1.57
CA ASP A 196 -20.09 -5.27 1.58
C ASP A 196 -19.47 -6.70 1.59
N MET A 197 -18.31 -6.88 1.00
CA MET A 197 -17.82 -8.24 0.88
C MET A 197 -16.94 -8.59 2.04
N ALA A 198 -16.75 -7.65 2.97
CA ALA A 198 -15.76 -7.92 4.00
C ALA A 198 -16.13 -9.13 4.87
N ILE A 199 -17.41 -9.48 4.93
CA ILE A 199 -17.83 -10.43 5.94
C ILE A 199 -18.07 -11.80 5.31
N TYR A 200 -17.84 -11.90 3.98
CA TYR A 200 -18.21 -13.13 3.28
C TYR A 200 -17.05 -13.95 2.79
N ASP A 201 -17.15 -15.26 2.91
CA ASP A 201 -16.23 -16.10 2.23
C ASP A 201 -16.45 -16.09 0.69
N ARG A 202 -17.64 -15.89 0.18
CA ARG A 202 -17.76 -16.20 -1.23
C ARG A 202 -19.19 -15.92 -1.70
N VAL A 203 -19.43 -15.66 -2.96
CA VAL A 203 -20.84 -15.60 -3.39
C VAL A 203 -21.16 -16.64 -4.42
N GLU A 204 -22.30 -17.29 -4.26
CA GLU A 204 -22.56 -18.42 -5.11
C GLU A 204 -23.91 -18.25 -5.79
N VAL A 205 -23.89 -18.31 -7.12
CA VAL A 205 -25.04 -17.94 -7.91
C VAL A 205 -25.60 -19.12 -8.76
N LEU A 206 -26.79 -19.59 -8.38
CA LEU A 206 -27.44 -20.70 -9.08
C LEU A 206 -28.31 -20.05 -10.15
N LYS A 207 -27.99 -20.28 -11.41
CA LYS A 207 -28.77 -19.71 -12.46
C LYS A 207 -29.75 -20.74 -12.98
N GLY A 208 -30.94 -20.28 -13.35
CA GLY A 208 -31.97 -21.13 -13.86
C GLY A 208 -33.26 -20.75 -13.15
N ALA A 209 -33.98 -21.76 -12.67
CA ALA A 209 -35.17 -21.55 -11.89
C ALA A 209 -34.96 -22.27 -10.55
N THR A 210 -34.92 -21.48 -9.47
CA THR A 210 -34.40 -22.02 -8.25
C THR A 210 -35.37 -22.08 -7.10
N GLY A 211 -36.60 -22.49 -7.41
CA GLY A 211 -37.68 -22.61 -6.44
C GLY A 211 -37.41 -23.66 -5.37
N LEU A 212 -36.61 -24.68 -5.67
CA LEU A 212 -36.42 -25.73 -4.66
C LEU A 212 -35.97 -25.21 -3.27
N LEU A 213 -34.98 -24.31 -3.21
CA LEU A 213 -34.65 -23.72 -1.92
C LEU A 213 -34.95 -22.24 -1.75
N THR A 214 -35.22 -21.51 -2.84
CA THR A 214 -35.64 -20.11 -2.66
C THR A 214 -37.04 -20.13 -2.07
N GLY A 215 -37.82 -21.12 -2.47
CA GLY A 215 -39.28 -20.99 -2.40
C GLY A 215 -39.69 -20.00 -3.49
N ALA A 216 -40.63 -19.12 -3.21
CA ALA A 216 -41.14 -18.16 -4.22
C ALA A 216 -40.10 -17.11 -4.47
N GLY A 217 -39.85 -16.84 -5.75
CA GLY A 217 -38.84 -15.90 -6.18
C GLY A 217 -38.99 -15.61 -7.66
N SER A 218 -38.03 -14.87 -8.23
CA SER A 218 -37.94 -14.61 -9.68
C SER A 218 -37.32 -15.78 -10.46
N LEU A 219 -37.38 -15.71 -11.78
CA LEU A 219 -36.58 -16.59 -12.64
C LEU A 219 -35.17 -16.02 -12.76
N GLY A 220 -34.28 -16.74 -13.43
CA GLY A 220 -32.92 -16.28 -13.60
C GLY A 220 -31.95 -16.99 -12.67
N ALA A 221 -32.18 -16.88 -11.38
CA ALA A 221 -31.04 -17.06 -10.49
C ALA A 221 -31.35 -16.67 -9.05
N THR A 222 -30.66 -17.31 -8.12
CA THR A 222 -30.54 -16.86 -6.72
C THR A 222 -29.11 -16.41 -6.53
N ILE A 223 -28.88 -15.51 -5.61
CA ILE A 223 -27.52 -15.14 -5.28
C ILE A 223 -27.33 -15.50 -3.81
N ASN A 224 -26.48 -16.49 -3.50
CA ASN A 224 -26.37 -16.96 -2.14
C ASN A 224 -25.03 -16.55 -1.55
N LEU A 225 -25.01 -15.85 -0.43
CA LEU A 225 -23.76 -15.27 0.15
C LEU A 225 -23.35 -16.04 1.41
N ILE A 226 -22.12 -16.49 1.49
CA ILE A 226 -21.74 -17.39 2.58
C ILE A 226 -21.00 -16.53 3.56
N ARG A 227 -21.35 -16.53 4.84
CA ARG A 227 -20.67 -15.66 5.80
C ARG A 227 -19.29 -16.24 6.22
N LYS A 228 -18.34 -15.38 6.60
CA LYS A 228 -17.06 -15.86 7.11
C LYS A 228 -17.31 -16.51 8.45
N LYS A 229 -16.65 -17.66 8.70
CA LYS A 229 -16.71 -18.37 9.99
C LYS A 229 -15.46 -18.17 10.89
N PRO A 230 -15.60 -18.40 12.20
CA PRO A 230 -14.40 -18.43 13.02
C PRO A 230 -13.62 -19.74 12.83
N THR A 231 -12.43 -19.79 13.43
CA THR A 231 -11.36 -20.74 13.13
C THR A 231 -10.73 -21.16 14.46
N HIS A 232 -10.17 -22.37 14.51
CA HIS A 232 -9.46 -22.88 15.70
C HIS A 232 -8.09 -22.31 16.00
N GLU A 233 -7.37 -21.86 14.98
CA GLU A 233 -6.09 -21.17 15.15
C GLU A 233 -6.48 -19.73 15.11
N PHE A 234 -5.77 -18.91 15.86
CA PHE A 234 -5.94 -17.47 15.79
C PHE A 234 -5.47 -16.86 14.46
N LYS A 235 -6.10 -15.80 13.97
CA LYS A 235 -5.57 -15.05 12.81
C LYS A 235 -6.37 -13.82 12.37
N GLY A 236 -5.70 -12.86 11.74
CA GLY A 236 -6.41 -11.74 11.14
C GLY A 236 -5.62 -10.81 10.25
N HIS A 237 -6.31 -9.81 9.71
CA HIS A 237 -5.59 -8.80 8.94
C HIS A 237 -6.25 -7.43 9.04
N VAL A 238 -5.51 -6.44 8.57
CA VAL A 238 -6.01 -5.11 8.58
C VAL A 238 -5.67 -4.79 7.18
N GLU A 239 -6.53 -3.96 6.60
CA GLU A 239 -6.39 -3.57 5.23
C GLU A 239 -6.63 -2.08 5.08
N LEU A 240 -5.94 -1.42 4.16
CA LEU A 240 -6.12 0.00 3.95
C LEU A 240 -6.08 0.15 2.46
N GLY A 241 -6.82 1.11 1.92
CA GLY A 241 -6.83 1.25 0.49
C GLY A 241 -7.29 2.60 0.07
N ALA A 242 -6.83 3.05 -1.10
CA ALA A 242 -7.03 4.42 -1.57
C ALA A 242 -7.21 4.50 -3.11
N GLY A 243 -8.33 5.04 -3.59
CA GLY A 243 -8.69 4.99 -5.02
C GLY A 243 -9.29 6.26 -5.61
N SER A 244 -9.35 6.29 -6.92
CA SER A 244 -9.94 7.39 -7.68
C SER A 244 -11.11 8.01 -6.98
N TRP A 245 -11.06 9.34 -6.91
CA TRP A 245 -12.14 10.19 -6.37
C TRP A 245 -12.27 10.06 -4.86
N ASP A 246 -11.13 10.17 -4.17
CA ASP A 246 -11.09 10.15 -2.69
C ASP A 246 -11.96 9.04 -2.11
N ASN A 247 -11.61 7.83 -2.54
CA ASN A 247 -12.28 6.62 -2.21
C ASN A 247 -11.35 5.96 -1.22
N TYR A 248 -11.73 5.91 0.04
CA TYR A 248 -10.81 5.38 1.11
C TYR A 248 -11.50 4.24 1.81
N ARG A 249 -10.80 3.14 2.05
CA ARG A 249 -11.48 1.97 2.65
C ARG A 249 -10.55 1.44 3.70
N SER A 250 -11.08 0.97 4.81
CA SER A 250 -10.24 0.21 5.75
C SER A 250 -11.03 -0.99 6.18
N GLU A 251 -10.37 -2.03 6.62
CA GLU A 251 -11.03 -3.26 7.00
C GLU A 251 -10.20 -4.00 8.04
N LEU A 252 -10.86 -4.64 9.02
CA LEU A 252 -10.18 -5.42 10.03
C LEU A 252 -10.98 -6.69 10.23
N ASP A 253 -10.28 -7.83 10.31
CA ASP A 253 -10.89 -9.19 10.38
C ASP A 253 -10.07 -10.06 11.37
N VAL A 254 -10.71 -10.54 12.44
CA VAL A 254 -10.04 -11.30 13.52
C VAL A 254 -10.84 -12.53 13.90
N SER A 255 -10.13 -13.62 14.04
CA SER A 255 -10.77 -14.89 14.12
C SER A 255 -9.97 -15.78 15.05
N GLY A 256 -10.68 -16.60 15.83
CA GLY A 256 -9.98 -17.63 16.58
C GLY A 256 -10.63 -18.10 17.85
N PRO A 257 -9.88 -18.92 18.63
CA PRO A 257 -10.38 -19.49 19.88
C PRO A 257 -10.35 -18.45 20.95
N LEU A 258 -11.37 -18.53 21.80
CA LEU A 258 -11.64 -17.59 22.87
C LEU A 258 -11.50 -18.26 24.24
N THR A 259 -11.23 -19.57 24.23
CA THR A 259 -10.92 -20.29 25.46
C THR A 259 -9.78 -21.23 25.23
N GLU A 260 -9.02 -21.48 26.28
CA GLU A 260 -7.88 -22.41 26.27
C GLU A 260 -8.08 -23.73 25.48
N SER A 261 -9.27 -24.33 25.55
CA SER A 261 -9.57 -25.59 24.82
C SER A 261 -10.08 -25.38 23.40
N GLY A 262 -10.60 -24.19 23.12
CA GLY A 262 -11.15 -23.90 21.79
C GLY A 262 -12.62 -24.30 21.54
N ASN A 263 -13.34 -24.59 22.63
CA ASN A 263 -14.74 -24.97 22.53
C ASN A 263 -15.63 -23.74 22.32
N VAL A 264 -15.05 -22.57 22.49
CA VAL A 264 -15.69 -21.38 21.98
C VAL A 264 -14.68 -20.63 21.11
N ARG A 265 -15.19 -20.13 19.98
CA ARG A 265 -14.40 -19.56 18.90
C ARG A 265 -15.18 -18.38 18.39
N GLY A 266 -14.50 -17.39 17.83
CA GLY A 266 -15.16 -16.15 17.43
C GLY A 266 -14.57 -15.47 16.20
N ARG A 267 -15.36 -14.73 15.51
CA ARG A 267 -14.77 -13.98 14.49
C ARG A 267 -15.46 -12.65 14.39
N ALA A 268 -14.66 -11.62 14.14
CA ALA A 268 -15.16 -10.26 14.15
C ALA A 268 -14.59 -9.49 12.97
N VAL A 269 -15.44 -8.70 12.36
CA VAL A 269 -14.99 -7.85 11.28
C VAL A 269 -15.72 -6.54 11.23
N ALA A 270 -14.97 -5.51 10.88
CA ALA A 270 -15.44 -4.14 10.83
C ALA A 270 -14.82 -3.69 9.51
N ALA A 271 -15.55 -2.89 8.73
CA ALA A 271 -15.00 -2.30 7.50
C ALA A 271 -15.69 -0.97 7.41
N TYR A 272 -14.98 0.06 6.96
CA TYR A 272 -15.55 1.41 6.83
C TYR A 272 -15.06 1.95 5.47
N GLN A 273 -15.91 2.63 4.71
CA GLN A 273 -15.48 3.16 3.41
C GLN A 273 -16.19 4.45 3.10
N ASP A 274 -15.46 5.50 2.74
CA ASP A 274 -16.05 6.82 2.50
C ASP A 274 -15.54 7.10 1.12
N LYS A 275 -16.39 7.29 0.12
CA LYS A 275 -15.88 7.61 -1.19
C LYS A 275 -16.62 8.73 -1.85
N HIS A 276 -15.92 9.57 -2.63
CA HIS A 276 -16.62 10.44 -3.58
C HIS A 276 -16.70 9.62 -4.82
N SER A 277 -16.74 10.27 -5.99
CA SER A 277 -17.04 9.55 -7.22
C SER A 277 -16.79 10.42 -8.41
N PHE A 278 -16.76 9.80 -9.60
CA PHE A 278 -16.55 10.57 -10.82
C PHE A 278 -17.78 11.41 -11.05
N MET A 279 -18.93 10.98 -10.52
CA MET A 279 -20.17 11.74 -10.73
C MET A 279 -20.04 12.93 -9.85
N ASP A 280 -20.46 14.09 -10.36
CA ASP A 280 -20.34 15.29 -9.55
C ASP A 280 -21.21 15.20 -8.29
N HIS A 281 -20.67 15.71 -7.20
CA HIS A 281 -21.35 15.87 -5.91
C HIS A 281 -22.05 14.64 -5.32
N TYR A 282 -21.61 13.43 -5.67
CA TYR A 282 -22.09 12.21 -5.01
C TYR A 282 -21.05 11.69 -4.00
N GLU A 283 -21.38 11.55 -2.71
CA GLU A 283 -20.51 10.70 -1.89
C GLU A 283 -21.22 9.56 -1.14
N ARG A 284 -20.47 8.57 -0.66
CA ARG A 284 -21.08 7.45 0.07
C ARG A 284 -20.26 6.85 1.20
N LYS A 285 -20.72 6.98 2.45
CA LYS A 285 -20.01 6.39 3.59
C LYS A 285 -20.64 5.03 3.80
N THR A 286 -19.91 3.94 3.62
CA THR A 286 -20.48 2.69 4.12
C THR A 286 -19.78 2.20 5.42
N SER A 287 -20.52 1.59 6.35
CA SER A 287 -19.95 1.01 7.61
C SER A 287 -20.43 -0.36 7.81
N VAL A 288 -19.56 -1.27 8.24
CA VAL A 288 -20.06 -2.62 8.48
C VAL A 288 -19.41 -3.23 9.69
N TYR A 289 -20.21 -3.88 10.52
CA TYR A 289 -19.73 -4.72 11.63
C TYR A 289 -20.29 -6.13 11.54
N TYR A 290 -19.51 -7.06 12.08
CA TYR A 290 -19.86 -8.49 12.06
C TYR A 290 -19.28 -9.24 13.25
N GLY A 291 -20.15 -9.99 13.91
CA GLY A 291 -19.70 -10.74 15.07
C GLY A 291 -20.34 -12.08 15.02
N ILE A 292 -19.53 -13.13 15.17
CA ILE A 292 -20.05 -14.51 15.25
C ILE A 292 -19.27 -15.25 16.33
N LEU A 293 -19.95 -15.99 17.18
CA LEU A 293 -19.33 -16.82 18.20
C LEU A 293 -19.83 -18.24 18.00
N GLU A 294 -18.96 -19.23 18.03
CA GLU A 294 -19.38 -20.63 18.03
C GLU A 294 -19.09 -21.24 19.38
N PHE A 295 -20.06 -22.02 19.87
CA PHE A 295 -19.96 -22.77 21.12
C PHE A 295 -20.22 -24.23 20.85
N ASP A 296 -19.35 -25.09 21.34
CA ASP A 296 -19.58 -26.54 21.30
C ASP A 296 -20.15 -26.99 22.62
N LEU A 297 -21.45 -27.23 22.61
CA LEU A 297 -22.12 -27.84 23.75
C LEU A 297 -21.50 -29.22 24.01
N ASN A 298 -21.07 -29.91 22.96
CA ASN A 298 -20.33 -31.19 23.04
C ASN A 298 -19.78 -31.53 21.66
N PRO A 299 -18.87 -32.52 21.59
CA PRO A 299 -18.27 -32.84 20.28
C PRO A 299 -19.26 -32.97 19.11
N ASP A 300 -20.55 -33.13 19.36
CA ASP A 300 -21.44 -33.29 18.20
C ASP A 300 -22.66 -32.38 18.13
N THR A 301 -22.67 -31.36 18.98
CA THR A 301 -23.70 -30.34 18.91
C THR A 301 -23.05 -28.98 18.98
N MET A 302 -23.32 -28.13 18.00
CA MET A 302 -22.75 -26.79 18.00
C MET A 302 -23.80 -25.65 17.96
N LEU A 303 -23.62 -24.67 18.84
CA LEU A 303 -24.46 -23.47 18.85
C LEU A 303 -23.71 -22.29 18.29
N THR A 304 -24.36 -21.53 17.43
CA THR A 304 -23.73 -20.39 16.78
C THR A 304 -24.65 -19.20 16.95
N VAL A 305 -24.12 -18.08 17.39
CA VAL A 305 -24.93 -16.87 17.42
C VAL A 305 -24.15 -15.75 16.74
N GLY A 306 -24.80 -14.81 16.12
CA GLY A 306 -24.03 -13.81 15.41
C GLY A 306 -24.87 -12.66 14.97
N ALA A 307 -24.24 -11.52 14.75
CA ALA A 307 -24.93 -10.35 14.22
C ALA A 307 -24.13 -9.64 13.13
N ASP A 308 -24.84 -8.96 12.23
CA ASP A 308 -24.14 -8.21 11.22
C ASP A 308 -24.83 -6.92 10.99
N TYR A 309 -24.12 -5.96 10.43
CA TYR A 309 -24.66 -4.60 10.35
C TYR A 309 -24.02 -3.90 9.15
N GLN A 310 -24.81 -3.15 8.38
CA GLN A 310 -24.23 -2.40 7.27
C GLN A 310 -25.08 -1.18 7.04
N ASP A 311 -24.43 -0.05 6.99
CA ASP A 311 -25.19 1.15 6.76
C ASP A 311 -24.57 1.79 5.52
N ASN A 312 -25.45 2.14 4.59
CA ASN A 312 -25.06 2.67 3.33
C ASN A 312 -25.65 4.05 3.34
N ASP A 313 -24.79 5.07 3.26
CA ASP A 313 -25.19 6.48 3.53
C ASP A 313 -24.69 7.52 2.47
N PRO A 314 -25.49 7.78 1.44
CA PRO A 314 -25.02 8.65 0.36
C PRO A 314 -25.57 10.07 0.42
N LYS A 315 -24.99 10.98 -0.36
CA LYS A 315 -25.40 12.37 -0.57
C LYS A 315 -25.40 12.54 -2.08
N GLY A 316 -26.37 13.23 -2.63
CA GLY A 316 -26.40 13.41 -4.07
C GLY A 316 -26.92 12.18 -4.80
N SER A 317 -27.67 11.35 -4.09
CA SER A 317 -28.39 10.25 -4.71
C SER A 317 -29.29 10.83 -5.76
N GLY A 318 -29.59 10.00 -6.76
CA GLY A 318 -30.64 10.32 -7.66
C GLY A 318 -31.70 9.27 -7.56
N TRP A 319 -32.78 9.51 -8.26
CA TRP A 319 -34.01 8.75 -8.17
C TRP A 319 -33.82 7.74 -9.25
N SER A 320 -33.75 8.25 -10.48
CA SER A 320 -33.76 7.44 -11.70
C SER A 320 -32.70 7.91 -12.73
N GLY A 321 -31.57 7.24 -12.84
CA GLY A 321 -30.59 7.64 -13.83
C GLY A 321 -29.80 8.87 -13.48
N SER A 322 -28.77 9.15 -14.26
CA SER A 322 -27.95 10.32 -14.01
C SER A 322 -28.41 11.62 -14.69
N PHE A 323 -29.09 11.50 -15.82
CA PHE A 323 -29.58 12.66 -16.51
C PHE A 323 -30.72 12.23 -17.40
N PRO A 324 -31.52 13.21 -17.91
CA PRO A 324 -32.61 12.86 -18.82
C PRO A 324 -32.14 12.81 -20.25
N LEU A 325 -32.54 11.74 -20.94
CA LEU A 325 -32.36 11.62 -22.38
C LEU A 325 -32.74 12.87 -23.19
N PHE A 326 -34.00 13.26 -23.23
CA PHE A 326 -34.32 14.35 -24.13
C PHE A 326 -34.40 15.65 -23.37
N ASP A 327 -34.23 16.76 -24.09
CA ASP A 327 -34.41 18.07 -23.51
C ASP A 327 -35.85 18.51 -23.72
N SER A 328 -36.15 19.76 -23.33
CA SER A 328 -37.53 20.26 -23.44
C SER A 328 -37.99 20.17 -24.87
N GLN A 329 -37.13 20.52 -25.81
CA GLN A 329 -37.58 20.41 -27.21
C GLN A 329 -37.36 19.06 -27.88
N GLY A 330 -36.89 18.09 -27.09
CA GLY A 330 -36.89 16.70 -27.54
C GLY A 330 -35.67 16.18 -28.28
N ASN A 331 -34.58 16.97 -28.36
CA ASN A 331 -33.24 16.53 -28.83
C ASN A 331 -32.59 15.67 -27.77
N ARG A 332 -31.79 14.69 -28.16
CA ARG A 332 -30.98 13.94 -27.17
C ARG A 332 -30.03 14.89 -26.43
N ASN A 333 -29.83 14.65 -25.15
CA ASN A 333 -28.91 15.47 -24.36
C ASN A 333 -27.49 14.97 -24.44
N ASP A 334 -26.53 15.88 -24.45
CA ASP A 334 -25.16 15.49 -24.33
C ASP A 334 -24.51 16.10 -23.07
N VAL A 335 -24.06 15.27 -22.14
CA VAL A 335 -23.44 15.79 -20.93
C VAL A 335 -22.23 15.02 -20.54
N SER A 336 -21.27 15.67 -19.89
CA SER A 336 -20.16 14.95 -19.24
C SER A 336 -20.59 13.72 -18.48
N ARG A 337 -19.66 12.75 -18.42
CA ARG A 337 -19.78 11.66 -17.46
C ARG A 337 -19.91 12.13 -15.99
N SER A 338 -19.36 13.28 -15.63
CA SER A 338 -19.63 13.79 -14.28
C SER A 338 -21.06 14.28 -14.01
N PHE A 339 -21.84 14.58 -15.02
CA PHE A 339 -23.21 15.00 -14.73
C PHE A 339 -23.99 14.14 -13.72
N ASN A 340 -24.58 14.78 -12.72
CA ASN A 340 -25.32 14.09 -11.66
C ASN A 340 -26.57 14.86 -11.34
N ASN A 341 -27.70 14.27 -11.68
CA ASN A 341 -28.91 15.05 -11.53
C ASN A 341 -29.42 15.10 -10.09
N GLY A 342 -29.03 14.16 -9.22
CA GLY A 342 -29.46 14.29 -7.81
C GLY A 342 -29.09 15.65 -7.21
N ALA A 343 -29.86 16.11 -6.24
CA ALA A 343 -29.48 17.28 -5.44
C ALA A 343 -28.46 16.98 -4.35
N LYS A 344 -27.73 18.02 -3.91
CA LYS A 344 -26.71 17.88 -2.87
C LYS A 344 -27.16 17.06 -1.66
N TRP A 345 -28.27 17.44 -1.03
CA TRP A 345 -28.89 16.76 0.14
C TRP A 345 -29.62 15.48 -0.24
N SER A 346 -29.62 15.09 -1.50
CA SER A 346 -30.45 13.98 -1.90
C SER A 346 -29.83 12.67 -1.49
N SER A 347 -30.61 11.80 -0.86
CA SER A 347 -29.97 10.63 -0.30
C SER A 347 -30.84 9.41 -0.29
N TRP A 348 -30.36 8.26 -0.71
CA TRP A 348 -31.11 7.07 -0.49
C TRP A 348 -30.28 6.22 0.50
N GLU A 349 -30.22 6.61 1.78
CA GLU A 349 -29.50 5.77 2.74
C GLU A 349 -30.28 4.50 2.98
N GLN A 350 -29.58 3.35 3.01
CA GLN A 350 -30.24 2.07 3.15
C GLN A 350 -29.44 1.32 4.15
N TYR A 351 -30.11 0.67 5.11
CA TYR A 351 -29.37 -0.08 6.15
C TYR A 351 -29.86 -1.53 6.31
N THR A 352 -29.01 -2.42 6.82
CA THR A 352 -29.38 -3.82 6.99
C THR A 352 -28.75 -4.31 8.26
N ARG A 353 -29.37 -5.27 8.89
CA ARG A 353 -28.75 -5.90 10.07
C ARG A 353 -29.41 -7.22 10.45
N THR A 354 -28.66 -8.12 11.04
CA THR A 354 -29.20 -9.45 11.29
C THR A 354 -28.80 -9.93 12.65
N VAL A 355 -29.70 -10.61 13.34
CA VAL A 355 -29.24 -11.34 14.46
C VAL A 355 -29.64 -12.73 14.12
N PHE A 356 -28.75 -13.69 14.35
CA PHE A 356 -29.11 -15.06 14.02
C PHE A 356 -28.52 -16.04 15.00
N ALA A 357 -29.23 -17.15 15.22
CA ALA A 357 -28.70 -18.28 15.97
C ALA A 357 -28.87 -19.53 15.16
N ASN A 358 -27.93 -20.47 15.23
CA ASN A 358 -28.22 -21.82 14.67
C ASN A 358 -27.82 -22.89 15.64
N LEU A 359 -28.31 -24.10 15.42
CA LEU A 359 -27.90 -25.23 16.22
C LEU A 359 -27.70 -26.37 15.26
N GLU A 360 -26.60 -27.09 15.40
CA GLU A 360 -26.34 -28.16 14.49
C GLU A 360 -25.92 -29.40 15.22
N HIS A 361 -26.58 -30.50 14.94
CA HIS A 361 -26.34 -31.71 15.67
C HIS A 361 -26.00 -32.87 14.72
N ASN A 362 -24.99 -33.64 15.09
CA ASN A 362 -24.64 -34.87 14.38
C ASN A 362 -25.36 -36.02 15.03
N PHE A 363 -26.20 -36.71 14.29
CA PHE A 363 -26.81 -37.92 14.81
C PHE A 363 -25.84 -38.99 14.54
N ALA A 364 -25.63 -39.82 15.57
CA ALA A 364 -24.60 -40.86 15.52
C ALA A 364 -24.83 -41.76 14.29
N ASN A 365 -26.09 -41.86 13.84
CA ASN A 365 -26.45 -42.20 12.44
C ASN A 365 -25.45 -41.87 11.32
N GLY A 366 -24.85 -40.67 11.34
CA GLY A 366 -24.35 -40.04 10.08
C GLY A 366 -25.31 -38.96 9.58
N TRP A 367 -26.49 -38.91 10.17
CA TRP A 367 -27.40 -37.85 9.89
C TRP A 367 -27.02 -36.58 10.63
N VAL A 368 -27.44 -35.43 10.13
CA VAL A 368 -27.08 -34.20 10.84
C VAL A 368 -28.26 -33.31 10.74
N GLY A 369 -28.60 -32.67 11.85
CA GLY A 369 -29.75 -31.77 11.93
C GLY A 369 -29.38 -30.31 12.13
N LYS A 370 -30.18 -29.42 11.57
CA LYS A 370 -29.80 -28.02 11.68
C LYS A 370 -30.96 -27.07 11.81
N VAL A 371 -30.98 -26.27 12.87
CA VAL A 371 -32.07 -25.32 13.11
C VAL A 371 -31.48 -23.96 12.88
N GLN A 372 -32.13 -23.13 12.04
CA GLN A 372 -31.68 -21.73 11.79
C GLN A 372 -32.74 -20.68 12.08
N LEU A 373 -32.36 -19.73 12.93
CA LEU A 373 -33.22 -18.64 13.42
C LEU A 373 -32.68 -17.29 13.08
N ASP A 374 -33.52 -16.45 12.48
CA ASP A 374 -33.09 -15.16 11.98
C ASP A 374 -33.94 -13.97 12.30
N HIS A 375 -33.30 -12.88 12.66
CA HIS A 375 -33.99 -11.63 12.76
C HIS A 375 -33.23 -10.74 11.83
N LYS A 376 -33.88 -10.23 10.80
CA LYS A 376 -33.22 -9.29 9.91
C LYS A 376 -33.99 -8.00 9.78
N ILE A 377 -33.25 -6.91 9.67
CA ILE A 377 -33.84 -5.61 9.42
C ILE A 377 -33.31 -4.98 8.14
N ASN A 378 -34.20 -4.45 7.29
CA ASN A 378 -33.85 -3.81 6.01
C ASN A 378 -34.47 -2.43 6.05
N GLY A 379 -33.70 -1.37 6.24
CA GLY A 379 -34.34 -0.08 6.46
C GLY A 379 -33.80 0.91 5.48
N TYR A 380 -34.56 1.98 5.22
CA TYR A 380 -34.15 3.06 4.35
C TYR A 380 -34.69 4.40 4.82
N HIS A 381 -34.02 5.47 4.36
CA HIS A 381 -34.31 6.84 4.74
C HIS A 381 -33.95 7.60 3.50
N ALA A 382 -34.95 7.92 2.69
CA ALA A 382 -34.73 8.33 1.28
C ALA A 382 -35.35 9.68 0.96
N PRO A 383 -34.73 10.76 1.43
CA PRO A 383 -35.06 12.08 0.94
C PRO A 383 -34.46 12.38 -0.44
N LEU A 384 -35.12 11.96 -1.49
CA LEU A 384 -34.55 12.06 -2.81
C LEU A 384 -34.95 13.37 -3.47
N GLY A 385 -34.02 14.01 -4.20
CA GLY A 385 -34.32 15.19 -5.00
C GLY A 385 -33.46 15.23 -6.24
N ALA A 386 -34.07 15.16 -7.41
CA ALA A 386 -33.32 15.00 -8.64
C ALA A 386 -33.95 15.84 -9.71
N ILE A 387 -33.19 16.30 -10.71
CA ILE A 387 -33.78 16.89 -11.94
C ILE A 387 -34.42 15.74 -12.69
N MET A 388 -35.64 15.92 -13.15
CA MET A 388 -36.38 14.89 -13.84
C MET A 388 -37.40 15.55 -14.78
N GLY A 389 -37.68 14.90 -15.90
CA GLY A 389 -38.46 15.53 -16.92
C GLY A 389 -37.67 15.84 -18.18
N ASP A 390 -38.37 16.41 -19.14
CA ASP A 390 -37.77 16.79 -20.43
C ASP A 390 -37.10 18.15 -20.22
N TRP A 391 -35.86 18.09 -19.75
CA TRP A 391 -35.08 19.29 -19.44
C TRP A 391 -33.72 19.16 -20.05
N PRO A 392 -32.95 20.26 -20.15
CA PRO A 392 -33.26 21.65 -19.90
C PRO A 392 -34.27 22.18 -20.89
N ALA A 393 -34.66 23.43 -20.68
CA ALA A 393 -35.57 24.14 -21.55
C ALA A 393 -34.67 25.07 -22.34
N PRO A 394 -35.22 25.77 -23.36
CA PRO A 394 -34.30 26.55 -24.19
C PRO A 394 -33.54 27.62 -23.37
N ASP A 395 -34.13 28.07 -22.28
CA ASP A 395 -33.45 29.05 -21.45
C ASP A 395 -32.52 28.41 -20.41
N ASN A 396 -32.25 27.12 -20.58
CA ASN A 396 -31.35 26.40 -19.66
C ASN A 396 -31.87 26.13 -18.19
N SER A 397 -33.15 26.28 -17.95
CA SER A 397 -33.67 26.02 -16.62
C SER A 397 -34.23 24.60 -16.60
N ALA A 398 -34.47 24.09 -15.40
CA ALA A 398 -34.91 22.70 -15.28
C ALA A 398 -35.77 22.52 -14.02
N LYS A 399 -36.46 21.38 -13.95
CA LYS A 399 -37.33 21.12 -12.82
C LYS A 399 -37.01 19.82 -12.05
N ILE A 400 -37.09 19.95 -10.73
CA ILE A 400 -36.76 18.88 -9.76
C ILE A 400 -38.03 18.19 -9.33
N VAL A 401 -37.98 16.86 -9.30
CA VAL A 401 -38.92 16.11 -8.49
C VAL A 401 -38.20 15.78 -7.20
N ALA A 402 -38.91 15.91 -6.08
CA ALA A 402 -38.43 15.58 -4.76
C ALA A 402 -39.53 14.84 -3.95
N GLN A 403 -39.23 13.63 -3.47
CA GLN A 403 -40.17 12.85 -2.64
C GLN A 403 -39.32 12.28 -1.53
N LYS A 404 -39.94 11.82 -0.45
CA LYS A 404 -39.23 11.30 0.72
C LYS A 404 -39.89 10.02 1.09
N TYR A 405 -39.11 8.95 1.22
CA TYR A 405 -39.65 7.65 1.63
C TYR A 405 -38.77 7.18 2.76
N THR A 406 -39.32 7.05 3.98
CA THR A 406 -38.56 6.42 5.05
C THR A 406 -39.26 5.10 5.27
N GLY A 407 -38.60 4.07 5.83
CA GLY A 407 -39.34 2.86 6.13
C GLY A 407 -38.47 1.81 6.74
N GLU A 408 -39.04 0.75 7.28
CA GLU A 408 -38.26 -0.35 7.83
C GLU A 408 -38.95 -1.68 7.56
N THR A 409 -38.20 -2.74 7.40
CA THR A 409 -38.82 -4.06 7.28
C THR A 409 -38.12 -5.01 8.24
N LYS A 410 -38.89 -5.63 9.14
CA LYS A 410 -38.36 -6.68 10.05
C LYS A 410 -38.77 -8.06 9.56
N SER A 411 -37.82 -8.99 9.40
CA SER A 411 -38.16 -10.35 9.09
C SER A 411 -37.74 -11.27 10.20
N ASN A 412 -38.54 -12.28 10.45
CA ASN A 412 -38.06 -13.42 11.23
C ASN A 412 -38.17 -14.73 10.46
N SER A 413 -37.14 -15.57 10.52
CA SER A 413 -37.18 -16.87 9.83
C SER A 413 -36.83 -18.02 10.74
N LEU A 414 -37.52 -19.13 10.53
CA LEU A 414 -37.18 -20.38 11.17
C LEU A 414 -36.94 -21.34 10.03
N ASP A 415 -35.80 -22.02 10.07
CA ASP A 415 -35.52 -23.02 9.05
C ASP A 415 -35.02 -24.26 9.73
N ILE A 416 -35.64 -25.40 9.49
CA ILE A 416 -35.06 -26.63 10.06
C ILE A 416 -35.01 -27.78 9.02
N TYR A 417 -33.87 -28.48 8.97
CA TYR A 417 -33.66 -29.56 7.97
C TYR A 417 -32.83 -30.77 8.45
N LEU A 418 -33.04 -31.90 7.80
CA LEU A 418 -32.38 -33.15 8.17
C LEU A 418 -31.76 -33.77 6.97
N THR A 419 -30.53 -34.21 7.14
CA THR A 419 -29.73 -34.71 6.03
C THR A 419 -28.97 -36.00 6.41
N GLY A 420 -29.09 -37.00 5.56
CA GLY A 420 -28.42 -38.25 5.84
C GLY A 420 -28.49 -39.11 4.63
N PRO A 421 -27.73 -40.20 4.65
CA PRO A 421 -27.65 -41.31 3.72
C PRO A 421 -28.52 -42.50 4.10
N PHE A 422 -28.79 -43.35 3.11
CA PHE A 422 -29.63 -44.49 3.31
C PHE A 422 -29.44 -45.54 2.19
N GLN A 423 -29.44 -46.82 2.57
CA GLN A 423 -29.36 -47.91 1.63
C GLN A 423 -30.69 -48.06 0.98
N PHE A 424 -30.72 -48.33 -0.32
CA PHE A 424 -31.95 -48.90 -0.84
C PHE A 424 -31.70 -50.32 -1.40
N LEU A 425 -31.41 -50.38 -2.69
CA LEU A 425 -31.37 -51.69 -3.34
C LEU A 425 -29.93 -52.15 -3.40
N GLY A 426 -29.29 -52.25 -2.24
CA GLY A 426 -27.85 -52.53 -2.19
C GLY A 426 -26.96 -51.30 -2.38
N ARG A 427 -27.50 -50.16 -2.75
CA ARG A 427 -26.65 -48.99 -2.90
C ARG A 427 -26.99 -47.80 -1.98
N GLU A 428 -26.06 -46.86 -1.86
CA GLU A 428 -26.14 -45.75 -0.92
C GLU A 428 -26.60 -44.43 -1.53
N HIS A 429 -27.63 -43.86 -0.90
CA HIS A 429 -28.28 -42.65 -1.36
C HIS A 429 -28.35 -41.71 -0.20
N GLU A 430 -28.90 -40.53 -0.45
CA GLU A 430 -28.99 -39.52 0.57
C GLU A 430 -30.25 -38.67 0.39
N LEU A 431 -30.54 -37.82 1.38
CA LEU A 431 -31.83 -37.20 1.52
C LEU A 431 -31.73 -35.93 2.33
N VAL A 432 -32.49 -34.92 1.93
CA VAL A 432 -32.70 -33.76 2.76
C VAL A 432 -34.20 -33.69 2.85
N VAL A 433 -34.68 -33.47 4.07
CA VAL A 433 -36.05 -33.13 4.31
C VAL A 433 -36.00 -31.91 5.22
N GLY A 434 -36.74 -30.85 4.90
CA GLY A 434 -36.62 -29.65 5.69
C GLY A 434 -37.93 -28.92 5.66
N THR A 435 -38.07 -27.91 6.51
CA THR A 435 -39.29 -27.11 6.51
C THR A 435 -38.89 -25.72 6.84
N SER A 436 -39.61 -24.72 6.37
CA SER A 436 -39.24 -23.32 6.70
C SER A 436 -40.40 -22.35 6.93
N ALA A 437 -40.13 -21.23 7.61
CA ALA A 437 -41.15 -20.23 7.94
C ALA A 437 -40.56 -18.82 7.98
N SER A 438 -41.12 -17.91 7.21
CA SER A 438 -40.66 -16.55 7.31
C SER A 438 -41.82 -15.58 7.45
N PHE A 439 -41.67 -14.61 8.35
CA PHE A 439 -42.68 -13.58 8.53
C PHE A 439 -41.93 -12.32 8.38
N SER A 440 -42.31 -11.49 7.44
CA SER A 440 -41.65 -10.20 7.32
C SER A 440 -42.66 -9.10 7.14
N HIS A 441 -42.37 -7.99 7.80
CA HIS A 441 -43.32 -6.92 7.99
C HIS A 441 -42.71 -5.58 7.60
N TRP A 442 -43.20 -4.99 6.51
CA TRP A 442 -42.73 -3.70 6.02
C TRP A 442 -43.59 -2.58 6.53
N GLU A 443 -43.00 -1.51 7.01
CA GLU A 443 -43.77 -0.33 7.51
C GLU A 443 -43.08 0.90 7.02
N GLY A 444 -43.82 1.92 6.62
CA GLY A 444 -43.15 3.08 6.07
C GLY A 444 -44.03 4.27 5.88
N LYS A 445 -43.39 5.41 5.63
CA LYS A 445 -44.04 6.70 5.46
C LYS A 445 -43.53 7.27 4.16
N SER A 446 -44.43 7.79 3.35
CA SER A 446 -43.98 8.44 2.14
C SER A 446 -44.40 9.90 2.27
N TYR A 447 -43.66 10.80 1.66
CA TYR A 447 -43.99 12.20 1.65
C TYR A 447 -43.97 12.64 0.22
N TRP A 448 -45.10 13.14 -0.30
CA TRP A 448 -45.05 13.76 -1.61
C TRP A 448 -45.72 15.09 -1.67
N ASN A 449 -46.45 15.49 -0.62
CA ASN A 449 -47.17 16.76 -0.64
C ASN A 449 -46.32 17.93 -0.14
N LEU A 450 -45.45 18.44 -1.01
CA LEU A 450 -44.46 19.40 -0.55
C LEU A 450 -45.10 20.75 -0.38
N ARG A 451 -44.74 21.44 0.69
CA ARG A 451 -45.37 22.71 1.05
C ARG A 451 -44.49 23.85 0.62
N ASN A 452 -44.95 24.60 -0.37
CA ASN A 452 -44.38 25.90 -0.71
C ASN A 452 -42.94 25.82 -1.24
N TYR A 453 -42.71 24.76 -2.00
CA TYR A 453 -41.41 24.52 -2.59
C TYR A 453 -41.40 25.07 -3.99
N ASP A 454 -40.28 25.70 -4.35
CA ASP A 454 -40.08 26.17 -5.71
C ASP A 454 -39.01 25.29 -6.32
N ASN A 455 -39.50 24.33 -7.09
CA ASN A 455 -38.64 23.32 -7.68
C ASN A 455 -37.93 23.68 -9.00
N THR A 456 -37.96 24.93 -9.43
CA THR A 456 -37.14 25.25 -10.61
C THR A 456 -35.67 25.58 -10.29
N THR A 457 -34.78 25.23 -11.20
CA THR A 457 -33.39 25.63 -11.15
C THR A 457 -33.01 26.38 -12.44
N ASP A 458 -32.23 27.44 -12.30
CA ASP A 458 -31.91 28.37 -13.43
C ASP A 458 -30.88 27.81 -14.44
N ASP A 459 -29.83 27.16 -13.93
CA ASP A 459 -28.76 26.56 -14.75
C ASP A 459 -28.70 25.05 -14.86
N PHE A 460 -29.11 24.46 -15.97
CA PHE A 460 -28.95 23.03 -16.17
C PHE A 460 -27.51 22.61 -16.52
N ILE A 461 -26.91 23.26 -17.52
CA ILE A 461 -25.60 22.84 -18.01
C ILE A 461 -24.56 22.83 -16.87
N ASN A 462 -24.76 23.67 -15.88
CA ASN A 462 -23.83 23.73 -14.78
C ASN A 462 -24.43 23.21 -13.50
N TRP A 463 -25.51 22.45 -13.65
CA TRP A 463 -26.14 21.81 -12.52
C TRP A 463 -25.06 21.26 -11.64
N ASP A 464 -25.19 21.57 -10.37
CA ASP A 464 -24.21 21.36 -9.35
C ASP A 464 -24.85 20.58 -8.15
N GLY A 465 -26.18 20.36 -8.25
CA GLY A 465 -27.03 19.91 -7.13
C GLY A 465 -27.41 21.00 -6.11
N ASP A 466 -26.99 22.25 -6.35
CA ASP A 466 -27.12 23.33 -5.41
C ASP A 466 -28.50 23.94 -5.50
N ILE A 467 -29.45 23.20 -4.96
CA ILE A 467 -30.84 23.62 -4.86
C ILE A 467 -31.23 23.46 -3.40
N GLY A 468 -32.25 24.21 -3.00
CA GLY A 468 -32.77 24.09 -1.64
C GLY A 468 -33.56 22.81 -1.39
N LYS A 469 -33.87 22.56 -0.10
CA LYS A 469 -34.52 21.34 0.41
C LYS A 469 -35.95 21.62 0.84
N PRO A 470 -36.92 20.82 0.37
CA PRO A 470 -38.27 21.33 0.44
C PRO A 470 -38.86 21.08 1.85
N ASP A 471 -40.12 21.41 2.06
CA ASP A 471 -40.75 21.13 3.31
C ASP A 471 -41.65 19.92 3.00
N TRP A 472 -41.36 18.79 3.66
CA TRP A 472 -41.90 17.50 3.20
C TRP A 472 -43.35 17.46 3.52
N GLY A 473 -43.78 18.40 4.36
CA GLY A 473 -45.17 18.48 4.75
C GLY A 473 -45.43 17.23 5.54
N THR A 474 -46.65 16.69 5.50
CA THR A 474 -46.93 15.57 6.40
C THR A 474 -47.08 14.23 5.68
N PRO A 475 -47.01 13.13 6.42
CA PRO A 475 -46.94 11.92 5.63
C PRO A 475 -48.12 11.85 4.66
N SER A 476 -47.84 11.53 3.41
CA SER A 476 -48.88 11.21 2.44
C SER A 476 -49.48 9.79 2.55
N GLN A 477 -48.81 8.87 3.23
CA GLN A 477 -49.17 7.45 3.19
C GLN A 477 -48.47 6.67 4.28
N TYR A 478 -49.18 5.72 4.89
CA TYR A 478 -48.47 4.69 5.66
C TYR A 478 -48.51 3.36 4.94
N ILE A 479 -47.36 2.72 4.88
CA ILE A 479 -47.21 1.40 4.32
C ILE A 479 -47.37 0.40 5.45
N ASP A 480 -48.03 -0.71 5.16
CA ASP A 480 -48.10 -1.86 6.08
C ASP A 480 -48.35 -3.10 5.21
N ASP A 481 -47.26 -3.87 5.03
CA ASP A 481 -47.27 -5.05 4.21
C ASP A 481 -46.70 -6.12 5.10
N LYS A 482 -47.36 -7.26 5.14
CA LYS A 482 -46.84 -8.43 5.82
C LYS A 482 -46.78 -9.58 4.83
N THR A 483 -45.65 -10.27 4.74
CA THR A 483 -45.57 -11.44 3.88
C THR A 483 -45.31 -12.67 4.76
N ARG A 484 -45.91 -13.80 4.42
CA ARG A 484 -45.69 -14.93 5.23
C ARG A 484 -45.48 -16.13 4.32
N GLN A 485 -44.34 -16.78 4.43
CA GLN A 485 -44.02 -17.87 3.54
C GLN A 485 -43.76 -19.08 4.39
N LEU A 486 -44.38 -20.21 4.03
CA LEU A 486 -44.09 -21.47 4.70
C LEU A 486 -43.67 -22.47 3.66
N GLY A 487 -42.54 -23.13 3.84
CA GLY A 487 -42.21 -24.17 2.88
C GLY A 487 -41.84 -25.44 3.57
N SER A 488 -42.08 -26.56 2.88
CA SER A 488 -41.46 -27.88 3.22
C SER A 488 -40.87 -28.48 1.95
N TYR A 489 -39.76 -29.19 2.10
CA TYR A 489 -39.05 -29.66 0.92
C TYR A 489 -38.35 -30.98 1.15
N MET A 490 -38.11 -31.69 0.06
CA MET A 490 -37.48 -33.00 0.11
C MET A 490 -36.71 -33.17 -1.18
N THR A 491 -35.43 -33.50 -1.07
CA THR A 491 -34.69 -33.98 -2.23
C THR A 491 -34.04 -35.31 -1.88
N ALA A 492 -34.12 -36.25 -2.82
CA ALA A 492 -33.45 -37.54 -2.64
C ALA A 492 -32.40 -37.61 -3.71
N ARG A 493 -31.22 -38.11 -3.37
CA ARG A 493 -30.22 -38.31 -4.40
C ARG A 493 -29.88 -39.79 -4.53
N PHE A 494 -30.28 -40.39 -5.65
CA PHE A 494 -30.17 -41.83 -5.79
C PHE A 494 -28.97 -42.17 -6.63
N ASN A 495 -28.10 -42.99 -6.06
CA ASN A 495 -26.97 -43.52 -6.78
C ASN A 495 -27.39 -44.81 -7.51
N VAL A 496 -28.04 -44.64 -8.66
CA VAL A 496 -28.65 -45.75 -9.35
C VAL A 496 -27.58 -46.79 -9.78
N THR A 497 -26.69 -46.44 -10.71
CA THR A 497 -25.52 -47.28 -11.02
C THR A 497 -24.24 -46.54 -10.61
N ASP A 498 -23.07 -47.03 -11.01
CA ASP A 498 -21.83 -46.31 -10.74
C ASP A 498 -21.70 -45.07 -11.62
N ASP A 499 -22.53 -44.92 -12.66
CA ASP A 499 -22.42 -43.68 -13.44
C ASP A 499 -23.67 -42.83 -13.41
N LEU A 500 -24.76 -43.30 -12.82
CA LEU A 500 -25.97 -42.46 -12.90
C LEU A 500 -26.47 -41.96 -11.55
N ASN A 501 -26.63 -40.64 -11.40
CA ASN A 501 -27.32 -40.12 -10.22
C ASN A 501 -28.60 -39.38 -10.49
N LEU A 502 -29.64 -39.77 -9.76
CA LEU A 502 -30.97 -39.27 -10.02
C LEU A 502 -31.43 -38.42 -8.86
N PHE A 503 -31.97 -37.25 -9.20
CA PHE A 503 -32.41 -36.30 -8.22
C PHE A 503 -33.90 -36.21 -8.30
N LEU A 504 -34.55 -36.43 -7.18
CA LEU A 504 -36.02 -36.35 -7.14
C LEU A 504 -36.40 -35.59 -5.91
N GLY A 505 -37.06 -34.44 -6.11
CA GLY A 505 -37.64 -33.76 -4.98
C GLY A 505 -38.55 -32.63 -5.36
N GLY A 506 -38.95 -31.87 -4.35
CA GLY A 506 -39.64 -30.64 -4.54
C GLY A 506 -40.02 -30.04 -3.20
N ARG A 507 -40.77 -28.95 -3.28
CA ARG A 507 -41.06 -28.10 -2.17
C ARG A 507 -42.53 -27.80 -2.27
N VAL A 508 -43.27 -28.03 -1.19
CA VAL A 508 -44.63 -27.47 -1.10
C VAL A 508 -44.58 -26.10 -0.35
N VAL A 509 -45.40 -25.14 -0.80
CA VAL A 509 -45.18 -23.71 -0.48
C VAL A 509 -46.46 -22.99 -0.18
N ASP A 510 -46.46 -22.17 0.86
CA ASP A 510 -47.66 -21.44 1.21
C ASP A 510 -47.30 -19.95 1.39
N TYR A 511 -47.96 -19.08 0.65
CA TYR A 511 -47.55 -17.68 0.55
C TYR A 511 -48.74 -16.75 0.78
N ARG A 512 -48.65 -15.90 1.80
CA ARG A 512 -49.76 -15.01 2.11
C ARG A 512 -49.21 -13.62 2.21
N VAL A 513 -49.79 -12.69 1.45
CA VAL A 513 -49.40 -11.30 1.62
C VAL A 513 -50.55 -10.41 1.95
N THR A 514 -50.33 -9.69 3.04
CA THR A 514 -51.36 -9.14 3.91
C THR A 514 -51.10 -7.69 4.21
N GLY A 515 -52.10 -6.93 4.60
CA GLY A 515 -51.89 -5.50 4.80
C GLY A 515 -52.82 -4.56 4.05
N LEU A 516 -52.29 -3.49 3.48
CA LEU A 516 -53.15 -2.48 2.83
C LEU A 516 -53.74 -2.88 1.44
N ASN A 517 -53.27 -3.98 0.84
CA ASN A 517 -53.92 -4.48 -0.40
C ASN A 517 -54.79 -5.72 -0.13
N PRO A 518 -55.68 -6.10 -1.09
CA PRO A 518 -56.44 -7.33 -0.78
C PRO A 518 -55.48 -8.50 -0.64
N THR A 519 -55.69 -9.29 0.39
CA THR A 519 -54.90 -10.47 0.73
C THR A 519 -54.41 -11.28 -0.51
N ILE A 520 -53.13 -11.57 -0.61
CA ILE A 520 -52.70 -12.40 -1.72
C ILE A 520 -52.35 -13.76 -1.18
N ARG A 521 -53.00 -14.79 -1.69
CA ARG A 521 -52.84 -16.11 -1.13
C ARG A 521 -52.59 -17.10 -2.22
N GLU A 522 -51.69 -18.05 -1.88
CA GLU A 522 -51.39 -19.24 -2.61
C GLU A 522 -51.12 -20.31 -1.55
N SER A 523 -51.88 -21.40 -1.58
CA SER A 523 -51.80 -22.51 -0.63
C SER A 523 -51.32 -23.75 -1.34
N GLY A 524 -50.59 -24.62 -0.62
CA GLY A 524 -50.18 -25.92 -1.17
C GLY A 524 -49.66 -26.01 -2.61
N ARG A 525 -49.03 -24.94 -3.12
CA ARG A 525 -48.32 -24.97 -4.40
C ARG A 525 -47.03 -25.81 -4.40
N PHE A 526 -46.91 -26.70 -5.40
CA PHE A 526 -45.84 -27.69 -5.46
C PHE A 526 -44.76 -27.32 -6.47
N ILE A 527 -43.51 -27.32 -6.05
CA ILE A 527 -42.45 -26.98 -6.97
C ILE A 527 -41.66 -28.23 -7.19
N PRO A 528 -41.74 -28.83 -8.39
CA PRO A 528 -41.02 -30.08 -8.69
C PRO A 528 -39.52 -29.90 -8.87
N TYR A 529 -38.77 -30.97 -8.70
CA TYR A 529 -37.35 -30.95 -8.98
C TYR A 529 -36.91 -32.31 -9.50
N VAL A 530 -36.40 -32.30 -10.73
CA VAL A 530 -35.94 -33.52 -11.39
C VAL A 530 -34.56 -33.26 -12.02
N GLY A 531 -33.56 -34.03 -11.58
CA GLY A 531 -32.25 -33.89 -12.20
C GLY A 531 -31.61 -35.24 -12.39
N ALA A 532 -30.68 -35.33 -13.34
CA ALA A 532 -29.89 -36.55 -13.50
C ALA A 532 -28.47 -36.26 -13.96
N VAL A 533 -27.52 -37.01 -13.41
CA VAL A 533 -26.09 -36.89 -13.78
C VAL A 533 -25.47 -38.23 -14.20
N TYR A 534 -25.16 -38.31 -15.48
CA TYR A 534 -24.51 -39.46 -16.11
C TYR A 534 -23.02 -39.21 -16.32
N ASP A 535 -22.20 -40.08 -15.75
CA ASP A 535 -20.74 -40.05 -15.98
C ASP A 535 -20.32 -40.70 -17.36
N LEU A 536 -19.41 -40.04 -18.07
CA LEU A 536 -18.97 -40.50 -19.35
C LEU A 536 -17.58 -41.07 -19.20
N ASN A 537 -16.63 -40.32 -18.65
CA ASN A 537 -15.37 -40.94 -18.23
C ASN A 537 -14.91 -40.40 -16.89
N ASP A 538 -13.66 -40.69 -16.54
CA ASP A 538 -13.02 -40.04 -15.42
C ASP A 538 -13.23 -38.52 -15.43
N THR A 539 -13.34 -37.93 -16.61
CA THR A 539 -13.35 -36.45 -16.74
C THR A 539 -14.74 -35.78 -16.96
N TYR A 540 -15.57 -36.34 -17.84
CA TYR A 540 -16.82 -35.67 -18.23
C TYR A 540 -18.06 -36.38 -17.71
N SER A 541 -19.04 -35.55 -17.32
CA SER A 541 -20.40 -36.02 -17.02
C SER A 541 -21.40 -35.20 -17.85
N VAL A 542 -22.52 -35.82 -18.22
CA VAL A 542 -23.64 -35.04 -18.74
C VAL A 542 -24.79 -35.08 -17.74
N TYR A 543 -25.69 -34.10 -17.87
CA TYR A 543 -26.73 -33.85 -16.89
C TYR A 543 -27.86 -33.09 -17.55
N ALA A 544 -29.03 -33.21 -16.92
CA ALA A 544 -30.24 -32.65 -17.43
C ALA A 544 -31.05 -32.44 -16.21
N SER A 545 -31.69 -31.28 -16.11
CA SER A 545 -32.58 -31.00 -14.99
C SER A 545 -33.80 -30.22 -15.48
N TYR A 546 -34.92 -30.38 -14.76
CA TYR A 546 -36.17 -29.70 -15.01
C TYR A 546 -36.43 -29.06 -13.66
N THR A 547 -36.52 -27.73 -13.63
CA THR A 547 -36.64 -26.96 -12.38
C THR A 547 -37.70 -25.91 -12.47
N ASP A 548 -38.21 -25.49 -11.31
CA ASP A 548 -39.39 -24.63 -11.28
C ASP A 548 -39.37 -23.51 -10.24
N ILE A 549 -40.28 -22.55 -10.43
CA ILE A 549 -40.41 -21.40 -9.52
C ILE A 549 -41.56 -20.47 -9.96
N PHE A 550 -42.11 -19.79 -8.95
CA PHE A 550 -43.24 -18.88 -9.07
C PHE A 550 -43.14 -17.79 -8.01
N MET A 551 -43.78 -16.67 -8.30
CA MET A 551 -43.85 -15.54 -7.41
C MET A 551 -45.29 -15.00 -7.53
N PRO A 552 -46.05 -14.96 -6.39
CA PRO A 552 -47.28 -14.25 -6.47
C PRO A 552 -46.97 -12.88 -6.91
N GLN A 553 -47.90 -12.36 -7.69
CA GLN A 553 -47.74 -11.11 -8.36
C GLN A 553 -47.88 -9.92 -7.43
N ASP A 554 -47.18 -8.83 -7.73
CA ASP A 554 -47.45 -7.56 -7.09
C ASP A 554 -48.91 -7.22 -7.30
N SER A 555 -49.41 -6.44 -6.38
CA SER A 555 -50.79 -6.36 -6.17
C SER A 555 -51.43 -5.39 -7.17
N TRP A 556 -50.61 -4.69 -7.92
CA TRP A 556 -51.18 -3.76 -8.89
C TRP A 556 -51.30 -4.46 -10.21
N TYR A 557 -50.86 -5.71 -10.24
CA TYR A 557 -50.93 -6.55 -11.41
C TYR A 557 -52.26 -7.27 -11.51
N ARG A 558 -53.28 -6.48 -11.82
CA ARG A 558 -54.65 -6.96 -12.00
C ARG A 558 -55.08 -6.92 -13.46
N ASP A 559 -56.15 -7.61 -13.79
CA ASP A 559 -56.66 -7.60 -15.15
C ASP A 559 -57.94 -6.78 -15.35
N SER A 560 -58.38 -6.75 -16.61
CA SER A 560 -59.65 -6.28 -17.10
C SER A 560 -60.74 -6.34 -16.08
N SER A 561 -60.74 -7.44 -15.30
CA SER A 561 -61.84 -7.79 -14.41
C SER A 561 -61.52 -7.32 -13.02
N ASN A 562 -60.35 -6.70 -12.82
CA ASN A 562 -59.82 -6.39 -11.52
C ASN A 562 -59.44 -7.64 -10.78
N LYS A 563 -58.86 -8.63 -11.45
CA LYS A 563 -58.36 -9.78 -10.73
C LYS A 563 -56.88 -9.86 -10.86
N LEU A 564 -56.22 -10.27 -9.77
CA LEU A 564 -54.77 -10.31 -9.70
C LEU A 564 -54.34 -11.36 -10.69
N LEU A 565 -53.24 -11.14 -11.37
CA LEU A 565 -52.81 -12.18 -12.28
C LEU A 565 -52.43 -13.44 -11.53
N GLU A 566 -52.60 -14.59 -12.15
CA GLU A 566 -52.03 -15.79 -11.57
C GLU A 566 -50.47 -15.64 -11.38
N PRO A 567 -49.86 -16.37 -10.42
CA PRO A 567 -48.42 -16.13 -10.16
C PRO A 567 -47.42 -16.18 -11.34
N ASP A 568 -46.51 -15.22 -11.35
CA ASP A 568 -45.41 -15.23 -12.30
C ASP A 568 -44.51 -16.45 -12.06
N GLU A 569 -44.38 -17.29 -13.08
CA GLU A 569 -43.97 -18.69 -12.94
C GLU A 569 -43.03 -19.11 -14.10
N GLY A 570 -42.10 -20.02 -13.88
CA GLY A 570 -41.25 -20.48 -14.97
C GLY A 570 -40.59 -21.83 -14.72
N GLN A 571 -40.33 -22.57 -15.82
CA GLN A 571 -39.57 -23.80 -15.72
C GLN A 571 -38.30 -23.64 -16.53
N ASN A 572 -37.17 -24.09 -15.96
CA ASN A 572 -35.86 -24.14 -16.63
C ASN A 572 -35.63 -25.58 -17.12
N TYR A 573 -35.35 -25.74 -18.42
CA TYR A 573 -35.02 -27.04 -18.98
C TYR A 573 -33.57 -26.91 -19.32
N GLU A 574 -32.76 -27.79 -18.79
CA GLU A 574 -31.36 -27.58 -18.95
C GLU A 574 -30.77 -28.93 -19.26
N ILE A 575 -29.92 -28.95 -20.28
CA ILE A 575 -29.08 -30.10 -20.55
C ILE A 575 -27.62 -29.64 -20.74
N GLY A 576 -26.67 -30.46 -20.29
CA GLY A 576 -25.27 -30.02 -20.40
C GLY A 576 -24.20 -31.04 -20.09
N ILE A 577 -22.98 -30.62 -20.30
CA ILE A 577 -21.81 -31.42 -19.97
C ILE A 577 -20.87 -30.59 -19.09
N LYS A 578 -20.38 -31.24 -18.04
CA LYS A 578 -19.46 -30.66 -17.07
C LYS A 578 -18.22 -31.51 -17.05
N GLY A 579 -17.07 -30.85 -17.00
CA GLY A 579 -15.81 -31.58 -16.92
C GLY A 579 -14.99 -31.21 -15.70
N GLU A 580 -14.27 -32.18 -15.18
CA GLU A 580 -13.53 -31.96 -13.96
C GLU A 580 -12.08 -32.37 -14.16
N TYR A 581 -11.13 -31.45 -13.99
CA TYR A 581 -9.69 -31.78 -14.18
C TYR A 581 -8.87 -31.63 -12.89
N LEU A 582 -7.67 -32.21 -12.87
CA LEU A 582 -6.67 -31.99 -11.79
C LEU A 582 -7.23 -32.16 -10.38
N ASP A 583 -8.05 -33.21 -10.20
CA ASP A 583 -8.63 -33.57 -8.91
C ASP A 583 -9.50 -32.45 -8.38
N GLY A 584 -10.29 -31.84 -9.24
CA GLY A 584 -11.17 -30.77 -8.83
C GLY A 584 -10.44 -29.46 -8.64
N ARG A 585 -9.16 -29.36 -8.99
CA ARG A 585 -8.56 -28.04 -9.08
C ARG A 585 -9.02 -27.23 -10.30
N LEU A 586 -9.69 -27.86 -11.29
CA LEU A 586 -10.20 -27.12 -12.47
C LEU A 586 -11.51 -27.67 -13.02
N ASN A 587 -12.46 -26.77 -13.35
CA ASN A 587 -13.87 -27.14 -13.67
C ASN A 587 -14.32 -26.54 -15.03
N THR A 588 -15.02 -27.31 -15.85
CA THR A 588 -15.54 -26.76 -17.09
C THR A 588 -16.95 -27.22 -17.29
N SER A 589 -17.74 -26.35 -17.89
CA SER A 589 -19.14 -26.62 -18.15
C SER A 589 -19.56 -26.00 -19.47
N LEU A 590 -20.42 -26.69 -20.19
CA LEU A 590 -21.07 -26.12 -21.35
C LEU A 590 -22.51 -26.52 -21.25
N ALA A 591 -23.40 -25.54 -21.27
CA ALA A 591 -24.83 -25.82 -21.05
C ALA A 591 -25.71 -25.19 -22.11
N TYR A 592 -26.75 -25.96 -22.46
CA TYR A 592 -27.93 -25.47 -23.20
C TYR A 592 -29.13 -25.42 -22.25
N PHE A 593 -29.84 -24.30 -22.29
CA PHE A 593 -30.93 -24.13 -21.36
C PHE A 593 -32.07 -23.37 -22.00
N GLU A 594 -33.28 -23.70 -21.59
CA GLU A 594 -34.45 -22.99 -22.06
C GLU A 594 -35.30 -22.68 -20.85
N ILE A 595 -35.88 -21.49 -20.83
CA ILE A 595 -36.73 -21.09 -19.71
C ILE A 595 -38.12 -20.79 -20.27
N HIS A 596 -39.15 -21.50 -19.81
CA HIS A 596 -40.53 -21.16 -20.19
C HIS A 596 -41.23 -20.44 -19.03
N GLU A 597 -41.58 -19.19 -19.28
CA GLU A 597 -42.32 -18.39 -18.33
C GLU A 597 -43.80 -18.41 -18.67
N GLU A 598 -44.61 -18.51 -17.64
CA GLU A 598 -46.02 -18.25 -17.82
C GLU A 598 -46.51 -17.15 -16.83
N ASN A 599 -47.65 -16.53 -17.17
CA ASN A 599 -48.23 -15.40 -16.42
C ASN A 599 -47.29 -14.23 -16.22
N ARG A 600 -46.64 -13.75 -17.28
CA ARG A 600 -45.71 -12.61 -17.12
C ARG A 600 -46.59 -11.40 -17.27
N ALA A 601 -46.67 -10.57 -16.22
CA ALA A 601 -47.40 -9.31 -16.25
C ALA A 601 -47.17 -8.62 -17.56
N GLU A 602 -48.22 -8.07 -18.13
CA GLU A 602 -48.05 -7.29 -19.36
C GLU A 602 -49.15 -6.26 -19.57
N GLU A 603 -48.74 -5.00 -19.50
CA GLU A 603 -49.58 -3.86 -19.76
C GLU A 603 -51.07 -4.11 -20.15
N ASP A 604 -51.39 -4.58 -21.35
CA ASP A 604 -52.82 -4.58 -21.86
C ASP A 604 -53.18 -3.25 -22.47
N ALA A 605 -52.59 -3.01 -23.63
CA ALA A 605 -52.75 -1.81 -24.41
C ALA A 605 -54.21 -1.55 -24.73
N LEU A 606 -54.88 -2.54 -25.34
CA LEU A 606 -56.24 -2.36 -25.81
C LEU A 606 -57.19 -1.86 -24.74
N TYR A 607 -57.14 -2.48 -23.56
CA TYR A 607 -57.85 -1.98 -22.39
C TYR A 607 -57.36 -0.58 -22.01
N ASN A 608 -56.09 -0.48 -21.69
CA ASN A 608 -55.56 0.76 -21.18
C ASN A 608 -55.70 1.99 -22.12
N SER A 609 -55.91 1.75 -23.40
CA SER A 609 -56.39 2.80 -24.27
C SER A 609 -57.55 3.60 -23.71
N LYS A 610 -58.44 2.95 -22.97
CA LYS A 610 -59.69 3.55 -22.56
C LYS A 610 -60.27 2.53 -21.58
N PRO A 611 -59.86 2.64 -20.29
CA PRO A 611 -60.47 1.84 -19.23
C PRO A 611 -61.98 1.99 -19.23
N THR A 612 -62.66 0.94 -18.81
CA THR A 612 -64.07 0.74 -19.10
C THR A 612 -64.71 -0.03 -17.93
N ASN A 613 -63.87 -0.72 -17.16
CA ASN A 613 -64.28 -1.15 -15.87
C ASN A 613 -63.81 -0.01 -15.01
N PRO A 614 -64.76 0.66 -14.33
CA PRO A 614 -64.37 1.74 -13.43
C PRO A 614 -63.52 1.21 -12.27
N ALA A 615 -63.74 -0.07 -11.95
CA ALA A 615 -62.97 -0.76 -10.91
C ALA A 615 -61.45 -0.67 -11.10
N ILE A 616 -60.92 -1.00 -12.29
CA ILE A 616 -59.46 -0.84 -12.59
C ILE A 616 -59.33 0.26 -13.60
N THR A 617 -58.09 0.69 -13.77
CA THR A 617 -57.81 1.95 -14.43
C THR A 617 -56.51 1.76 -15.24
N TYR A 618 -55.81 0.68 -14.92
CA TYR A 618 -54.63 0.26 -15.64
C TYR A 618 -54.44 -1.23 -15.30
N ALA A 619 -54.85 -2.08 -16.26
CA ALA A 619 -54.98 -3.52 -16.02
C ALA A 619 -53.85 -4.13 -16.71
N TYR A 620 -53.49 -5.34 -16.30
CA TYR A 620 -52.45 -6.10 -16.98
C TYR A 620 -53.04 -7.34 -17.60
N LYS A 621 -52.16 -8.08 -18.25
CA LYS A 621 -52.47 -9.25 -19.05
C LYS A 621 -51.33 -10.25 -18.71
N GLY A 622 -51.72 -11.48 -18.35
CA GLY A 622 -50.74 -12.52 -18.01
C GLY A 622 -50.33 -13.35 -19.21
N ILE A 623 -49.13 -13.06 -19.76
CA ILE A 623 -48.63 -13.75 -20.97
C ILE A 623 -47.53 -14.77 -20.73
N LYS A 624 -47.00 -15.33 -21.82
CA LYS A 624 -45.94 -16.29 -21.77
C LYS A 624 -44.70 -15.66 -22.38
N ALA A 625 -43.52 -16.12 -21.98
CA ALA A 625 -42.27 -15.70 -22.58
C ALA A 625 -41.32 -16.91 -22.59
N LYS A 626 -40.28 -16.86 -23.42
CA LYS A 626 -39.35 -17.96 -23.54
C LYS A 626 -37.91 -17.48 -23.65
N THR A 627 -37.04 -18.09 -22.88
CA THR A 627 -35.62 -17.79 -23.01
C THR A 627 -35.00 -19.01 -23.65
N LYS A 628 -34.22 -18.74 -24.70
CA LYS A 628 -33.36 -19.76 -25.31
C LYS A 628 -31.93 -19.26 -25.25
N GLY A 629 -31.01 -20.10 -24.80
CA GLY A 629 -29.60 -19.80 -24.83
C GLY A 629 -28.72 -20.93 -24.34
N TYR A 630 -27.44 -20.62 -24.33
CA TYR A 630 -26.43 -21.56 -23.91
C TYR A 630 -25.32 -20.82 -23.19
N GLU A 631 -24.54 -21.60 -22.42
CA GLU A 631 -23.52 -21.05 -21.58
C GLU A 631 -22.35 -21.99 -21.44
N ALA A 632 -21.14 -21.43 -21.55
CA ALA A 632 -19.87 -22.15 -21.34
C ALA A 632 -19.07 -21.42 -20.29
N GLU A 633 -18.42 -22.19 -19.42
CA GLU A 633 -17.66 -21.62 -18.29
C GLU A 633 -16.45 -22.46 -17.86
N ILE A 634 -15.45 -21.79 -17.32
CA ILE A 634 -14.23 -22.45 -16.82
C ILE A 634 -13.69 -21.68 -15.58
N SER A 635 -13.18 -22.44 -14.60
CA SER A 635 -12.61 -21.84 -13.39
C SER A 635 -11.64 -22.79 -12.73
N GLY A 636 -10.57 -22.18 -12.22
CA GLY A 636 -9.55 -22.95 -11.57
C GLY A 636 -8.21 -22.78 -12.22
N GLU A 637 -7.40 -23.84 -12.13
CA GLU A 637 -6.01 -23.82 -12.47
C GLU A 637 -5.81 -24.19 -13.93
N LEU A 638 -5.32 -23.24 -14.71
CA LEU A 638 -4.84 -23.56 -16.06
C LEU A 638 -3.45 -24.16 -15.96
N ALA A 639 -2.67 -23.75 -14.96
CA ALA A 639 -1.31 -24.29 -14.73
C ALA A 639 -0.85 -23.95 -13.31
N PRO A 640 0.20 -24.64 -12.80
CA PRO A 640 0.53 -24.33 -11.40
C PRO A 640 0.33 -22.91 -10.86
N GLY A 641 0.96 -21.86 -11.30
CA GLY A 641 0.52 -20.65 -10.58
C GLY A 641 -0.65 -19.89 -11.19
N TRP A 642 -1.36 -20.52 -12.11
CA TRP A 642 -2.15 -19.76 -13.07
C TRP A 642 -3.57 -20.10 -12.89
N GLN A 643 -4.38 -19.08 -12.53
CA GLN A 643 -5.80 -19.27 -12.18
C GLN A 643 -6.67 -18.40 -13.05
N VAL A 644 -7.83 -18.93 -13.42
CA VAL A 644 -8.87 -18.19 -14.17
C VAL A 644 -10.27 -18.47 -13.75
N GLN A 645 -11.14 -17.55 -14.20
CA GLN A 645 -12.60 -17.79 -14.27
C GLN A 645 -13.14 -17.11 -15.50
N ALA A 646 -13.92 -17.82 -16.29
CA ALA A 646 -14.38 -17.27 -17.56
C ALA A 646 -15.68 -17.92 -17.97
N GLY A 647 -16.45 -17.23 -18.80
CA GLY A 647 -17.69 -17.81 -19.24
C GLY A 647 -18.18 -17.11 -20.47
N TYR A 648 -19.01 -17.81 -21.23
CA TYR A 648 -19.64 -17.19 -22.36
C TYR A 648 -21.10 -17.55 -22.27
N THR A 649 -21.95 -16.53 -22.38
CA THR A 649 -23.36 -16.78 -22.32
C THR A 649 -24.10 -16.12 -23.49
N HIS A 650 -24.87 -16.93 -24.21
CA HIS A 650 -25.73 -16.44 -25.28
C HIS A 650 -27.22 -16.59 -24.85
N LYS A 651 -28.07 -15.55 -25.07
CA LYS A 651 -29.50 -15.61 -24.78
C LYS A 651 -30.30 -14.74 -25.76
N ILE A 652 -31.54 -15.17 -26.05
CA ILE A 652 -32.60 -14.30 -26.56
C ILE A 652 -33.87 -14.69 -25.81
N ILE A 653 -34.51 -13.72 -25.16
CA ILE A 653 -35.84 -13.92 -24.56
C ILE A 653 -37.00 -13.21 -25.33
N ARG A 654 -37.99 -14.01 -25.74
CA ARG A 654 -39.17 -13.45 -26.44
C ARG A 654 -40.40 -13.62 -25.59
N ASP A 655 -41.36 -12.70 -25.75
CA ASP A 655 -42.67 -12.87 -25.11
C ASP A 655 -43.70 -13.24 -26.17
N ASP A 656 -44.95 -13.34 -25.75
CA ASP A 656 -46.01 -13.76 -26.62
C ASP A 656 -46.23 -12.75 -27.73
N SER A 657 -45.92 -11.48 -27.54
CA SER A 657 -45.98 -10.60 -28.71
C SER A 657 -45.04 -11.10 -29.85
N GLY A 658 -44.24 -12.12 -29.58
CA GLY A 658 -43.17 -12.57 -30.48
C GLY A 658 -41.91 -11.71 -30.36
N LYS A 659 -42.07 -10.48 -29.89
CA LYS A 659 -40.94 -9.54 -29.79
C LYS A 659 -39.90 -9.90 -28.71
N LYS A 660 -38.69 -9.39 -28.94
CA LYS A 660 -37.60 -9.55 -28.01
C LYS A 660 -37.83 -8.72 -26.75
N VAL A 661 -37.61 -9.36 -25.62
CA VAL A 661 -37.82 -8.67 -24.38
C VAL A 661 -36.42 -8.51 -23.71
N SER A 662 -36.29 -7.73 -22.63
CA SER A 662 -34.98 -7.65 -21.90
C SER A 662 -33.85 -7.35 -22.87
N THR A 663 -34.14 -6.42 -23.74
CA THR A 663 -33.28 -6.09 -24.85
C THR A 663 -32.12 -5.24 -24.35
N TRP A 664 -32.18 -4.89 -23.07
CA TRP A 664 -31.06 -4.15 -22.46
C TRP A 664 -29.98 -5.09 -21.99
N GLU A 665 -30.36 -6.29 -21.60
CA GLU A 665 -29.42 -7.34 -21.36
C GLU A 665 -28.90 -7.72 -22.74
N PRO A 666 -27.58 -7.75 -22.94
CA PRO A 666 -26.99 -8.02 -24.24
C PRO A 666 -27.31 -9.46 -24.63
N GLN A 667 -27.29 -9.80 -25.93
CA GLN A 667 -27.63 -11.18 -26.36
C GLN A 667 -26.47 -12.11 -26.16
N ASP A 668 -25.29 -11.53 -26.10
CA ASP A 668 -24.05 -12.27 -26.08
C ASP A 668 -23.15 -11.55 -25.09
N GLN A 669 -22.56 -12.32 -24.19
CA GLN A 669 -21.59 -11.78 -23.26
C GLN A 669 -20.51 -12.80 -22.94
N LEU A 670 -19.42 -12.29 -22.37
CA LEU A 670 -18.21 -13.03 -22.17
C LEU A 670 -17.44 -12.39 -21.07
N SER A 671 -16.85 -13.22 -20.22
CA SER A 671 -15.99 -12.79 -19.11
C SER A 671 -14.77 -13.68 -19.04
N LEU A 672 -13.61 -13.07 -18.89
CA LEU A 672 -12.40 -13.86 -18.55
C LEU A 672 -11.60 -13.09 -17.54
N TYR A 673 -11.28 -13.71 -16.44
CA TYR A 673 -10.45 -13.03 -15.46
C TYR A 673 -9.35 -13.93 -14.99
N THR A 674 -8.17 -13.40 -14.87
CA THR A 674 -7.11 -14.31 -14.56
C THR A 674 -6.00 -13.64 -13.73
N SER A 675 -5.27 -14.47 -12.99
CA SER A 675 -4.02 -13.99 -12.48
C SER A 675 -3.03 -15.12 -12.44
N TYR A 676 -1.78 -14.71 -12.30
CA TYR A 676 -0.63 -15.60 -12.34
C TYR A 676 0.35 -15.34 -11.21
N LYS A 677 0.72 -16.40 -10.48
CA LYS A 677 1.78 -16.32 -9.45
C LYS A 677 3.12 -16.74 -10.03
N PHE A 678 4.09 -15.81 -10.15
CA PHE A 678 5.45 -16.14 -10.66
C PHE A 678 6.18 -17.09 -9.71
N LYS A 679 7.06 -17.92 -10.26
CA LYS A 679 7.95 -18.71 -9.39
C LYS A 679 9.43 -18.25 -9.42
N GLY A 680 10.25 -18.84 -8.55
CA GLY A 680 11.66 -18.42 -8.41
C GLY A 680 11.88 -16.99 -7.87
N ALA A 681 12.78 -16.25 -8.53
CA ALA A 681 13.14 -14.90 -8.07
C ALA A 681 11.90 -14.05 -7.80
N LEU A 682 10.85 -14.21 -8.59
CA LEU A 682 9.68 -13.35 -8.44
C LEU A 682 8.43 -14.03 -7.88
N ASP A 683 8.63 -15.04 -7.02
CA ASP A 683 7.50 -15.77 -6.48
C ASP A 683 6.66 -14.99 -5.48
N LYS A 684 7.04 -13.74 -5.22
CA LYS A 684 6.31 -12.86 -4.30
C LYS A 684 5.38 -11.92 -5.11
N LEU A 685 5.47 -12.00 -6.42
CA LEU A 685 4.69 -11.16 -7.31
C LEU A 685 3.53 -11.93 -7.96
N THR A 686 2.36 -11.31 -7.95
CA THR A 686 1.20 -11.88 -8.60
C THR A 686 0.64 -10.86 -9.57
N VAL A 687 0.45 -11.32 -10.78
CA VAL A 687 0.00 -10.42 -11.83
C VAL A 687 -1.39 -10.89 -12.26
N GLY A 688 -2.19 -9.98 -12.79
CA GLY A 688 -3.54 -10.35 -13.14
C GLY A 688 -4.22 -9.35 -14.05
N GLY A 689 -5.14 -9.85 -14.84
CA GLY A 689 -5.86 -8.94 -15.67
C GLY A 689 -7.13 -9.66 -15.95
N GLY A 690 -8.09 -8.95 -16.51
CA GLY A 690 -9.27 -9.62 -17.02
C GLY A 690 -9.94 -8.73 -18.02
N ALA A 691 -10.89 -9.30 -18.74
CA ALA A 691 -11.71 -8.52 -19.65
C ALA A 691 -13.16 -8.97 -19.61
N ARG A 692 -14.05 -8.07 -20.01
CA ARG A 692 -15.50 -8.38 -20.06
C ARG A 692 -15.92 -7.76 -21.37
N TRP A 693 -16.68 -8.51 -22.16
CA TRP A 693 -17.24 -7.99 -23.42
C TRP A 693 -18.73 -8.25 -23.51
N GLN A 694 -19.48 -7.28 -24.00
CA GLN A 694 -20.83 -7.60 -24.41
C GLN A 694 -21.20 -7.01 -25.75
N GLY A 695 -21.98 -7.77 -26.51
CA GLY A 695 -22.60 -7.28 -27.74
C GLY A 695 -23.71 -6.24 -27.61
N LYS A 696 -24.20 -5.73 -28.74
CA LYS A 696 -25.33 -4.78 -28.84
C LYS A 696 -26.32 -4.99 -27.75
N SER A 697 -26.80 -3.86 -27.24
CA SER A 697 -27.99 -3.76 -26.39
C SER A 697 -28.76 -2.44 -26.62
N TRP A 698 -30.08 -2.49 -26.55
CA TRP A 698 -30.86 -1.32 -26.79
C TRP A 698 -32.12 -1.23 -25.93
N GLN A 699 -32.69 -0.02 -25.86
CA GLN A 699 -34.00 0.23 -25.27
C GLN A 699 -34.87 0.97 -26.24
N MET A 700 -36.17 0.70 -26.15
CA MET A 700 -37.15 1.53 -26.81
C MET A 700 -37.69 2.56 -25.81
N VAL A 701 -37.39 3.83 -26.04
CA VAL A 701 -37.94 4.86 -25.20
C VAL A 701 -38.75 5.91 -25.99
N TYR A 702 -39.85 6.39 -25.40
CA TYR A 702 -40.76 7.35 -26.01
C TYR A 702 -40.25 8.75 -25.87
N ASN A 703 -40.03 9.43 -26.99
CA ASN A 703 -39.66 10.84 -26.99
C ASN A 703 -40.89 11.64 -26.94
N ASN A 704 -41.20 12.08 -25.74
CA ASN A 704 -42.42 12.80 -25.52
C ASN A 704 -42.60 14.14 -26.31
N PRO A 705 -41.64 15.07 -26.24
CA PRO A 705 -41.73 16.33 -27.01
C PRO A 705 -41.84 16.25 -28.55
N ARG A 706 -41.62 15.06 -29.11
CA ARG A 706 -41.61 14.87 -30.56
C ARG A 706 -42.56 13.75 -30.90
N SER A 707 -43.06 13.10 -29.86
CA SER A 707 -44.17 12.15 -30.00
C SER A 707 -43.90 10.87 -30.77
N ARG A 708 -42.63 10.47 -30.81
CA ARG A 708 -42.19 9.27 -31.50
C ARG A 708 -41.44 8.34 -30.52
N TRP A 709 -41.54 7.04 -30.76
CA TRP A 709 -40.65 6.08 -30.14
C TRP A 709 -39.28 6.14 -30.83
N GLU A 710 -38.19 6.19 -30.06
CA GLU A 710 -36.80 6.05 -30.59
C GLU A 710 -36.12 4.80 -30.04
N LYS A 711 -35.21 4.21 -30.79
CA LYS A 711 -34.39 3.11 -30.26
C LYS A 711 -33.11 3.74 -29.71
N PHE A 712 -32.65 3.30 -28.54
CA PHE A 712 -31.36 3.74 -28.06
C PHE A 712 -30.43 2.58 -28.03
N SER A 713 -29.24 2.71 -28.64
CA SER A 713 -28.27 1.60 -28.76
C SER A 713 -26.97 1.83 -27.99
N GLN A 714 -26.57 0.82 -27.21
CA GLN A 714 -25.21 0.70 -26.70
C GLN A 714 -24.53 -0.32 -27.58
N GLU A 715 -23.64 0.16 -28.46
CA GLU A 715 -22.84 -0.70 -29.32
C GLU A 715 -21.95 -1.57 -28.43
N ASP A 716 -21.69 -2.81 -28.87
CA ASP A 716 -20.84 -3.75 -28.13
C ASP A 716 -19.57 -3.06 -27.65
N TYR A 717 -19.02 -3.51 -26.53
CA TYR A 717 -17.82 -2.88 -26.02
C TYR A 717 -17.06 -3.83 -25.11
N TRP A 718 -15.78 -3.53 -24.88
CA TRP A 718 -14.95 -4.26 -23.97
C TRP A 718 -14.70 -3.50 -22.66
N LEU A 719 -14.45 -4.22 -21.59
CA LEU A 719 -13.90 -3.58 -20.40
C LEU A 719 -12.70 -4.37 -19.90
N VAL A 720 -11.55 -3.70 -19.74
CA VAL A 720 -10.32 -4.42 -19.37
C VAL A 720 -9.92 -4.04 -17.97
N ASP A 721 -9.57 -5.01 -17.15
CA ASP A 721 -8.99 -4.75 -15.81
C ASP A 721 -7.58 -5.34 -15.73
N LEU A 722 -6.77 -4.80 -14.79
CA LEU A 722 -5.36 -5.19 -14.55
C LEU A 722 -5.08 -5.01 -13.09
N MET A 723 -4.01 -5.59 -12.59
CA MET A 723 -3.99 -6.01 -11.22
C MET A 723 -2.62 -6.57 -10.95
N ALA A 724 -2.00 -6.16 -9.86
CA ALA A 724 -0.71 -6.66 -9.48
C ALA A 724 -0.62 -6.60 -7.95
N ARG A 725 -0.03 -7.63 -7.34
CA ARG A 725 0.21 -7.57 -5.89
C ARG A 725 1.61 -8.07 -5.66
N TYR A 726 2.25 -7.56 -4.62
CA TYR A 726 3.58 -7.99 -4.27
C TYR A 726 3.64 -8.24 -2.80
N GLN A 727 4.06 -9.45 -2.42
CA GLN A 727 4.13 -9.82 -1.03
C GLN A 727 5.51 -9.43 -0.51
N ILE A 728 5.63 -8.17 -0.06
CA ILE A 728 6.92 -7.59 0.39
C ILE A 728 7.50 -8.36 1.57
N THR A 729 6.60 -8.87 2.40
CA THR A 729 6.93 -9.40 3.71
C THR A 729 5.95 -10.50 4.09
N ASP A 730 6.42 -11.46 4.88
CA ASP A 730 5.54 -12.47 5.46
C ASP A 730 4.17 -11.90 5.81
N LYS A 731 4.15 -10.69 6.37
CA LYS A 731 2.99 -10.19 7.02
C LYS A 731 2.34 -9.03 6.25
N LEU A 732 2.97 -8.66 5.14
CA LEU A 732 2.55 -7.44 4.51
C LEU A 732 2.67 -7.38 2.97
N SER A 733 1.55 -7.12 2.31
CA SER A 733 1.53 -6.97 0.87
C SER A 733 1.01 -5.60 0.41
N ALA A 734 1.41 -5.22 -0.81
CA ALA A 734 0.84 -4.08 -1.53
C ALA A 734 0.38 -4.54 -2.88
N SER A 735 -0.90 -4.23 -3.16
CA SER A 735 -1.57 -4.40 -4.44
C SER A 735 -1.91 -3.04 -5.09
N VAL A 736 -2.04 -3.04 -6.42
CA VAL A 736 -2.75 -2.01 -7.17
C VAL A 736 -3.71 -2.71 -8.12
N ASN A 737 -4.90 -2.11 -8.30
CA ASN A 737 -5.89 -2.53 -9.28
C ASN A 737 -6.19 -1.38 -10.24
N VAL A 738 -6.13 -1.65 -11.53
CA VAL A 738 -6.59 -0.66 -12.47
C VAL A 738 -7.77 -1.21 -13.28
N ASN A 739 -8.85 -0.44 -13.27
CA ASN A 739 -10.12 -0.84 -13.82
C ASN A 739 -10.56 0.02 -14.97
N ASN A 740 -11.07 -0.65 -16.00
CA ASN A 740 -11.51 -0.02 -17.25
C ASN A 740 -10.30 0.73 -17.82
N VAL A 741 -9.35 -0.09 -18.23
CA VAL A 741 -7.99 0.37 -18.55
C VAL A 741 -7.98 1.35 -19.73
N PHE A 742 -8.84 1.12 -20.72
CA PHE A 742 -8.90 1.92 -21.96
C PHE A 742 -9.95 3.04 -21.85
N ASP A 743 -10.38 3.24 -20.60
CA ASP A 743 -11.32 4.30 -20.24
C ASP A 743 -12.51 4.30 -21.17
N LYS A 744 -13.06 3.12 -21.44
CA LYS A 744 -14.20 3.05 -22.35
C LYS A 744 -15.38 3.83 -21.78
N THR A 745 -15.88 4.80 -22.51
CA THR A 745 -17.05 5.50 -22.03
C THR A 745 -18.28 4.79 -22.63
N TYR A 746 -19.14 4.27 -21.75
CA TYR A 746 -20.30 3.47 -22.12
C TYR A 746 -21.46 3.72 -21.14
N TYR A 747 -22.60 3.03 -21.35
CA TYR A 747 -23.87 3.24 -20.58
C TYR A 747 -24.36 2.01 -19.83
N THR A 748 -24.83 2.22 -18.60
CA THR A 748 -25.32 1.14 -17.77
C THR A 748 -26.80 1.19 -17.62
N ASN A 749 -27.41 2.26 -18.11
CA ASN A 749 -28.86 2.48 -18.07
C ASN A 749 -29.17 3.40 -19.22
N ILE A 750 -30.06 2.97 -20.11
CA ILE A 750 -30.72 3.92 -21.03
C ILE A 750 -32.18 3.59 -21.02
N GLY A 751 -33.02 4.56 -20.72
CA GLY A 751 -34.44 4.24 -20.84
C GLY A 751 -35.24 4.13 -19.56
N PHE A 752 -34.56 3.83 -18.44
CA PHE A 752 -35.25 3.76 -17.13
C PHE A 752 -35.83 5.13 -16.77
N TYR A 753 -37.15 5.23 -16.87
CA TYR A 753 -37.84 6.54 -16.81
C TYR A 753 -37.19 7.61 -17.68
N THR A 754 -36.88 7.27 -18.92
CA THR A 754 -36.38 8.29 -19.85
C THR A 754 -35.13 9.04 -19.32
N SER A 755 -34.20 8.26 -18.77
CA SER A 755 -32.95 8.79 -18.24
C SER A 755 -31.78 7.92 -18.73
N ALA A 756 -30.56 8.29 -18.35
CA ALA A 756 -29.38 7.51 -18.67
C ALA A 756 -28.28 7.61 -17.63
N SER A 757 -27.61 6.47 -17.45
CA SER A 757 -26.46 6.27 -16.58
C SER A 757 -25.19 5.74 -17.27
N TYR A 758 -24.08 6.47 -17.08
CA TYR A 758 -22.74 6.03 -17.47
C TYR A 758 -22.12 5.04 -16.51
N GLY A 759 -21.43 4.03 -17.01
CA GLY A 759 -20.55 3.19 -16.19
C GLY A 759 -19.22 3.84 -15.89
N ASP A 760 -18.50 3.28 -14.91
CA ASP A 760 -17.30 3.93 -14.33
C ASP A 760 -16.25 4.20 -15.35
N PRO A 761 -15.71 5.43 -15.41
CA PRO A 761 -14.45 5.65 -16.10
C PRO A 761 -13.27 4.98 -15.41
N ARG A 762 -12.11 4.95 -16.05
CA ARG A 762 -10.89 4.37 -15.48
C ARG A 762 -10.78 4.72 -14.00
N ASN A 763 -10.56 3.74 -13.16
CA ASN A 763 -10.26 4.07 -11.80
C ASN A 763 -9.14 3.19 -11.22
N LEU A 764 -8.39 3.72 -10.29
CA LEU A 764 -7.34 2.91 -9.70
C LEU A 764 -7.69 2.65 -8.27
N MET A 765 -7.18 1.54 -7.74
CA MET A 765 -7.26 1.34 -6.30
C MET A 765 -5.92 0.82 -5.74
N PHE A 766 -5.42 1.46 -4.70
CA PHE A 766 -4.18 1.05 -4.14
C PHE A 766 -4.45 0.49 -2.78
N SER A 767 -3.72 -0.55 -2.35
CA SER A 767 -3.90 -1.03 -0.95
C SER A 767 -2.78 -1.83 -0.37
N THR A 768 -2.60 -1.74 0.93
CA THR A 768 -1.73 -2.63 1.66
C THR A 768 -2.64 -3.46 2.50
N ARG A 769 -2.28 -4.71 2.70
CA ARG A 769 -2.94 -5.60 3.60
C ARG A 769 -1.91 -6.19 4.61
N TRP A 770 -2.22 -6.13 5.91
CA TRP A 770 -1.34 -6.68 6.95
C TRP A 770 -1.96 -7.88 7.67
N ASP A 771 -1.34 -9.09 7.55
CA ASP A 771 -1.76 -10.35 8.25
C ASP A 771 -1.01 -10.56 9.58
N PHE A 772 -1.72 -10.56 10.70
CA PHE A 772 -1.08 -10.78 12.01
C PHE A 772 -0.68 -12.23 11.99
N GLN B 1 -5.35 27.70 -9.30
CA GLN B 1 -6.67 27.97 -9.97
C GLN B 1 -7.82 28.32 -9.00
N GLU B 2 -8.99 28.63 -9.58
CA GLU B 2 -10.16 29.19 -8.87
C GLU B 2 -10.71 28.24 -7.81
N VAL B 3 -11.03 28.77 -6.63
CA VAL B 3 -11.56 28.00 -5.46
C VAL B 3 -12.98 28.44 -5.08
N GLU B 4 -13.79 27.49 -4.60
CA GLU B 4 -15.15 27.73 -4.16
C GLU B 4 -15.20 28.32 -2.74
N PHE B 5 -15.84 29.48 -2.56
CA PHE B 5 -15.89 30.17 -1.23
C PHE B 5 -17.28 30.45 -0.61
N ASP B 6 -17.33 30.42 0.73
CA ASP B 6 -18.54 30.78 1.47
C ASP B 6 -18.24 31.45 2.81
N ILE B 7 -17.90 32.73 2.80
CA ILE B 7 -17.57 33.42 4.07
C ILE B 7 -18.42 34.69 4.39
N PRO B 8 -19.52 34.49 5.14
CA PRO B 8 -20.47 35.56 5.46
C PRO B 8 -19.83 36.61 6.32
N PRO B 9 -20.33 37.86 6.25
CA PRO B 9 -19.90 38.98 7.14
C PRO B 9 -19.84 38.55 8.61
N GLN B 10 -18.62 38.56 9.17
CA GLN B 10 -18.37 38.14 10.57
C GLN B 10 -17.11 38.78 11.09
N ALA B 11 -16.73 38.44 12.31
CA ALA B 11 -15.51 38.99 12.90
C ALA B 11 -14.27 38.69 12.02
N LEU B 12 -13.52 39.72 11.66
CA LEU B 12 -12.34 39.53 10.84
C LEU B 12 -11.56 38.27 11.28
N GLY B 13 -11.39 38.09 12.59
CA GLY B 13 -10.64 36.96 13.15
C GLY B 13 -11.01 35.63 12.52
N SER B 14 -12.27 35.22 12.68
CA SER B 14 -12.71 33.91 12.20
C SER B 14 -12.86 33.87 10.71
N ALA B 15 -13.28 34.99 10.12
CA ALA B 15 -13.30 35.12 8.68
C ALA B 15 -11.96 34.61 8.17
N LEU B 16 -10.88 35.20 8.69
CA LEU B 16 -9.52 34.87 8.25
C LEU B 16 -9.19 33.40 8.42
N GLN B 17 -9.60 32.82 9.54
CA GLN B 17 -9.40 31.40 9.81
C GLN B 17 -10.23 30.53 8.90
N GLU B 18 -11.42 31.02 8.54
CA GLU B 18 -12.26 30.27 7.62
C GLU B 18 -11.65 30.32 6.24
N PHE B 19 -11.20 31.51 5.86
CA PHE B 19 -10.49 31.65 4.59
C PHE B 19 -9.40 30.60 4.42
N GLY B 20 -8.68 30.31 5.50
CA GLY B 20 -7.59 29.35 5.54
C GLY B 20 -8.07 27.98 5.19
N ARG B 21 -9.15 27.57 5.86
CA ARG B 21 -9.74 26.25 5.69
C ARG B 21 -10.25 26.07 4.26
N GLN B 22 -10.93 27.09 3.75
CA GLN B 22 -11.58 26.99 2.45
C GLN B 22 -10.61 27.00 1.26
N ALA B 23 -9.44 27.61 1.43
CA ALA B 23 -8.45 27.76 0.34
C ALA B 23 -7.27 26.82 0.55
N ASP B 24 -7.26 26.20 1.73
CA ASP B 24 -6.16 25.33 2.18
C ASP B 24 -4.83 26.05 1.98
N ILE B 25 -4.74 27.25 2.55
CA ILE B 25 -3.61 28.17 2.42
C ILE B 25 -3.55 28.86 3.81
N GLN B 26 -2.43 28.79 4.52
CA GLN B 26 -2.33 29.29 5.90
C GLN B 26 -2.40 30.79 5.92
N VAL B 27 -3.10 31.37 6.91
CA VAL B 27 -3.18 32.83 7.02
C VAL B 27 -2.60 33.38 8.32
N LEU B 28 -1.78 34.42 8.19
CA LEU B 28 -1.09 35.03 9.32
C LEU B 28 -1.58 36.45 9.64
N TYR B 29 -1.81 36.68 10.93
CA TYR B 29 -2.29 37.95 11.43
C TYR B 29 -1.97 38.09 12.91
N ARG B 30 -1.90 39.34 13.35
CA ARG B 30 -1.68 39.64 14.73
C ARG B 30 -3.12 39.75 15.25
N PRO B 31 -3.46 39.01 16.33
CA PRO B 31 -4.88 38.93 16.70
C PRO B 31 -5.38 40.28 17.17
N GLU B 32 -4.54 40.97 17.93
CA GLU B 32 -4.85 42.29 18.44
C GLU B 32 -5.17 43.31 17.33
N GLU B 33 -4.54 43.17 16.17
CA GLU B 33 -4.77 44.12 15.06
C GLU B 33 -6.06 43.89 14.27
N VAL B 34 -6.64 42.70 14.36
CA VAL B 34 -7.90 42.45 13.66
C VAL B 34 -9.08 42.30 14.63
N ARG B 35 -8.84 42.71 15.88
CA ARG B 35 -9.69 42.44 16.99
C ARG B 35 -11.08 43.06 16.87
N ASN B 36 -11.27 44.16 16.13
CA ASN B 36 -12.65 44.68 16.09
C ASN B 36 -13.16 45.09 14.73
N LYS B 37 -13.03 44.17 13.78
CA LYS B 37 -13.29 44.46 12.38
C LYS B 37 -14.20 43.40 11.85
N ARG B 38 -14.99 43.80 10.86
CA ARG B 38 -15.94 42.92 10.23
C ARG B 38 -15.41 42.59 8.84
N SER B 39 -15.44 41.32 8.46
CA SER B 39 -15.15 40.92 7.10
C SER B 39 -16.32 41.26 6.15
N SER B 40 -16.05 41.41 4.85
CA SER B 40 -17.18 41.51 3.90
C SER B 40 -17.43 40.18 3.23
N ALA B 41 -18.67 40.00 2.75
CA ALA B 41 -19.14 38.70 2.21
C ALA B 41 -18.36 38.23 1.01
N ILE B 42 -17.97 36.97 1.01
CA ILE B 42 -17.50 36.38 -0.22
C ILE B 42 -18.27 35.09 -0.52
N LYS B 43 -18.68 34.95 -1.77
CA LYS B 43 -19.48 33.79 -2.22
C LYS B 43 -19.26 33.52 -3.71
N GLY B 44 -19.31 32.24 -4.07
CA GLY B 44 -19.13 31.78 -5.44
C GLY B 44 -17.73 31.23 -5.65
N LYS B 45 -17.40 30.93 -6.89
CA LYS B 45 -16.11 30.38 -7.25
C LYS B 45 -15.19 31.54 -7.65
N LEU B 46 -14.18 31.82 -6.82
CA LEU B 46 -13.24 32.94 -7.07
C LEU B 46 -11.79 32.53 -6.93
N GLU B 47 -10.90 33.33 -7.53
CA GLU B 47 -9.45 33.23 -7.30
C GLU B 47 -9.08 33.57 -5.83
N PRO B 48 -8.31 32.69 -5.15
CA PRO B 48 -7.73 32.97 -3.82
C PRO B 48 -7.36 34.44 -3.56
N ASN B 49 -6.42 35.01 -4.31
CA ASN B 49 -6.05 36.43 -4.19
C ASN B 49 -7.24 37.43 -4.27
N GLN B 50 -8.14 37.23 -5.23
CA GLN B 50 -9.33 38.06 -5.40
C GLN B 50 -10.23 37.96 -4.15
N ALA B 51 -10.53 36.73 -3.73
CA ALA B 51 -11.26 36.41 -2.49
C ALA B 51 -10.78 37.17 -1.22
N ILE B 52 -9.54 36.90 -0.80
CA ILE B 52 -8.98 37.51 0.42
C ILE B 52 -9.08 39.03 0.32
N THR B 53 -8.96 39.52 -0.89
CA THR B 53 -8.85 40.91 -1.07
C THR B 53 -10.19 41.56 -0.86
N GLU B 54 -11.25 40.82 -1.17
CA GLU B 54 -12.63 41.31 -1.04
C GLU B 54 -13.22 41.15 0.38
N LEU B 55 -12.80 40.07 1.03
CA LEU B 55 -13.19 39.79 2.38
C LEU B 55 -12.63 40.86 3.31
N LEU B 56 -11.53 41.44 2.87
CA LEU B 56 -10.89 42.49 3.65
C LEU B 56 -11.46 43.88 3.37
N ARG B 57 -12.34 44.00 2.38
CA ARG B 57 -12.80 45.35 1.98
C ARG B 57 -13.43 46.00 3.20
N GLY B 58 -13.08 47.26 3.47
CA GLY B 58 -13.61 47.98 4.62
C GLY B 58 -12.90 47.77 5.95
N THR B 59 -11.99 46.84 6.04
CA THR B 59 -11.26 46.62 7.27
C THR B 59 -10.07 47.59 7.43
N GLY B 60 -9.54 48.09 6.31
CA GLY B 60 -8.30 48.89 6.28
C GLY B 60 -7.07 48.00 6.36
N ALA B 61 -7.25 46.73 6.01
CA ALA B 61 -6.15 45.76 6.05
C ALA B 61 -5.70 45.33 4.66
N SER B 62 -4.41 45.00 4.57
CA SER B 62 -3.75 44.60 3.34
C SER B 62 -3.07 43.23 3.47
N VAL B 63 -2.68 42.67 2.33
CA VAL B 63 -2.24 41.28 2.27
C VAL B 63 -0.95 41.21 1.51
N ASP B 64 0.14 40.85 2.19
CA ASP B 64 1.38 40.45 1.55
C ASP B 64 1.23 38.97 1.22
N PHE B 65 1.58 38.60 -0.02
CA PHE B 65 1.64 37.19 -0.43
C PHE B 65 3.08 36.63 -0.37
N GLN B 66 3.83 36.93 0.70
CA GLN B 66 5.21 36.42 0.79
C GLN B 66 5.29 35.11 1.62
N GLY B 67 6.23 34.24 1.23
CA GLY B 67 6.31 32.84 1.70
C GLY B 67 5.22 32.04 0.98
N ASN B 68 4.72 30.98 1.62
CA ASN B 68 3.55 30.22 1.13
C ASN B 68 2.33 30.46 2.02
N ALA B 69 2.40 31.51 2.83
CA ALA B 69 1.30 31.91 3.73
C ALA B 69 0.97 33.35 3.47
N ILE B 70 -0.28 33.71 3.67
CA ILE B 70 -0.63 35.10 3.45
C ILE B 70 -0.61 35.91 4.77
N THR B 71 0.18 36.98 4.80
CA THR B 71 0.19 37.82 5.97
C THR B 71 -0.77 39.01 5.81
N ILE B 72 -1.55 39.20 6.87
CA ILE B 72 -2.50 40.29 6.98
C ILE B 72 -1.98 41.31 7.98
N SER B 73 -1.92 42.56 7.58
CA SER B 73 -1.44 43.64 8.46
C SER B 73 -2.36 44.84 8.31
N VAL B 74 -2.12 45.86 9.12
CA VAL B 74 -3.07 46.96 9.24
C VAL B 74 -2.51 48.31 8.79
N GLN B 93 20.41 31.64 4.46
CA GLN B 93 21.76 31.75 5.05
C GLN B 93 22.63 30.50 4.88
N LEU B 94 21.99 29.33 4.99
CA LEU B 94 22.59 28.03 4.59
C LEU B 94 22.23 27.81 3.12
N GLY B 95 21.48 28.79 2.61
CA GLY B 95 21.06 28.87 1.22
C GLY B 95 19.56 28.67 1.05
N THR B 96 19.15 28.42 -0.19
CA THR B 96 17.75 28.15 -0.49
C THR B 96 17.39 26.70 -0.13
N ILE B 97 16.32 26.55 0.65
CA ILE B 97 15.73 25.25 0.95
C ILE B 97 15.39 24.57 -0.37
N THR B 98 15.55 23.24 -0.41
CA THR B 98 15.27 22.47 -1.63
C THR B 98 13.94 21.76 -1.52
N GLU B 99 13.52 21.50 -0.29
CA GLU B 99 12.18 20.99 0.03
C GLU B 99 11.19 21.85 -0.69
N ASP B 100 10.17 21.23 -1.28
CA ASP B 100 9.06 21.98 -1.96
C ASP B 100 9.35 22.57 -3.38
N SER B 101 10.60 22.94 -3.66
CA SER B 101 10.98 23.40 -4.99
C SER B 101 10.69 22.35 -6.05
N GLY B 102 10.55 21.09 -5.62
CA GLY B 102 10.39 19.97 -6.54
C GLY B 102 11.58 19.66 -7.42
N SER B 103 12.73 20.33 -7.23
CA SER B 103 13.92 20.19 -8.09
C SER B 103 15.10 19.33 -7.56
N TYR B 104 15.94 18.89 -8.49
CA TYR B 104 17.13 18.10 -8.22
C TYR B 104 18.40 18.96 -8.23
N THR B 105 18.20 20.28 -8.28
CA THR B 105 19.30 21.26 -8.44
C THR B 105 19.28 22.16 -7.24
N PRO B 106 20.41 22.64 -6.82
CA PRO B 106 20.28 23.45 -5.66
C PRO B 106 20.00 24.92 -6.01
N GLY B 107 19.95 25.79 -5.03
CA GLY B 107 19.47 27.14 -5.29
C GLY B 107 20.71 27.95 -5.11
N THR B 108 20.93 28.40 -3.88
CA THR B 108 22.21 28.96 -3.50
C THR B 108 22.84 28.01 -2.45
N ILE B 109 24.08 28.26 -2.06
CA ILE B 109 24.74 27.49 -0.99
C ILE B 109 25.80 28.33 -0.34
N ALA B 110 26.03 28.13 0.95
CA ALA B 110 27.09 28.81 1.71
C ALA B 110 28.15 27.81 2.22
N THR B 111 28.07 26.58 1.74
CA THR B 111 28.97 25.48 2.07
C THR B 111 30.45 25.88 2.06
N ALA B 112 30.83 26.47 0.92
CA ALA B 112 32.16 26.95 0.56
C ALA B 112 32.78 28.03 1.47
N THR B 113 32.17 29.20 1.53
CA THR B 113 32.82 30.34 2.19
C THR B 113 32.04 30.99 3.33
N ARG B 114 30.85 30.46 3.60
CA ARG B 114 29.84 31.17 4.36
C ARG B 114 29.15 32.28 3.54
N LEU B 115 29.68 32.65 2.39
CA LEU B 115 28.95 33.57 1.50
C LEU B 115 27.87 32.80 0.76
N VAL B 116 26.65 33.30 0.81
CA VAL B 116 25.51 32.73 0.10
C VAL B 116 25.69 32.95 -1.41
N LEU B 117 25.98 31.88 -2.14
CA LEU B 117 26.29 31.99 -3.57
C LEU B 117 25.64 30.87 -4.33
N THR B 118 25.43 31.12 -5.62
CA THR B 118 24.90 30.14 -6.54
C THR B 118 26.06 29.22 -6.85
N PRO B 119 25.82 28.00 -7.39
CA PRO B 119 26.96 27.13 -7.76
C PRO B 119 27.89 27.78 -8.81
N ARG B 120 27.33 28.25 -9.91
CA ARG B 120 28.11 28.94 -10.93
C ARG B 120 28.98 30.02 -10.28
N GLU B 121 28.46 30.67 -9.25
CA GLU B 121 29.21 31.70 -8.55
C GLU B 121 30.24 31.19 -7.54
N THR B 122 30.20 29.88 -7.26
CA THR B 122 31.07 29.16 -6.31
C THR B 122 32.22 28.49 -7.07
N PRO B 123 33.49 28.88 -6.79
CA PRO B 123 34.66 28.44 -7.57
C PRO B 123 35.18 27.13 -7.03
N GLN B 124 34.26 26.31 -6.56
CA GLN B 124 34.60 25.00 -6.02
C GLN B 124 33.68 23.94 -6.60
N SER B 125 34.19 22.72 -6.72
CA SER B 125 33.34 21.57 -6.99
C SER B 125 32.31 21.40 -5.85
N ILE B 126 31.02 21.48 -6.17
CA ILE B 126 30.02 21.34 -5.11
C ILE B 126 28.84 20.50 -5.55
N THR B 127 28.55 19.46 -4.80
CA THR B 127 27.51 18.55 -5.20
C THR B 127 26.47 18.40 -4.11
N VAL B 128 25.19 18.44 -4.49
CA VAL B 128 24.13 18.39 -3.52
C VAL B 128 23.11 17.30 -3.83
N VAL B 129 22.43 16.84 -2.82
CA VAL B 129 21.37 15.95 -3.05
C VAL B 129 20.19 16.60 -2.40
N THR B 130 19.23 17.03 -3.21
CA THR B 130 18.12 17.85 -2.76
C THR B 130 17.05 16.97 -2.18
N ARG B 131 16.21 17.59 -1.37
CA ARG B 131 15.06 16.91 -0.73
C ARG B 131 14.21 16.00 -1.64
N GLN B 132 13.96 16.49 -2.84
CA GLN B 132 13.05 15.87 -3.79
C GLN B 132 13.73 14.68 -4.34
N ASN B 133 15.02 14.83 -4.60
CA ASN B 133 15.83 13.64 -4.96
C ASN B 133 15.70 12.49 -3.92
N MET B 134 15.86 12.86 -2.63
CA MET B 134 15.82 11.94 -1.46
C MET B 134 14.50 11.18 -1.35
N ASP B 135 13.42 11.93 -1.54
CA ASP B 135 12.04 11.41 -1.57
C ASP B 135 11.81 10.50 -2.74
N ASP B 136 12.04 11.02 -3.94
CA ASP B 136 11.82 10.20 -5.10
C ASP B 136 12.51 8.82 -4.96
N PHE B 137 13.73 8.80 -4.44
CA PHE B 137 14.51 7.55 -4.41
C PHE B 137 14.55 6.85 -3.07
N GLY B 138 13.80 7.37 -2.09
CA GLY B 138 13.78 6.72 -0.76
C GLY B 138 15.15 6.61 -0.12
N LEU B 139 16.02 7.57 -0.44
CA LEU B 139 17.29 7.72 0.24
C LEU B 139 17.01 8.05 1.73
N ASN B 140 17.09 7.02 2.56
CA ASN B 140 16.68 7.24 3.94
C ASN B 140 17.72 7.68 4.98
N ASN B 141 18.98 7.32 4.77
CA ASN B 141 20.10 7.73 5.64
C ASN B 141 21.30 8.18 4.80
N ILE B 142 22.26 8.79 5.49
CA ILE B 142 23.42 9.31 4.80
C ILE B 142 24.12 8.32 3.89
N ASP B 143 24.03 7.00 4.19
CA ASP B 143 24.72 6.00 3.38
C ASP B 143 24.04 5.91 1.99
N ASP B 144 22.72 5.79 2.05
CA ASP B 144 21.82 5.87 0.90
C ASP B 144 22.12 7.13 0.04
N VAL B 145 22.14 8.29 0.70
CA VAL B 145 22.41 9.52 0.04
C VAL B 145 23.75 9.40 -0.65
N MET B 146 24.78 8.89 0.00
CA MET B 146 26.12 8.92 -0.61
C MET B 146 26.15 7.97 -1.79
N ARG B 147 25.61 6.75 -1.63
CA ARG B 147 25.55 5.79 -2.78
C ARG B 147 25.04 6.45 -4.10
N HIS B 148 24.36 7.59 -3.96
CA HIS B 148 23.71 8.25 -5.07
C HIS B 148 24.36 9.56 -5.35
N THR B 149 25.48 9.86 -4.68
CA THR B 149 26.10 11.15 -4.92
C THR B 149 27.11 11.06 -6.05
N PRO B 150 26.98 11.89 -7.09
CA PRO B 150 28.00 11.87 -8.12
C PRO B 150 29.40 12.17 -7.56
N GLY B 151 30.35 11.28 -7.87
CA GLY B 151 31.75 11.45 -7.50
C GLY B 151 32.10 10.63 -6.29
N ILE B 152 31.13 9.93 -5.72
CA ILE B 152 31.32 9.27 -4.44
C ILE B 152 31.18 7.77 -4.53
N THR B 153 32.06 7.11 -3.78
CA THR B 153 32.20 5.69 -3.82
C THR B 153 32.05 5.26 -2.42
N VAL B 154 31.15 4.31 -2.22
CA VAL B 154 30.85 3.81 -0.91
C VAL B 154 31.37 2.38 -0.86
N SER B 155 32.28 2.14 0.09
CA SER B 155 32.79 0.78 0.37
C SER B 155 32.48 0.43 1.78
N ALA B 156 32.50 -0.87 2.06
CA ALA B 156 32.19 -1.37 3.41
C ALA B 156 33.40 -1.63 4.24
N TYR B 157 33.20 -1.51 5.56
CA TYR B 157 34.03 -2.08 6.62
C TYR B 157 33.28 -3.26 7.20
N ASP B 158 32.07 -3.00 7.70
CA ASP B 158 31.24 -4.06 8.23
C ASP B 158 29.79 -3.62 8.35
N THR B 159 28.89 -4.56 8.68
CA THR B 159 27.44 -4.31 8.61
C THR B 159 27.08 -2.92 9.09
N ASP B 160 27.87 -2.30 9.94
CA ASP B 160 27.41 -1.07 10.61
C ASP B 160 28.38 0.10 10.44
N ARG B 161 29.37 -0.02 9.57
CA ARG B 161 30.24 1.11 9.28
C ARG B 161 30.55 1.14 7.77
N ASN B 162 30.47 2.31 7.15
CA ASN B 162 30.83 2.39 5.76
C ASN B 162 31.93 3.40 5.53
N ASN B 163 32.44 3.38 4.31
CA ASN B 163 33.48 4.29 3.94
C ASN B 163 33.13 5.08 2.69
N TYR B 164 33.46 6.36 2.69
CA TYR B 164 33.08 7.15 1.56
C TYR B 164 34.34 7.69 1.01
N TYR B 165 34.54 7.53 -0.29
CA TYR B 165 35.74 8.11 -0.92
C TYR B 165 35.39 9.30 -1.82
N ALA B 166 36.28 10.32 -1.83
CA ALA B 166 36.32 11.33 -2.92
C ALA B 166 37.74 11.60 -3.39
N ARG B 167 37.93 11.47 -4.69
CA ARG B 167 39.14 11.92 -5.34
C ARG B 167 40.37 11.26 -4.74
N GLY B 168 40.31 9.95 -4.50
CA GLY B 168 41.41 9.24 -3.86
C GLY B 168 41.43 9.31 -2.32
N PHE B 169 40.42 9.94 -1.71
CA PHE B 169 40.42 10.00 -0.22
C PHE B 169 39.20 9.46 0.51
N SER B 170 39.42 8.86 1.68
CA SER B 170 38.32 8.62 2.58
C SER B 170 37.79 9.94 3.12
N ILE B 171 36.52 10.21 2.85
CA ILE B 171 35.89 11.38 3.45
C ILE B 171 35.81 11.11 4.93
N ASN B 172 36.26 12.08 5.71
CA ASN B 172 36.21 11.98 7.16
C ASN B 172 35.88 13.35 7.76
N ASN B 173 35.12 14.18 7.04
CA ASN B 173 34.58 15.49 7.54
C ASN B 173 33.06 15.64 7.43
N PHE B 174 32.37 15.76 8.57
CA PHE B 174 30.94 16.00 8.54
C PHE B 174 30.58 17.33 9.16
N GLN B 175 29.71 18.09 8.50
CA GLN B 175 29.15 19.24 9.14
C GLN B 175 27.62 19.06 9.32
N TYR B 176 27.10 19.67 10.37
CA TYR B 176 25.68 19.75 10.65
C TYR B 176 25.29 21.21 10.73
N ASP B 177 24.54 21.65 9.72
CA ASP B 177 24.18 23.06 9.58
C ASP B 177 25.45 23.87 9.71
N GLY B 178 26.45 23.48 8.93
CA GLY B 178 27.77 24.12 8.98
C GLY B 178 28.67 23.72 10.14
N ILE B 179 28.13 23.16 11.22
CA ILE B 179 28.99 22.86 12.37
C ILE B 179 29.74 21.53 12.18
N PRO B 180 31.08 21.57 12.15
CA PRO B 180 31.99 20.39 12.04
C PRO B 180 32.01 19.38 13.22
N SER B 181 31.92 18.09 12.92
CA SER B 181 31.89 17.00 13.90
C SER B 181 33.30 16.60 14.31
N THR B 182 33.49 16.35 15.59
CA THR B 182 34.80 16.00 16.06
C THR B 182 34.89 14.52 16.40
N ALA B 183 33.80 13.77 16.19
CA ALA B 183 33.75 12.30 16.45
C ALA B 183 34.19 11.42 15.25
N ARG B 184 35.42 11.66 14.77
CA ARG B 184 35.95 11.24 13.47
C ARG B 184 36.85 9.97 13.40
N ASN B 185 36.96 9.17 14.48
CA ASN B 185 37.60 7.86 14.36
C ASN B 185 36.53 6.73 14.17
N VAL B 186 36.45 6.23 12.93
CA VAL B 186 35.53 5.15 12.52
C VAL B 186 35.81 3.85 13.22
N GLY B 187 36.96 3.79 13.89
CA GLY B 187 37.32 2.65 14.70
C GLY B 187 36.36 2.62 15.86
N TYR B 188 35.94 3.82 16.25
CA TYR B 188 35.02 4.03 17.33
C TYR B 188 33.85 4.80 16.76
N SER B 189 33.26 4.19 15.72
CA SER B 189 32.07 4.68 14.97
C SER B 189 30.92 5.12 15.87
N ALA B 190 30.57 6.41 15.78
CA ALA B 190 29.46 6.89 16.56
C ALA B 190 28.39 7.56 15.69
N GLY B 191 28.09 6.95 14.57
CA GLY B 191 26.89 7.34 13.90
C GLY B 191 26.94 8.32 12.76
N ASN B 192 28.07 8.94 12.46
CA ASN B 192 28.12 9.83 11.27
C ASN B 192 27.82 9.14 9.95
N THR B 193 28.03 7.84 9.98
CA THR B 193 27.93 6.95 8.83
C THR B 193 26.44 6.56 8.62
N LEU B 194 25.59 6.88 9.61
CA LEU B 194 24.24 6.32 9.73
C LEU B 194 23.07 7.33 9.85
N SER B 195 23.38 8.64 9.84
CA SER B 195 22.37 9.69 9.99
C SER B 195 21.18 9.45 9.11
N ASP B 196 20.02 9.50 9.72
CA ASP B 196 18.78 9.29 9.06
C ASP B 196 18.26 10.61 8.52
N MET B 197 17.81 10.55 7.29
CA MET B 197 17.53 11.74 6.46
C MET B 197 16.26 12.50 6.84
N ALA B 198 15.42 11.91 7.70
CA ALA B 198 14.11 12.50 7.93
C ALA B 198 14.16 13.94 8.43
N ILE B 199 15.31 14.31 8.99
CA ILE B 199 15.41 15.60 9.64
C ILE B 199 16.20 16.60 8.85
N TYR B 200 16.56 16.24 7.62
CA TYR B 200 17.38 17.08 6.80
C TYR B 200 16.69 17.53 5.52
N ASP B 201 17.09 18.73 5.09
CA ASP B 201 16.62 19.31 3.85
C ASP B 201 17.41 18.86 2.66
N ARG B 202 18.71 18.88 2.78
CA ARG B 202 19.54 18.50 1.68
C ARG B 202 20.88 18.09 2.24
N VAL B 203 21.67 17.37 1.44
CA VAL B 203 23.04 17.08 1.83
C VAL B 203 24.00 17.79 0.89
N GLU B 204 24.84 18.68 1.40
CA GLU B 204 25.81 19.30 0.49
C GLU B 204 27.15 18.59 0.61
N VAL B 205 27.71 18.17 -0.52
CA VAL B 205 29.00 17.54 -0.56
C VAL B 205 29.97 18.46 -1.29
N LEU B 206 30.93 19.03 -0.57
CA LEU B 206 31.87 19.96 -1.14
C LEU B 206 33.20 19.27 -1.35
N LYS B 207 33.64 19.20 -2.62
CA LYS B 207 34.78 18.34 -3.02
C LYS B 207 36.09 19.06 -3.34
N GLY B 208 37.17 18.55 -2.79
CA GLY B 208 38.46 19.10 -3.01
C GLY B 208 39.13 19.23 -1.67
N ALA B 209 39.65 20.43 -1.39
CA ALA B 209 40.26 20.73 -0.09
C ALA B 209 39.34 21.73 0.62
N THR B 210 38.82 21.33 1.78
CA THR B 210 37.78 22.11 2.44
C THR B 210 38.17 22.67 3.81
N GLY B 211 39.45 22.94 4.03
CA GLY B 211 39.93 23.55 5.25
C GLY B 211 39.32 24.89 5.62
N LEU B 212 38.96 25.73 4.63
CA LEU B 212 38.53 27.10 4.97
C LEU B 212 37.52 27.07 6.11
N LEU B 213 36.35 26.52 5.82
CA LEU B 213 35.32 26.32 6.84
C LEU B 213 35.48 25.02 7.64
N THR B 214 36.12 24.00 7.10
CA THR B 214 36.18 22.80 7.90
C THR B 214 37.10 22.94 9.10
N GLY B 215 38.04 23.89 9.08
CA GLY B 215 39.15 23.82 10.04
C GLY B 215 39.88 22.52 9.77
N ALA B 216 40.48 21.91 10.81
CA ALA B 216 41.25 20.64 10.66
C ALA B 216 40.41 19.49 10.08
N GLY B 217 41.01 18.65 9.25
CA GLY B 217 40.24 17.58 8.64
C GLY B 217 40.94 16.91 7.48
N SER B 218 40.29 15.88 6.92
CA SER B 218 40.84 15.03 5.85
C SER B 218 40.71 15.69 4.49
N LEU B 219 41.40 15.16 3.48
CA LEU B 219 41.23 15.66 2.13
C LEU B 219 39.97 15.04 1.51
N GLY B 220 39.56 15.50 0.34
CA GLY B 220 38.58 14.78 -0.46
C GLY B 220 37.33 15.59 -0.59
N ALA B 221 36.61 15.70 0.53
CA ALA B 221 35.31 16.39 0.60
C ALA B 221 34.96 16.79 2.06
N THR B 222 33.98 17.69 2.22
CA THR B 222 33.21 17.68 3.44
C THR B 222 31.78 17.33 3.11
N ILE B 223 31.12 16.60 4.00
CA ILE B 223 29.69 16.31 3.81
C ILE B 223 28.91 17.15 4.83
N ASN B 224 28.05 18.03 4.30
CA ASN B 224 27.29 18.96 5.11
C ASN B 224 25.78 18.71 5.03
N LEU B 225 25.21 18.41 6.19
CA LEU B 225 23.80 18.12 6.26
C LEU B 225 23.07 19.35 6.76
N ILE B 226 22.16 19.87 5.93
CA ILE B 226 21.32 20.97 6.30
C ILE B 226 20.05 20.31 6.88
N ARG B 227 19.72 20.69 8.14
CA ARG B 227 18.53 20.26 8.86
C ARG B 227 17.24 20.87 8.30
N LYS B 228 16.12 20.16 8.37
CA LYS B 228 14.81 20.82 8.09
C LYS B 228 14.59 22.01 9.03
N LYS B 229 13.80 22.99 8.59
CA LYS B 229 13.52 24.19 9.41
C LYS B 229 12.03 24.48 9.60
N PRO B 230 11.64 25.30 10.61
CA PRO B 230 10.20 25.46 10.73
C PRO B 230 9.63 26.36 9.63
N THR B 231 8.32 26.47 9.56
CA THR B 231 7.73 27.16 8.47
C THR B 231 6.62 28.12 8.88
N HIS B 232 6.52 29.22 8.15
CA HIS B 232 5.41 30.12 8.28
C HIS B 232 4.04 29.45 7.98
N GLU B 233 3.99 28.46 7.11
CA GLU B 233 2.73 27.71 6.90
C GLU B 233 2.71 26.38 7.65
N PHE B 234 1.51 25.87 7.88
CA PHE B 234 1.34 24.53 8.44
C PHE B 234 1.45 23.49 7.33
N LYS B 235 2.53 22.72 7.34
CA LYS B 235 2.60 21.57 6.47
C LYS B 235 3.02 20.38 7.32
N GLY B 236 2.64 19.18 6.90
CA GLY B 236 3.23 17.99 7.47
C GLY B 236 3.08 16.77 6.60
N HIS B 237 3.59 15.64 7.06
CA HIS B 237 3.26 14.39 6.41
C HIS B 237 3.49 13.22 7.30
N VAL B 238 2.86 12.12 6.94
CA VAL B 238 3.12 10.86 7.57
C VAL B 238 3.54 9.97 6.46
N GLU B 239 4.47 9.07 6.73
CA GLU B 239 4.91 8.11 5.72
C GLU B 239 5.10 6.77 6.31
N LEU B 240 4.57 5.74 5.65
CA LEU B 240 4.76 4.33 6.08
C LEU B 240 5.42 3.47 4.99
N GLY B 241 6.54 2.84 5.26
CA GLY B 241 7.16 2.05 4.19
C GLY B 241 7.37 0.60 4.56
N ALA B 242 7.30 -0.29 3.56
CA ALA B 242 7.63 -1.73 3.75
C ALA B 242 8.56 -2.11 2.67
N GLY B 243 9.69 -2.75 3.03
CA GLY B 243 10.73 -3.14 2.07
C GLY B 243 11.28 -4.56 2.27
N SER B 244 11.98 -5.08 1.26
CA SER B 244 12.70 -6.35 1.31
C SER B 244 13.32 -6.69 2.66
N TRP B 245 13.25 -7.96 3.03
CA TRP B 245 13.88 -8.42 4.28
C TRP B 245 13.24 -7.71 5.47
N ASP B 246 11.91 -7.81 5.53
CA ASP B 246 11.14 -7.16 6.59
C ASP B 246 11.72 -5.75 6.93
N ASN B 247 11.74 -4.84 5.98
CA ASN B 247 12.22 -3.51 6.27
C ASN B 247 11.01 -2.58 6.47
N TYR B 248 10.71 -2.24 7.71
CA TYR B 248 9.54 -1.40 8.05
C TYR B 248 9.97 -0.01 8.53
N ARG B 249 9.34 1.06 8.05
CA ARG B 249 9.74 2.40 8.47
C ARG B 249 8.53 3.27 8.64
N SER B 250 8.53 4.10 9.67
CA SER B 250 7.48 5.09 9.81
C SER B 250 8.05 6.48 10.12
N GLU B 251 7.46 7.53 9.60
CA GLU B 251 8.01 8.85 9.80
C GLU B 251 6.90 9.88 9.93
N LEU B 252 7.14 10.87 10.78
CA LEU B 252 6.22 11.97 11.08
C LEU B 252 6.99 13.28 11.04
N ASP B 253 6.37 14.28 10.42
CA ASP B 253 7.01 15.60 10.18
C ASP B 253 5.88 16.64 10.25
N VAL B 254 5.87 17.49 11.27
CA VAL B 254 4.84 18.55 11.34
C VAL B 254 5.57 19.86 11.44
N SER B 255 5.10 20.85 10.72
CA SER B 255 5.74 22.14 10.82
C SER B 255 4.72 23.24 10.76
N GLY B 256 4.94 24.33 11.50
CA GLY B 256 4.02 25.46 11.36
C GLY B 256 4.22 26.58 12.34
N PRO B 257 3.37 27.60 12.26
CA PRO B 257 3.30 28.66 13.27
C PRO B 257 2.67 28.16 14.56
N LEU B 258 3.21 28.62 15.68
CA LEU B 258 2.64 28.28 16.97
C LEU B 258 1.87 29.47 17.53
N THR B 259 2.13 30.65 17.01
CA THR B 259 1.29 31.84 17.29
C THR B 259 0.58 32.21 16.03
N GLU B 260 -0.55 32.87 16.16
CA GLU B 260 -1.36 33.15 14.99
C GLU B 260 -0.69 34.21 14.08
N SER B 261 0.28 34.95 14.62
CA SER B 261 0.99 35.91 13.80
C SER B 261 2.17 35.29 13.09
N GLY B 262 2.53 34.07 13.48
CA GLY B 262 3.68 33.39 12.92
C GLY B 262 5.02 33.79 13.52
N ASN B 263 5.00 34.71 14.49
CA ASN B 263 6.24 35.20 15.12
C ASN B 263 6.98 34.09 15.87
N VAL B 264 6.22 33.09 16.33
CA VAL B 264 6.82 31.84 16.76
C VAL B 264 6.45 30.71 15.80
N ARG B 265 7.47 29.96 15.39
CA ARG B 265 7.34 28.79 14.52
C ARG B 265 8.01 27.50 15.12
N GLY B 266 7.51 26.33 14.74
CA GLY B 266 8.07 25.08 15.23
C GLY B 266 8.07 23.96 14.21
N ARG B 267 9.04 23.04 14.32
CA ARG B 267 8.96 21.78 13.57
C ARG B 267 9.31 20.62 14.43
N ALA B 268 8.62 19.51 14.24
CA ALA B 268 9.01 18.26 14.94
C ALA B 268 8.99 17.14 13.95
N VAL B 269 9.97 16.24 14.09
CA VAL B 269 10.06 15.07 13.23
C VAL B 269 10.35 13.88 14.07
N ALA B 270 9.66 12.80 13.82
CA ALA B 270 10.13 11.51 14.38
C ALA B 270 10.04 10.39 13.32
N ALA B 271 10.94 9.42 13.43
CA ALA B 271 10.90 8.30 12.51
C ALA B 271 11.41 7.04 13.16
N TYR B 272 11.05 5.90 12.59
CA TYR B 272 11.38 4.64 13.21
C TYR B 272 11.49 3.59 12.16
N GLN B 273 12.54 2.78 12.23
CA GLN B 273 12.74 1.74 11.22
C GLN B 273 13.29 0.48 11.86
N ASP B 274 12.83 -0.64 11.35
CA ASP B 274 13.17 -1.93 11.86
C ASP B 274 13.43 -2.68 10.59
N LYS B 275 14.64 -3.18 10.40
CA LYS B 275 14.87 -4.02 9.26
C LYS B 275 15.63 -5.28 9.59
N HIS B 276 15.38 -6.32 8.82
CA HIS B 276 16.27 -7.46 8.83
C HIS B 276 17.17 -7.23 7.66
N SER B 277 17.86 -8.26 7.18
CA SER B 277 18.44 -8.09 5.86
C SER B 277 18.66 -9.35 5.04
N PHE B 278 19.13 -9.17 3.80
CA PHE B 278 19.59 -10.29 3.02
C PHE B 278 20.62 -11.11 3.81
N MET B 279 21.22 -10.48 4.80
CA MET B 279 22.20 -11.13 5.59
C MET B 279 21.57 -11.80 6.78
N ASP B 280 21.93 -13.06 6.91
CA ASP B 280 21.49 -13.91 8.00
C ASP B 280 21.59 -13.30 9.39
N HIS B 281 20.67 -13.68 10.25
CA HIS B 281 20.60 -13.15 11.64
C HIS B 281 20.96 -11.66 11.92
N TYR B 282 20.62 -10.74 11.04
CA TYR B 282 20.91 -9.31 11.30
C TYR B 282 19.67 -8.47 11.32
N GLU B 283 19.53 -7.68 12.37
CA GLU B 283 18.43 -6.79 12.41
C GLU B 283 18.81 -5.47 13.07
N ARG B 284 18.21 -4.38 12.62
CA ARG B 284 18.60 -3.08 13.15
C ARG B 284 17.40 -2.21 13.33
N LYS B 285 17.23 -1.75 14.56
CA LYS B 285 16.17 -0.82 14.88
C LYS B 285 16.74 0.59 15.00
N THR B 286 16.16 1.55 14.29
CA THR B 286 16.67 2.93 14.32
C THR B 286 15.53 3.91 14.65
N SER B 287 15.80 4.85 15.54
CA SER B 287 14.79 5.77 16.10
C SER B 287 15.28 7.17 16.00
N VAL B 288 14.45 8.05 15.45
CA VAL B 288 14.87 9.45 15.39
C VAL B 288 13.85 10.45 15.89
N TYR B 289 14.33 11.48 16.58
CA TYR B 289 13.45 12.58 16.99
C TYR B 289 14.12 13.92 16.83
N TYR B 290 13.31 14.92 16.52
CA TYR B 290 13.84 16.25 16.25
C TYR B 290 12.75 17.23 16.48
N GLY B 291 13.11 18.30 17.16
CA GLY B 291 12.15 19.36 17.46
C GLY B 291 12.96 20.63 17.37
N ILE B 292 12.34 21.65 16.83
CA ILE B 292 13.00 22.95 16.62
C ILE B 292 11.96 24.09 16.74
N LEU B 293 12.42 25.20 17.30
CA LEU B 293 11.59 26.38 17.55
C LEU B 293 12.29 27.57 16.95
N GLU B 294 11.51 28.40 16.29
CA GLU B 294 11.99 29.70 15.85
C GLU B 294 11.13 30.76 16.50
N PHE B 295 11.77 31.68 17.21
CA PHE B 295 11.11 32.84 17.82
C PHE B 295 11.64 34.06 17.12
N ASP B 296 10.74 34.98 16.78
CA ASP B 296 11.19 36.31 16.34
C ASP B 296 11.19 37.28 17.51
N LEU B 297 12.37 37.81 17.82
CA LEU B 297 12.53 38.71 18.93
C LEU B 297 11.99 40.06 18.49
N ASN B 298 12.37 40.44 17.28
CA ASN B 298 11.82 41.59 16.55
C ASN B 298 11.95 41.34 15.05
N PRO B 299 11.52 42.31 14.21
CA PRO B 299 11.62 42.11 12.75
C PRO B 299 13.07 42.03 12.21
N ASP B 300 14.04 42.03 13.12
CA ASP B 300 15.46 42.05 12.77
C ASP B 300 16.23 40.94 13.51
N THR B 301 15.56 40.24 14.40
CA THR B 301 16.26 39.30 15.27
C THR B 301 15.50 38.01 15.51
N MET B 302 16.19 36.91 15.22
CA MET B 302 15.66 35.56 15.37
C MET B 302 16.53 34.69 16.24
N LEU B 303 15.91 34.12 17.28
CA LEU B 303 16.49 33.09 18.15
C LEU B 303 15.94 31.73 17.73
N THR B 304 16.81 30.74 17.65
CA THR B 304 16.38 29.36 17.32
C THR B 304 16.89 28.41 18.40
N VAL B 305 16.00 27.59 18.95
CA VAL B 305 16.47 26.47 19.74
C VAL B 305 16.02 25.14 19.12
N GLY B 306 16.83 24.09 19.30
CA GLY B 306 16.56 22.79 18.69
C GLY B 306 17.28 21.59 19.29
N ALA B 307 16.61 20.45 19.23
CA ALA B 307 17.17 19.20 19.75
C ALA B 307 16.99 18.13 18.71
N ASP B 308 17.97 17.23 18.65
CA ASP B 308 17.83 16.01 17.87
C ASP B 308 18.48 14.84 18.53
N TYR B 309 18.01 13.67 18.14
CA TYR B 309 18.29 12.45 18.82
C TYR B 309 18.18 11.38 17.77
N GLN B 310 19.15 10.47 17.76
CA GLN B 310 19.12 9.30 16.86
C GLN B 310 19.88 8.09 17.37
N ASP B 311 19.17 6.95 17.37
CA ASP B 311 19.65 5.71 17.96
C ASP B 311 19.66 4.63 16.91
N ASN B 312 20.83 4.06 16.65
CA ASN B 312 21.01 2.91 15.80
C ASN B 312 21.38 1.74 16.67
N ASP B 313 20.55 0.72 16.60
CA ASP B 313 20.60 -0.41 17.49
C ASP B 313 20.48 -1.77 16.79
N PRO B 314 21.58 -2.35 16.34
CA PRO B 314 21.43 -3.60 15.62
C PRO B 314 21.71 -4.87 16.49
N LYS B 315 21.66 -6.04 15.87
CA LYS B 315 21.93 -7.30 16.51
C LYS B 315 22.46 -8.18 15.40
N GLY B 316 23.48 -8.99 15.67
CA GLY B 316 24.11 -9.82 14.61
C GLY B 316 25.06 -8.98 13.75
N SER B 317 25.51 -7.88 14.34
CA SER B 317 26.44 -6.98 13.75
C SER B 317 27.67 -7.77 13.44
N GLY B 318 28.21 -7.56 12.26
CA GLY B 318 29.49 -8.20 11.95
C GLY B 318 30.60 -7.26 12.27
N TRP B 319 31.81 -7.75 12.25
CA TRP B 319 32.91 -6.90 12.60
C TRP B 319 34.03 -7.32 11.66
N SER B 320 34.66 -6.30 11.05
CA SER B 320 35.64 -6.52 9.96
C SER B 320 35.16 -7.52 8.91
N GLY B 321 34.39 -7.05 7.94
CA GLY B 321 34.03 -7.83 6.78
C GLY B 321 32.78 -8.64 7.05
N SER B 322 32.40 -9.47 6.08
CA SER B 322 31.21 -10.26 6.27
C SER B 322 31.58 -11.72 6.36
N PHE B 323 32.81 -12.03 5.93
CA PHE B 323 33.41 -13.37 5.99
C PHE B 323 34.88 -13.32 5.69
N PRO B 324 35.65 -14.24 6.31
CA PRO B 324 37.08 -14.23 6.00
C PRO B 324 37.28 -14.64 4.55
N LEU B 325 38.22 -14.02 3.86
CA LEU B 325 38.52 -14.44 2.49
C LEU B 325 39.07 -15.88 2.33
N PHE B 326 39.82 -16.35 3.34
CA PHE B 326 40.58 -17.60 3.26
C PHE B 326 40.28 -18.49 4.44
N ASP B 327 40.18 -19.81 4.19
CA ASP B 327 40.07 -20.82 5.25
C ASP B 327 41.45 -21.09 5.87
N SER B 328 41.51 -21.99 6.85
CA SER B 328 42.73 -22.24 7.66
C SER B 328 43.86 -22.59 6.77
N GLN B 329 43.53 -23.05 5.56
CA GLN B 329 44.48 -23.59 4.63
C GLN B 329 44.86 -22.64 3.50
N GLY B 330 44.21 -21.48 3.41
CA GLY B 330 44.50 -20.50 2.35
C GLY B 330 43.78 -20.75 1.02
N ASN B 331 42.69 -21.51 1.05
CA ASN B 331 41.84 -21.66 -0.13
C ASN B 331 40.84 -20.50 -0.13
N ARG B 332 40.42 -20.02 -1.31
CA ARG B 332 39.35 -18.99 -1.31
C ARG B 332 38.02 -19.54 -0.70
N ASN B 333 37.54 -18.92 0.36
CA ASN B 333 36.25 -19.25 0.93
C ASN B 333 35.13 -18.94 -0.07
N ASP B 334 34.17 -19.86 -0.19
CA ASP B 334 32.99 -19.69 -1.04
C ASP B 334 31.71 -19.57 -0.22
N VAL B 335 31.09 -18.37 -0.15
CA VAL B 335 29.86 -18.18 0.67
C VAL B 335 28.72 -17.42 0.01
N SER B 336 27.51 -17.73 0.48
CA SER B 336 26.31 -17.08 -0.02
C SER B 336 26.36 -15.65 0.32
N ARG B 337 25.66 -14.85 -0.46
CA ARG B 337 25.49 -13.49 -0.12
C ARG B 337 24.97 -13.31 1.33
N SER B 338 24.20 -14.28 1.80
CA SER B 338 23.51 -14.06 3.05
C SER B 338 24.31 -14.42 4.30
N PHE B 339 25.60 -14.75 4.14
CA PHE B 339 26.43 -15.19 5.24
C PHE B 339 26.84 -13.99 6.06
N ASN B 340 26.83 -14.19 7.38
CA ASN B 340 27.05 -13.12 8.37
C ASN B 340 27.99 -13.58 9.48
N ASN B 341 29.26 -13.23 9.40
CA ASN B 341 30.28 -13.73 10.31
C ASN B 341 29.98 -13.47 11.80
N GLY B 342 29.14 -12.46 12.11
CA GLY B 342 28.85 -12.05 13.51
C GLY B 342 28.02 -13.00 14.38
N ALA B 343 28.29 -13.03 15.68
CA ALA B 343 27.43 -13.64 16.67
C ALA B 343 26.02 -13.02 16.74
N LYS B 344 25.03 -13.83 17.16
CA LYS B 344 23.64 -13.38 17.30
C LYS B 344 23.50 -12.14 18.15
N TRP B 345 24.35 -12.07 19.18
CA TRP B 345 24.33 -11.03 20.19
C TRP B 345 25.24 -9.87 19.88
N SER B 346 26.08 -10.00 18.86
CA SER B 346 26.92 -8.91 18.40
C SER B 346 26.18 -7.65 17.97
N SER B 347 26.67 -6.50 18.38
CA SER B 347 25.92 -5.28 18.17
C SER B 347 26.79 -4.02 18.18
N TRP B 348 26.81 -3.29 17.06
CA TRP B 348 27.44 -2.00 17.09
C TRP B 348 26.43 -0.88 17.27
N GLU B 349 25.82 -0.83 18.43
CA GLU B 349 24.92 0.26 18.77
C GLU B 349 25.63 1.58 18.58
N GLN B 350 25.00 2.55 17.93
CA GLN B 350 25.57 3.90 17.85
C GLN B 350 24.48 4.98 17.95
N TYR B 351 24.71 5.98 18.78
CA TYR B 351 23.71 7.02 18.99
C TYR B 351 24.30 8.42 18.96
N THR B 352 23.49 9.37 18.50
CA THR B 352 23.92 10.76 18.39
C THR B 352 22.82 11.64 18.97
N ARG B 353 23.16 12.84 19.42
CA ARG B 353 22.13 13.70 19.92
C ARG B 353 22.64 15.09 20.12
N THR B 354 21.86 16.09 19.73
CA THR B 354 22.33 17.48 19.72
C THR B 354 21.32 18.41 20.35
N VAL B 355 21.79 19.31 21.20
CA VAL B 355 21.05 20.47 21.64
C VAL B 355 21.83 21.66 21.15
N PHE B 356 21.12 22.62 20.53
CA PHE B 356 21.79 23.79 19.97
C PHE B 356 20.97 25.06 19.91
N ALA B 357 21.68 26.19 19.86
CA ALA B 357 21.06 27.52 19.78
C ALA B 357 21.69 28.43 18.71
N ASN B 358 20.89 29.36 18.22
CA ASN B 358 21.23 30.23 17.10
C ASN B 358 20.65 31.58 17.40
N LEU B 359 21.28 32.64 16.94
CA LEU B 359 20.70 33.94 17.11
C LEU B 359 21.28 34.73 15.99
N GLU B 360 20.49 35.07 14.98
CA GLU B 360 21.06 35.92 13.96
C GLU B 360 20.38 37.25 13.95
N HIS B 361 21.12 38.28 13.53
CA HIS B 361 20.66 39.67 13.59
C HIS B 361 20.97 40.38 12.28
N ASN B 362 19.99 41.05 11.71
CA ASN B 362 20.24 41.98 10.61
C ASN B 362 20.65 43.33 11.19
N PHE B 363 21.71 43.90 10.65
CA PHE B 363 22.15 45.22 11.05
C PHE B 363 21.60 46.24 10.06
N ALA B 364 21.08 47.36 10.56
CA ALA B 364 20.56 48.41 9.66
C ALA B 364 21.77 48.95 8.89
N ASN B 365 22.07 48.32 7.75
CA ASN B 365 23.40 48.36 7.21
C ASN B 365 23.57 47.46 5.99
N GLY B 366 22.78 46.39 5.94
CA GLY B 366 22.97 45.33 4.96
C GLY B 366 23.72 44.11 5.52
N TRP B 367 24.45 44.29 6.63
CA TRP B 367 25.27 43.23 7.25
C TRP B 367 24.46 42.32 8.17
N VAL B 368 24.76 41.02 8.15
CA VAL B 368 24.13 40.07 9.08
C VAL B 368 25.18 39.31 9.92
N GLY B 369 24.83 38.97 11.17
CA GLY B 369 25.73 38.24 12.06
C GLY B 369 25.00 37.11 12.76
N LYS B 370 25.64 35.96 12.91
CA LYS B 370 24.96 34.78 13.43
C LYS B 370 25.79 34.09 14.50
N VAL B 371 25.15 33.72 15.61
CA VAL B 371 25.81 32.97 16.70
C VAL B 371 25.24 31.56 16.83
N GLN B 372 26.11 30.54 16.80
CA GLN B 372 25.66 29.15 16.92
C GLN B 372 26.26 28.47 18.15
N LEU B 373 25.43 27.97 19.05
CA LEU B 373 25.94 27.17 20.19
C LEU B 373 25.63 25.67 20.12
N ASP B 374 26.61 24.79 20.01
CA ASP B 374 26.29 23.36 19.94
C ASP B 374 26.72 22.50 21.09
N HIS B 375 25.82 21.64 21.49
CA HIS B 375 26.21 20.58 22.36
C HIS B 375 26.00 19.24 21.62
N LYS B 376 27.07 18.57 21.17
CA LYS B 376 26.88 17.35 20.38
C LYS B 376 27.29 16.10 21.08
N ILE B 377 26.63 14.99 20.80
CA ILE B 377 26.95 13.73 21.45
C ILE B 377 27.01 12.63 20.45
N ASN B 378 28.09 11.84 20.49
CA ASN B 378 28.24 10.73 19.60
C ASN B 378 28.66 9.59 20.49
N GLY B 379 27.81 8.58 20.64
CA GLY B 379 28.14 7.49 21.52
C GLY B 379 28.17 6.23 20.69
N TYR B 380 28.83 5.20 21.23
CA TYR B 380 28.76 3.85 20.69
C TYR B 380 28.59 2.93 21.87
N HIS B 381 28.11 1.71 21.61
CA HIS B 381 28.04 0.64 22.58
C HIS B 381 28.17 -0.71 21.80
N ALA B 382 29.41 -1.16 21.62
CA ALA B 382 29.69 -2.25 20.72
C ALA B 382 30.28 -3.49 21.41
N PRO B 383 29.42 -4.30 21.99
CA PRO B 383 29.85 -5.67 22.25
C PRO B 383 29.89 -6.49 20.95
N LEU B 384 31.03 -6.50 20.29
CA LEU B 384 31.14 -7.16 19.03
C LEU B 384 31.58 -8.55 19.25
N GLY B 385 31.24 -9.41 18.32
CA GLY B 385 31.81 -10.80 18.29
C GLY B 385 31.60 -11.34 16.89
N ALA B 386 32.65 -11.79 16.22
CA ALA B 386 32.46 -12.20 14.83
C ALA B 386 33.53 -13.20 14.47
N ILE B 387 33.29 -13.99 13.41
CA ILE B 387 34.30 -14.95 12.94
C ILE B 387 35.34 -14.20 12.14
N MET B 388 36.59 -14.23 12.61
CA MET B 388 37.66 -13.63 11.82
C MET B 388 38.99 -14.35 11.92
N GLY B 389 39.83 -14.10 10.92
CA GLY B 389 41.02 -14.91 10.66
C GLY B 389 40.75 -16.00 9.61
N ASP B 390 41.70 -16.91 9.47
CA ASP B 390 41.64 -17.89 8.43
C ASP B 390 40.81 -19.05 8.90
N TRP B 391 39.54 -19.07 8.52
CA TRP B 391 38.63 -20.16 8.88
C TRP B 391 37.70 -20.49 7.70
N PRO B 392 37.10 -21.71 7.66
CA PRO B 392 37.15 -22.83 8.63
C PRO B 392 38.46 -23.56 8.62
N ALA B 393 38.67 -24.36 9.67
CA ALA B 393 39.66 -25.44 9.70
C ALA B 393 39.12 -26.60 8.85
N PRO B 394 39.94 -27.64 8.61
CA PRO B 394 39.47 -28.76 7.75
C PRO B 394 38.21 -29.50 8.24
N ASP B 395 38.05 -29.59 9.56
CA ASP B 395 36.87 -30.19 10.21
C ASP B 395 35.64 -29.26 10.34
N ASN B 396 35.69 -28.09 9.70
CA ASN B 396 34.55 -27.16 9.65
C ASN B 396 34.38 -26.33 10.91
N SER B 397 35.33 -26.40 11.83
CA SER B 397 35.24 -25.59 13.03
C SER B 397 35.82 -24.20 12.76
N ALA B 398 35.58 -23.26 13.67
CA ALA B 398 36.08 -21.88 13.54
C ALA B 398 36.13 -21.15 14.88
N LYS B 399 36.86 -20.03 14.91
CA LYS B 399 36.90 -19.23 16.10
C LYS B 399 36.34 -17.84 15.88
N ILE B 400 35.81 -17.28 16.97
CA ILE B 400 35.22 -15.94 17.06
C ILE B 400 36.23 -15.05 17.73
N VAL B 401 36.23 -13.77 17.37
CA VAL B 401 36.96 -12.79 18.12
C VAL B 401 35.90 -11.95 18.77
N ALA B 402 35.98 -11.77 20.09
CA ALA B 402 35.02 -10.96 20.83
C ALA B 402 35.70 -9.87 21.71
N GLN B 403 35.19 -8.65 21.60
CA GLN B 403 35.72 -7.50 22.28
C GLN B 403 34.56 -6.56 22.36
N LYS B 404 34.49 -5.79 23.44
CA LYS B 404 33.36 -4.90 23.66
C LYS B 404 33.91 -3.48 23.81
N TYR B 405 33.35 -2.53 23.07
CA TYR B 405 33.83 -1.15 23.02
C TYR B 405 32.69 -0.22 23.34
N THR B 406 32.80 0.50 24.45
CA THR B 406 31.75 1.47 24.84
C THR B 406 32.33 2.85 25.09
N GLY B 407 31.64 3.88 24.67
CA GLY B 407 32.14 5.21 24.88
C GLY B 407 31.18 6.26 24.39
N GLU B 408 31.54 7.49 24.72
CA GLU B 408 30.77 8.67 24.40
C GLU B 408 31.72 9.83 24.14
N THR B 409 31.27 10.83 23.38
CA THR B 409 32.08 11.98 23.00
C THR B 409 31.18 13.21 22.94
N LYS B 410 31.43 14.18 23.82
CA LYS B 410 30.63 15.40 23.95
C LYS B 410 31.38 16.59 23.37
N SER B 411 30.74 17.45 22.58
CA SER B 411 31.38 18.63 22.00
C SER B 411 30.56 19.86 22.17
N ASN B 412 31.17 20.92 22.68
CA ASN B 412 30.54 22.22 22.69
C ASN B 412 31.15 23.14 21.69
N SER B 413 30.35 23.73 20.83
CA SER B 413 30.89 24.60 19.78
C SER B 413 30.35 25.98 19.80
N LEU B 414 31.23 26.93 19.63
CA LEU B 414 30.81 28.29 19.51
C LEU B 414 31.27 28.70 18.12
N ASP B 415 30.39 29.33 17.37
CA ASP B 415 30.80 29.92 16.13
C ASP B 415 30.01 31.16 15.82
N ILE B 416 30.70 32.30 15.78
CA ILE B 416 30.09 33.57 15.46
C ILE B 416 30.66 34.00 14.12
N TYR B 417 29.90 34.77 13.36
CA TYR B 417 30.46 35.40 12.17
C TYR B 417 29.64 36.56 11.71
N LEU B 418 30.25 37.47 10.94
CA LEU B 418 29.53 38.56 10.29
C LEU B 418 29.84 38.57 8.79
N THR B 419 28.80 38.53 7.96
CA THR B 419 28.93 38.77 6.52
C THR B 419 28.14 40.01 6.06
N GLY B 420 28.81 40.87 5.28
CA GLY B 420 28.18 42.05 4.62
C GLY B 420 28.97 42.67 3.48
N PRO B 421 28.47 43.78 2.90
CA PRO B 421 29.09 44.53 1.80
C PRO B 421 30.02 45.68 2.18
N PHE B 422 30.84 46.16 1.23
CA PHE B 422 31.73 47.32 1.38
C PHE B 422 32.33 47.75 0.06
N GLN B 423 32.59 49.06 -0.09
CA GLN B 423 33.23 49.59 -1.30
C GLN B 423 34.72 49.92 -1.13
N PHE B 424 35.53 49.58 -2.14
CA PHE B 424 36.98 49.81 -2.08
C PHE B 424 37.51 50.72 -3.19
N LEU B 425 37.14 50.43 -4.42
CA LEU B 425 37.48 51.34 -5.53
C LEU B 425 36.24 51.69 -6.36
N GLY B 426 35.26 52.31 -5.70
CA GLY B 426 33.98 52.66 -6.32
C GLY B 426 33.07 51.50 -6.70
N ARG B 427 33.28 50.32 -6.12
CA ARG B 427 32.45 49.15 -6.42
C ARG B 427 32.17 48.38 -5.16
N GLU B 428 30.98 47.77 -5.08
CA GLU B 428 30.60 47.00 -3.88
C GLU B 428 31.12 45.54 -3.85
N HIS B 429 31.70 45.16 -2.73
CA HIS B 429 32.27 43.83 -2.54
C HIS B 429 31.58 43.20 -1.35
N GLU B 430 31.87 41.93 -1.04
CA GLU B 430 31.41 41.36 0.24
C GLU B 430 32.47 40.66 1.09
N LEU B 431 32.23 40.55 2.40
CA LEU B 431 33.21 39.99 3.35
C LEU B 431 32.60 39.04 4.41
N VAL B 432 33.38 38.09 4.90
CA VAL B 432 33.06 37.34 6.10
C VAL B 432 34.22 37.46 7.05
N VAL B 433 33.97 37.86 8.29
CA VAL B 433 34.89 37.52 9.37
C VAL B 433 34.18 36.59 10.35
N GLY B 434 34.88 35.57 10.81
CA GLY B 434 34.30 34.70 11.83
C GLY B 434 35.34 34.05 12.72
N THR B 435 34.89 33.63 13.89
CA THR B 435 35.70 32.86 14.79
C THR B 435 34.93 31.63 15.34
N SER B 436 35.66 30.60 15.74
CA SER B 436 35.01 29.38 16.22
C SER B 436 35.83 28.64 17.27
N ALA B 437 35.12 28.12 18.26
CA ALA B 437 35.75 27.35 19.34
C ALA B 437 35.07 25.99 19.42
N SER B 438 35.80 24.99 19.90
CA SER B 438 35.29 23.66 19.79
C SER B 438 35.96 22.69 20.77
N PHE B 439 35.31 22.51 21.91
CA PHE B 439 35.80 21.61 22.98
C PHE B 439 35.10 20.26 22.94
N SER B 440 35.86 19.19 22.71
CA SER B 440 35.25 17.88 22.84
C SER B 440 36.07 16.95 23.72
N HIS B 441 35.35 16.03 24.36
CA HIS B 441 35.85 15.14 25.38
C HIS B 441 35.34 13.75 25.03
N TRP B 442 36.25 12.86 24.67
CA TRP B 442 35.89 11.49 24.36
C TRP B 442 36.37 10.58 25.48
N GLU B 443 35.47 9.81 26.10
CA GLU B 443 35.83 8.84 27.15
C GLU B 443 35.32 7.48 26.72
N GLY B 444 36.06 6.43 26.97
CA GLY B 444 35.67 5.13 26.48
C GLY B 444 36.26 3.99 27.28
N LYS B 445 35.56 2.86 27.26
CA LYS B 445 36.00 1.61 27.88
C LYS B 445 36.08 0.53 26.80
N SER B 446 37.20 -0.20 26.73
CA SER B 446 37.31 -1.37 25.87
C SER B 446 37.55 -2.56 26.74
N TYR B 447 36.97 -3.69 26.33
CA TYR B 447 37.09 -4.95 27.05
C TYR B 447 37.61 -5.97 26.09
N TRP B 448 38.67 -6.68 26.47
CA TRP B 448 39.06 -7.85 25.69
C TRP B 448 39.70 -9.02 26.46
N ASN B 449 39.65 -8.97 27.79
CA ASN B 449 40.14 -10.10 28.57
C ASN B 449 39.01 -10.93 29.14
N LEU B 450 38.55 -11.94 28.42
CA LEU B 450 37.32 -12.61 28.84
C LEU B 450 37.45 -13.90 29.67
N ARG B 451 36.78 -13.90 30.83
CA ARG B 451 36.64 -15.08 31.69
C ARG B 451 36.38 -16.36 30.89
N ASN B 452 37.15 -17.42 31.14
CA ASN B 452 37.19 -18.55 30.20
C ASN B 452 35.88 -18.79 29.48
N TYR B 453 35.93 -18.47 28.21
CA TYR B 453 34.80 -18.43 27.32
C TYR B 453 35.17 -19.27 26.12
N ASP B 454 34.34 -20.26 25.79
CA ASP B 454 34.58 -21.03 24.58
C ASP B 454 34.24 -20.13 23.39
N ASN B 455 35.26 -19.85 22.55
CA ASN B 455 35.11 -18.96 21.41
C ASN B 455 35.23 -19.71 20.09
N THR B 456 35.15 -21.04 20.15
CA THR B 456 35.10 -21.89 18.96
C THR B 456 33.67 -22.30 18.65
N THR B 457 33.40 -22.53 17.37
CA THR B 457 32.12 -23.08 16.88
C THR B 457 32.30 -24.38 16.07
N ASP B 458 31.29 -25.27 16.04
CA ASP B 458 31.38 -26.61 15.38
C ASP B 458 31.03 -26.59 13.88
N ASP B 459 30.41 -25.49 13.44
CA ASP B 459 29.88 -25.42 12.11
C ASP B 459 30.02 -24.02 11.57
N PHE B 460 30.99 -23.89 10.65
CA PHE B 460 31.15 -22.73 9.79
C PHE B 460 30.15 -22.73 8.60
N ILE B 461 30.09 -23.82 7.84
CA ILE B 461 29.16 -23.91 6.69
C ILE B 461 27.70 -23.51 7.04
N ASN B 462 27.25 -23.83 8.25
CA ASN B 462 25.89 -23.56 8.70
C ASN B 462 25.81 -22.47 9.78
N TRP B 463 26.91 -21.76 10.01
CA TRP B 463 26.94 -20.65 10.97
C TRP B 463 25.74 -19.76 10.77
N ASP B 464 25.14 -19.43 11.89
CA ASP B 464 23.83 -18.85 12.01
C ASP B 464 23.99 -17.85 13.13
N GLY B 465 25.23 -17.62 13.57
CA GLY B 465 25.50 -16.74 14.69
C GLY B 465 25.39 -17.35 16.07
N ASP B 466 25.14 -18.65 16.15
CA ASP B 466 24.85 -19.29 17.42
C ASP B 466 26.05 -19.65 18.31
N ILE B 467 26.44 -18.72 19.17
CA ILE B 467 27.50 -18.97 20.13
C ILE B 467 27.19 -18.14 21.36
N GLY B 468 27.45 -18.71 22.55
CA GLY B 468 27.28 -18.03 23.82
C GLY B 468 27.91 -16.67 23.78
N LYS B 469 27.29 -15.74 24.51
CA LYS B 469 27.84 -14.42 24.82
C LYS B 469 28.98 -14.60 25.83
N PRO B 470 30.04 -13.79 25.72
CA PRO B 470 31.10 -13.95 26.70
C PRO B 470 30.79 -13.19 27.97
N ASP B 471 31.62 -13.40 28.98
CA ASP B 471 31.61 -12.58 30.15
C ASP B 471 32.80 -11.69 29.90
N TRP B 472 32.55 -10.39 29.83
CA TRP B 472 33.58 -9.42 29.39
C TRP B 472 34.62 -9.09 30.45
N GLY B 473 34.31 -9.41 31.71
CA GLY B 473 35.15 -9.04 32.83
C GLY B 473 35.31 -7.53 32.93
N THR B 474 36.48 -7.11 33.38
CA THR B 474 36.76 -5.72 33.69
C THR B 474 37.36 -5.07 32.43
N PRO B 475 37.28 -3.73 32.32
CA PRO B 475 37.91 -3.03 31.18
C PRO B 475 39.39 -3.31 31.07
N SER B 476 39.94 -3.04 29.89
CA SER B 476 41.30 -3.40 29.57
C SER B 476 42.00 -2.16 29.07
N GLN B 477 41.21 -1.12 28.81
CA GLN B 477 41.68 0.14 28.24
C GLN B 477 40.69 1.23 28.67
N TYR B 478 41.18 2.43 28.96
CA TYR B 478 40.29 3.52 29.41
C TYR B 478 40.70 4.77 28.67
N ILE B 479 40.00 5.12 27.59
CA ILE B 479 40.32 6.34 26.83
C ILE B 479 39.82 7.57 27.58
N ASP B 480 40.52 8.69 27.43
CA ASP B 480 40.16 10.00 27.99
C ASP B 480 40.96 10.92 27.07
N ASP B 481 40.30 11.45 26.04
CA ASP B 481 40.94 12.26 25.02
C ASP B 481 40.22 13.58 24.96
N LYS B 482 40.90 14.71 25.15
CA LYS B 482 40.26 16.03 24.96
C LYS B 482 40.81 16.71 23.73
N THR B 483 39.99 17.02 22.72
CA THR B 483 40.40 17.93 21.65
C THR B 483 39.90 19.36 21.90
N ARG B 484 40.68 20.35 21.48
CA ARG B 484 40.22 21.75 21.43
C ARG B 484 40.63 22.44 20.14
N GLN B 485 39.67 23.03 19.44
CA GLN B 485 40.00 23.67 18.21
C GLN B 485 39.47 25.07 18.17
N LEU B 486 40.33 25.99 17.74
CA LEU B 486 39.91 27.35 17.50
C LEU B 486 40.16 27.68 16.04
N GLY B 487 39.39 28.58 15.47
CA GLY B 487 39.57 29.02 14.10
C GLY B 487 39.11 30.45 13.94
N SER B 488 39.77 31.17 13.04
CA SER B 488 39.40 32.54 12.72
C SER B 488 39.62 32.69 11.22
N TYR B 489 38.60 33.20 10.55
CA TYR B 489 38.60 33.29 9.09
C TYR B 489 38.11 34.64 8.60
N MET B 490 38.89 35.26 7.71
CA MET B 490 38.41 36.36 6.87
C MET B 490 38.30 35.79 5.44
N THR B 491 37.20 36.06 4.76
CA THR B 491 37.13 35.82 3.31
C THR B 491 36.53 37.03 2.62
N ALA B 492 37.03 37.33 1.42
CA ALA B 492 36.49 38.42 0.64
C ALA B 492 36.16 37.98 -0.79
N ARG B 493 35.02 38.42 -1.30
CA ARG B 493 34.72 38.31 -2.72
C ARG B 493 34.72 39.71 -3.33
N PHE B 494 35.82 40.02 -4.00
CA PHE B 494 36.01 41.28 -4.67
C PHE B 494 35.26 41.24 -5.97
N ASN B 495 34.44 42.26 -6.15
CA ASN B 495 33.87 42.54 -7.43
C ASN B 495 34.88 43.37 -8.22
N VAL B 496 35.85 42.73 -8.87
CA VAL B 496 36.80 43.42 -9.74
C VAL B 496 36.12 44.06 -10.98
N THR B 497 35.47 43.22 -11.80
CA THR B 497 34.66 43.59 -12.97
C THR B 497 33.25 43.01 -12.81
N ASP B 498 32.37 43.36 -13.74
CA ASP B 498 31.05 42.70 -13.86
C ASP B 498 31.15 41.23 -14.23
N ASP B 499 32.31 40.80 -14.71
CA ASP B 499 32.58 39.39 -15.01
C ASP B 499 33.60 38.74 -14.05
N LEU B 500 34.32 39.56 -13.28
CA LEU B 500 35.44 39.07 -12.50
C LEU B 500 35.25 39.28 -11.02
N ASN B 501 35.24 38.16 -10.27
CA ASN B 501 35.19 38.20 -8.82
C ASN B 501 36.37 37.41 -8.30
N LEU B 502 37.18 38.04 -7.45
CA LEU B 502 38.35 37.41 -6.84
C LEU B 502 38.01 36.99 -5.39
N PHE B 503 38.26 35.74 -5.04
CA PHE B 503 38.10 35.31 -3.65
C PHE B 503 39.45 35.16 -3.01
N LEU B 504 39.71 35.98 -2.01
CA LEU B 504 40.91 35.86 -1.21
C LEU B 504 40.46 35.76 0.22
N GLY B 505 41.05 34.83 0.95
CA GLY B 505 40.68 34.69 2.33
C GLY B 505 41.47 33.62 2.99
N GLY B 506 41.06 33.24 4.19
CA GLY B 506 41.77 32.20 4.88
C GLY B 506 41.52 32.07 6.36
N ARG B 507 41.98 30.94 6.89
CA ARG B 507 41.72 30.57 8.25
C ARG B 507 43.02 30.37 8.99
N VAL B 508 43.15 30.93 10.20
CA VAL B 508 44.21 30.47 11.09
C VAL B 508 43.58 29.41 12.01
N VAL B 509 44.32 28.36 12.30
CA VAL B 509 43.79 27.26 13.07
C VAL B 509 44.69 27.02 14.25
N ASP B 510 44.07 26.66 15.37
CA ASP B 510 44.79 26.14 16.50
C ASP B 510 44.15 24.82 16.91
N TYR B 511 44.98 23.81 17.13
CA TYR B 511 44.54 22.43 17.40
C TYR B 511 45.31 21.74 18.55
N ARG B 512 44.59 21.31 19.59
CA ARG B 512 45.22 20.72 20.78
C ARG B 512 44.40 19.49 21.18
N VAL B 513 45.10 18.40 21.45
CA VAL B 513 44.50 17.17 21.95
C VAL B 513 45.40 16.51 23.04
N THR B 514 44.93 16.58 24.28
CA THR B 514 45.58 15.94 25.41
C THR B 514 44.97 14.54 25.60
N GLY B 515 45.70 13.62 26.21
CA GLY B 515 45.17 12.28 26.48
C GLY B 515 46.17 11.28 27.01
N LEU B 516 46.05 10.04 26.57
CA LEU B 516 46.99 8.97 26.94
C LEU B 516 48.34 9.15 26.24
N ASN B 517 48.29 9.72 25.05
CA ASN B 517 49.53 9.91 24.32
C ASN B 517 50.13 11.30 24.54
N PRO B 518 51.42 11.46 24.21
CA PRO B 518 52.03 12.74 23.89
C PRO B 518 51.03 13.73 23.29
N THR B 519 50.88 14.85 24.01
CA THR B 519 50.09 16.01 23.58
C THR B 519 50.39 16.35 22.12
N ILE B 520 49.37 16.30 21.27
CA ILE B 520 49.49 16.76 19.88
C ILE B 520 49.06 18.22 19.83
N ARG B 521 49.89 19.10 19.28
CA ARG B 521 49.63 20.55 19.36
C ARG B 521 50.03 21.27 18.09
N GLU B 522 49.09 21.99 17.46
CA GLU B 522 49.36 22.84 16.29
C GLU B 522 48.83 24.27 16.49
N SER B 523 49.71 25.26 16.51
CA SER B 523 49.31 26.65 16.75
C SER B 523 49.51 27.52 15.53
N GLY B 524 48.60 28.48 15.33
CA GLY B 524 48.67 29.44 14.23
C GLY B 524 49.00 28.92 12.84
N ARG B 525 48.48 27.76 12.45
CA ARG B 525 48.68 27.29 11.08
C ARG B 525 47.73 28.01 10.15
N PHE B 526 48.20 28.39 8.97
CA PHE B 526 47.37 29.15 8.04
C PHE B 526 46.85 28.26 6.93
N ILE B 527 45.58 28.41 6.58
CA ILE B 527 45.01 27.70 5.44
C ILE B 527 44.49 28.76 4.51
N PRO B 528 45.10 28.88 3.33
CA PRO B 528 44.71 29.91 2.36
C PRO B 528 43.51 29.50 1.52
N TYR B 529 42.81 30.51 1.01
CA TYR B 529 41.75 30.28 0.05
C TYR B 529 41.95 31.32 -1.01
N VAL B 530 42.28 30.86 -2.21
CA VAL B 530 42.38 31.73 -3.38
C VAL B 530 41.57 31.13 -4.53
N GLY B 531 40.66 31.94 -5.07
CA GLY B 531 39.87 31.54 -6.21
C GLY B 531 39.31 32.71 -6.98
N ALA B 532 38.96 32.45 -8.24
CA ALA B 532 38.44 33.44 -9.14
C ALA B 532 37.31 32.85 -9.98
N VAL B 533 36.27 33.63 -10.23
CA VAL B 533 35.29 33.20 -11.21
C VAL B 533 35.04 34.34 -12.18
N TYR B 534 35.12 34.01 -13.48
CA TYR B 534 34.98 34.98 -14.54
C TYR B 534 33.87 34.56 -15.52
N ASP B 535 32.80 35.35 -15.63
CA ASP B 535 31.70 35.15 -16.60
C ASP B 535 32.14 35.27 -18.06
N LEU B 536 31.65 34.39 -18.93
CA LEU B 536 31.97 34.46 -20.37
C LEU B 536 30.79 35.06 -21.12
N ASN B 537 29.62 34.98 -20.46
CA ASN B 537 28.34 35.42 -20.97
C ASN B 537 27.27 35.01 -19.97
N ASP B 538 26.01 35.13 -20.39
CA ASP B 538 24.82 34.87 -19.56
C ASP B 538 24.66 33.43 -19.06
N THR B 539 25.20 32.47 -19.80
CA THR B 539 25.18 31.08 -19.41
C THR B 539 26.40 30.67 -18.58
N TYR B 540 27.60 30.82 -19.16
CA TYR B 540 28.85 30.20 -18.67
C TYR B 540 29.75 31.10 -17.85
N SER B 541 30.62 30.48 -17.05
CA SER B 541 31.74 31.13 -16.34
C SER B 541 32.88 30.14 -16.20
N VAL B 542 34.11 30.56 -16.47
CA VAL B 542 35.22 29.75 -16.04
C VAL B 542 35.57 30.16 -14.65
N TYR B 543 36.08 29.20 -13.88
CA TYR B 543 36.56 29.45 -12.54
C TYR B 543 37.79 28.64 -12.24
N ALA B 544 38.54 29.08 -11.25
CA ALA B 544 39.79 28.45 -10.87
C ALA B 544 40.01 28.73 -9.39
N SER B 545 40.68 27.83 -8.69
CA SER B 545 40.98 28.08 -7.29
C SER B 545 42.07 27.17 -6.79
N TYR B 546 42.63 27.57 -5.64
CA TYR B 546 43.66 26.83 -4.91
C TYR B 546 43.11 26.72 -3.48
N THR B 547 43.00 25.49 -2.97
CA THR B 547 42.43 25.24 -1.64
C THR B 547 43.31 24.31 -0.82
N ASP B 548 43.36 24.55 0.49
CA ASP B 548 44.25 23.76 1.33
C ASP B 548 43.47 23.09 2.43
N ILE B 549 43.99 21.97 2.94
CA ILE B 549 43.53 21.39 4.24
C ILE B 549 44.68 20.65 4.94
N PHE B 550 44.58 20.50 6.27
CA PHE B 550 45.52 19.63 7.04
C PHE B 550 44.85 18.91 8.22
N MET B 551 45.54 17.90 8.76
CA MET B 551 44.98 17.08 9.81
C MET B 551 46.16 16.52 10.58
N PRO B 552 46.32 16.92 11.87
CA PRO B 552 47.28 16.26 12.73
C PRO B 552 47.15 14.74 12.68
N GLN B 553 48.30 14.08 12.68
CA GLN B 553 48.40 12.67 12.42
C GLN B 553 47.81 11.86 13.58
N ASP B 554 47.25 10.68 13.32
CA ASP B 554 46.82 9.74 14.39
C ASP B 554 48.05 9.36 15.21
N SER B 555 47.83 8.98 16.44
CA SER B 555 48.93 8.95 17.37
C SER B 555 50.10 8.07 16.94
N TRP B 556 49.83 6.92 16.34
CA TRP B 556 50.89 5.90 16.10
C TRP B 556 51.89 6.21 14.96
N TYR B 557 51.62 7.28 14.22
CA TYR B 557 52.43 7.63 13.05
C TYR B 557 53.69 8.43 13.41
N ARG B 558 54.70 7.76 13.92
CA ARG B 558 55.91 8.42 14.34
C ARG B 558 57.07 7.94 13.48
N ASP B 559 58.13 8.76 13.39
CA ASP B 559 59.29 8.48 12.54
C ASP B 559 60.42 7.86 13.33
N SER B 560 61.54 7.61 12.61
CA SER B 560 62.80 7.16 13.19
C SER B 560 63.00 7.78 14.57
N SER B 561 62.91 9.11 14.62
CA SER B 561 63.26 9.83 15.84
C SER B 561 62.21 9.66 16.93
N ASN B 562 61.16 8.92 16.63
CA ASN B 562 60.05 8.69 17.57
C ASN B 562 59.23 9.98 17.78
N LYS B 563 59.27 10.87 16.80
CA LYS B 563 58.48 12.12 16.79
C LYS B 563 57.31 11.94 15.86
N LEU B 564 56.17 12.51 16.22
CA LEU B 564 54.96 12.40 15.40
C LEU B 564 55.23 13.01 14.04
N LEU B 565 54.78 12.34 12.97
CA LEU B 565 54.83 12.93 11.63
C LEU B 565 54.14 14.29 11.60
N GLU B 566 54.74 15.21 10.88
CA GLU B 566 54.15 16.49 10.52
C GLU B 566 52.74 16.21 9.96
N PRO B 567 51.74 16.98 10.38
CA PRO B 567 50.33 16.76 10.00
C PRO B 567 50.05 16.52 8.51
N ASP B 568 49.35 15.41 8.21
CA ASP B 568 48.85 15.04 6.87
C ASP B 568 48.09 16.22 6.25
N GLU B 569 48.21 16.42 4.94
CA GLU B 569 48.00 17.76 4.40
C GLU B 569 47.88 17.79 2.89
N GLY B 570 47.21 18.79 2.34
CA GLY B 570 47.15 18.88 0.89
C GLY B 570 46.46 20.08 0.30
N GLN B 571 46.76 20.32 -0.97
CA GLN B 571 46.22 21.45 -1.72
C GLN B 571 45.40 20.92 -2.88
N ASN B 572 44.25 21.55 -3.16
CA ASN B 572 43.45 21.20 -4.32
C ASN B 572 43.60 22.27 -5.38
N TYR B 573 44.15 21.92 -6.55
CA TYR B 573 44.27 22.85 -7.69
C TYR B 573 43.18 22.51 -8.71
N GLU B 574 42.34 23.48 -9.04
CA GLU B 574 41.17 23.19 -9.87
C GLU B 574 40.79 24.31 -10.80
N ILE B 575 40.58 23.92 -12.05
CA ILE B 575 40.08 24.84 -13.05
C ILE B 575 38.88 24.17 -13.72
N GLY B 576 37.93 24.99 -14.14
CA GLY B 576 36.69 24.50 -14.71
C GLY B 576 35.74 25.55 -15.26
N ILE B 577 34.70 25.05 -15.92
CA ILE B 577 33.66 25.85 -16.49
C ILE B 577 32.32 25.41 -15.93
N LYS B 578 31.47 26.35 -15.53
CA LYS B 578 30.11 26.04 -15.11
C LYS B 578 28.98 26.75 -15.92
N GLY B 579 28.01 25.94 -16.34
CA GLY B 579 26.75 26.43 -16.93
C GLY B 579 25.56 26.61 -15.99
N GLU B 580 24.68 27.53 -16.38
CA GLU B 580 23.42 27.85 -15.68
C GLU B 580 22.33 28.19 -16.70
N TYR B 581 21.14 27.65 -16.49
CA TYR B 581 20.08 27.80 -17.47
C TYR B 581 18.72 28.01 -16.81
N LEU B 582 17.79 28.61 -17.57
CA LEU B 582 16.40 28.77 -17.15
C LEU B 582 16.42 29.30 -15.73
N ASP B 583 17.16 30.38 -15.51
CA ASP B 583 17.17 31.11 -14.23
C ASP B 583 17.62 30.25 -13.05
N GLY B 584 18.69 29.50 -13.25
CA GLY B 584 19.18 28.60 -12.21
C GLY B 584 18.32 27.36 -11.94
N ARG B 585 17.58 26.89 -12.96
CA ARG B 585 16.78 25.67 -12.85
C ARG B 585 17.54 24.45 -13.35
N LEU B 586 18.57 24.68 -14.17
CA LEU B 586 19.47 23.64 -14.66
C LEU B 586 20.88 24.13 -14.50
N ASN B 587 21.76 23.27 -13.99
CA ASN B 587 23.17 23.56 -13.90
C ASN B 587 23.96 22.50 -14.63
N THR B 588 25.10 22.91 -15.18
CA THR B 588 26.16 21.96 -15.53
C THR B 588 27.51 22.42 -14.97
N SER B 589 28.50 21.52 -15.03
CA SER B 589 29.89 21.81 -14.68
C SER B 589 30.80 20.78 -15.34
N LEU B 590 32.02 21.20 -15.70
CA LEU B 590 33.07 20.31 -16.17
C LEU B 590 34.30 20.79 -15.45
N ALA B 591 35.04 19.88 -14.82
CA ALA B 591 36.18 20.30 -13.99
C ALA B 591 37.41 19.46 -14.14
N TYR B 592 38.56 20.14 -14.18
CA TYR B 592 39.83 19.48 -14.02
C TYR B 592 40.43 19.88 -12.66
N PHE B 593 40.99 18.89 -11.96
CA PHE B 593 41.50 19.06 -10.60
C PHE B 593 42.67 18.14 -10.27
N GLU B 594 43.34 18.46 -9.18
CA GLU B 594 44.60 17.84 -8.93
C GLU B 594 44.86 18.04 -7.45
N ILE B 595 45.06 16.95 -6.72
CA ILE B 595 45.32 17.03 -5.26
C ILE B 595 46.77 16.63 -4.98
N HIS B 596 47.46 17.53 -4.29
CA HIS B 596 48.82 17.28 -3.88
C HIS B 596 48.83 17.08 -2.39
N GLU B 597 49.19 15.87 -1.97
CA GLU B 597 49.32 15.60 -0.55
C GLU B 597 50.77 15.67 -0.10
N GLU B 598 50.98 16.21 1.10
CA GLU B 598 52.28 16.04 1.76
C GLU B 598 52.05 15.47 3.14
N ASN B 599 53.07 14.76 3.66
CA ASN B 599 53.01 13.99 4.92
C ASN B 599 51.97 12.86 4.99
N ARG B 600 51.91 12.06 3.93
CA ARG B 600 51.13 10.85 3.95
C ARG B 600 52.01 9.79 4.60
N ALA B 601 51.55 9.26 5.73
CA ALA B 601 52.25 8.20 6.45
C ALA B 601 52.35 6.94 5.62
N GLU B 602 53.56 6.52 5.29
CA GLU B 602 53.82 5.21 4.74
C GLU B 602 54.83 4.62 5.74
N GLU B 603 55.08 3.32 5.68
CA GLU B 603 55.77 2.58 6.74
C GLU B 603 57.26 2.86 6.97
N ASP B 604 58.02 3.14 5.91
CA ASP B 604 59.48 3.40 6.06
C ASP B 604 60.15 2.09 6.36
N ALA B 605 60.19 1.30 5.29
CA ALA B 605 60.62 -0.11 5.31
C ALA B 605 62.10 -0.23 5.56
N LEU B 606 62.84 0.80 5.14
CA LEU B 606 64.28 0.82 5.33
C LEU B 606 64.65 0.92 6.81
N TYR B 607 64.12 1.93 7.51
CA TYR B 607 64.36 1.98 8.92
C TYR B 607 63.90 0.68 9.53
N ASN B 608 62.66 0.32 9.19
CA ASN B 608 62.02 -0.89 9.70
C ASN B 608 62.71 -2.20 9.40
N SER B 609 63.67 -2.21 8.47
CA SER B 609 64.38 -3.46 8.09
C SER B 609 65.53 -3.74 9.01
N LYS B 610 66.15 -2.68 9.52
CA LYS B 610 66.96 -2.77 10.74
C LYS B 610 67.06 -1.46 11.53
N PRO B 611 66.13 -1.32 12.48
CA PRO B 611 65.97 -0.22 13.39
C PRO B 611 67.26 0.05 14.15
N THR B 612 67.55 1.32 14.41
CA THR B 612 68.75 1.75 15.15
C THR B 612 68.38 2.49 16.44
N ASN B 613 67.16 3.04 16.44
CA ASN B 613 66.56 3.66 17.62
C ASN B 613 65.60 2.66 18.31
N PRO B 614 66.00 2.15 19.51
CA PRO B 614 65.18 1.19 20.28
C PRO B 614 63.88 1.75 20.87
N ALA B 615 63.76 3.07 21.00
CA ALA B 615 62.48 3.73 21.28
C ALA B 615 61.35 3.28 20.33
N ILE B 616 61.64 3.17 19.04
CA ILE B 616 60.66 2.75 18.02
C ILE B 616 61.25 1.72 17.03
N THR B 617 60.76 0.48 17.11
CA THR B 617 61.17 -0.63 16.23
C THR B 617 60.31 -0.77 14.97
N TYR B 618 59.32 0.09 14.81
CA TYR B 618 58.50 0.11 13.63
C TYR B 618 57.99 1.52 13.43
N ALA B 619 58.72 2.26 12.60
CA ALA B 619 58.51 3.69 12.36
C ALA B 619 57.76 3.92 11.07
N TYR B 620 57.42 5.20 10.83
CA TYR B 620 56.77 5.65 9.62
C TYR B 620 57.52 6.85 9.08
N LYS B 621 57.25 7.24 7.84
CA LYS B 621 57.81 8.43 7.19
C LYS B 621 56.69 9.12 6.41
N GLY B 622 56.75 10.43 6.27
CA GLY B 622 55.76 11.19 5.50
C GLY B 622 56.16 11.42 4.05
N ILE B 623 55.43 10.84 3.10
CA ILE B 623 55.66 11.07 1.66
C ILE B 623 54.61 11.96 0.98
N LYS B 624 54.82 12.28 -0.29
CA LYS B 624 53.83 13.01 -1.12
C LYS B 624 52.91 12.03 -1.84
N ALA B 625 51.78 12.53 -2.32
CA ALA B 625 50.99 11.81 -3.30
C ALA B 625 50.21 12.81 -4.09
N LYS B 626 49.68 12.36 -5.22
CA LYS B 626 48.99 13.23 -6.12
C LYS B 626 47.73 12.57 -6.68
N THR B 627 46.64 13.33 -6.80
CA THR B 627 45.46 12.86 -7.49
C THR B 627 45.28 13.75 -8.70
N LYS B 628 45.15 13.15 -9.87
CA LYS B 628 44.88 13.93 -11.07
C LYS B 628 43.55 13.46 -11.66
N GLY B 629 42.64 14.40 -11.94
CA GLY B 629 41.34 14.02 -12.50
C GLY B 629 40.41 15.10 -13.02
N TYR B 630 39.28 14.65 -13.55
CA TYR B 630 38.27 15.58 -14.04
C TYR B 630 36.90 15.15 -13.58
N GLU B 631 35.92 16.02 -13.72
CA GLU B 631 34.56 15.71 -13.28
C GLU B 631 33.50 16.52 -13.99
N ALA B 632 32.64 15.85 -14.75
CA ALA B 632 31.52 16.59 -15.34
C ALA B 632 30.20 16.29 -14.59
N GLU B 633 29.40 17.33 -14.32
CA GLU B 633 28.06 17.06 -13.82
C GLU B 633 26.92 17.95 -14.28
N ILE B 634 25.73 17.39 -14.16
CA ILE B 634 24.52 18.03 -14.58
C ILE B 634 23.51 17.83 -13.47
N SER B 635 22.74 18.86 -13.14
CA SER B 635 21.59 18.74 -12.25
C SER B 635 20.46 19.69 -12.63
N GLY B 636 19.24 19.21 -12.42
CA GLY B 636 18.03 20.01 -12.53
C GLY B 636 17.13 19.66 -13.69
N GLU B 637 16.46 20.69 -14.19
CA GLU B 637 15.37 20.55 -15.13
C GLU B 637 15.87 20.36 -16.55
N LEU B 638 15.56 19.19 -17.10
CA LEU B 638 15.87 18.88 -18.49
C LEU B 638 14.73 19.36 -19.41
N ALA B 639 13.55 19.58 -18.85
CA ALA B 639 12.34 19.82 -19.59
C ALA B 639 11.23 19.93 -18.51
N PRO B 640 10.04 20.52 -18.82
CA PRO B 640 9.12 20.86 -17.72
C PRO B 640 8.86 19.85 -16.58
N GLY B 641 8.63 18.57 -16.85
CA GLY B 641 8.50 17.68 -15.67
C GLY B 641 9.62 16.68 -15.37
N TRP B 642 10.84 17.00 -15.79
CA TRP B 642 11.88 16.01 -16.03
C TRP B 642 13.17 16.45 -15.35
N GLN B 643 13.51 15.79 -14.25
CA GLN B 643 14.68 16.19 -13.47
C GLN B 643 15.83 15.18 -13.59
N VAL B 644 17.08 15.64 -13.60
CA VAL B 644 18.25 14.76 -13.52
C VAL B 644 19.19 15.15 -12.44
N GLN B 645 19.97 14.16 -11.99
CA GLN B 645 21.26 14.43 -11.44
C GLN B 645 22.20 13.36 -11.96
N ALA B 646 23.16 13.82 -12.75
CA ALA B 646 24.20 12.95 -13.28
C ALA B 646 25.55 13.58 -13.09
N GLY B 647 26.58 12.75 -13.10
CA GLY B 647 27.94 13.26 -13.10
C GLY B 647 28.84 12.16 -13.60
N TYR B 648 30.08 12.54 -13.93
CA TYR B 648 31.08 11.58 -14.30
C TYR B 648 32.44 12.01 -13.71
N THR B 649 33.13 11.06 -13.08
CA THR B 649 34.35 11.39 -12.35
C THR B 649 35.52 10.44 -12.70
N HIS B 650 36.68 11.04 -12.96
CA HIS B 650 37.86 10.27 -13.24
C HIS B 650 38.96 10.57 -12.20
N LYS B 651 39.72 9.56 -11.78
CA LYS B 651 40.82 9.83 -10.88
C LYS B 651 41.85 8.73 -10.94
N ILE B 652 43.09 9.11 -10.64
CA ILE B 652 44.17 8.19 -10.32
C ILE B 652 44.96 8.93 -9.26
N ILE B 653 45.19 8.31 -8.11
CA ILE B 653 46.05 8.90 -7.09
C ILE B 653 47.31 8.04 -6.96
N ARG B 654 48.46 8.68 -7.06
CA ARG B 654 49.70 7.89 -6.98
C ARG B 654 50.63 8.46 -5.90
N ASP B 655 51.35 7.56 -5.23
CA ASP B 655 52.60 7.88 -4.55
C ASP B 655 53.57 8.82 -5.25
N ASP B 656 54.37 9.44 -4.38
CA ASP B 656 55.79 9.74 -4.59
C ASP B 656 56.46 8.77 -5.59
N SER B 657 56.51 7.47 -5.26
CA SER B 657 57.09 6.44 -6.15
C SER B 657 56.30 6.19 -7.46
N GLY B 658 55.18 6.87 -7.60
CA GLY B 658 54.25 6.63 -8.70
C GLY B 658 53.42 5.35 -8.55
N LYS B 659 53.43 4.73 -7.36
CA LYS B 659 52.65 3.52 -7.14
C LYS B 659 51.22 3.96 -6.85
N LYS B 660 50.25 3.22 -7.37
CA LYS B 660 48.83 3.53 -7.18
C LYS B 660 48.35 3.29 -5.75
N VAL B 661 47.28 4.00 -5.42
CA VAL B 661 46.75 4.07 -4.07
C VAL B 661 45.23 4.26 -4.13
N SER B 662 44.53 3.83 -3.06
CA SER B 662 43.05 3.70 -3.02
C SER B 662 42.59 3.04 -4.30
N THR B 663 43.17 1.88 -4.57
CA THR B 663 42.94 1.18 -5.82
C THR B 663 41.53 0.61 -5.85
N TRP B 664 40.93 0.48 -4.64
CA TRP B 664 39.57 -0.02 -4.42
C TRP B 664 38.51 0.99 -4.86
N GLU B 665 38.83 2.28 -4.82
CA GLU B 665 37.95 3.27 -5.37
C GLU B 665 38.29 3.29 -6.83
N PRO B 666 37.29 3.07 -7.71
CA PRO B 666 37.46 2.96 -9.13
C PRO B 666 38.04 4.25 -9.66
N GLN B 667 38.63 4.20 -10.84
CA GLN B 667 39.21 5.38 -11.46
C GLN B 667 38.12 6.08 -12.26
N ASP B 668 37.14 5.31 -12.70
CA ASP B 668 36.02 5.87 -13.43
C ASP B 668 34.68 5.52 -12.84
N GLN B 669 33.85 6.54 -12.76
CA GLN B 669 32.51 6.35 -12.31
C GLN B 669 31.60 7.38 -12.98
N LEU B 670 30.31 7.03 -12.95
CA LEU B 670 29.24 7.62 -13.73
C LEU B 670 28.00 7.43 -12.88
N SER B 671 27.18 8.48 -12.72
CA SER B 671 25.80 8.29 -12.18
C SER B 671 24.76 9.06 -12.94
N LEU B 672 23.59 8.48 -13.09
CA LEU B 672 22.48 9.21 -13.65
C LEU B 672 21.20 8.81 -12.90
N TYR B 673 20.46 9.79 -12.41
CA TYR B 673 19.15 9.53 -11.81
C TYR B 673 18.21 10.55 -12.37
N THR B 674 17.00 10.12 -12.69
CA THR B 674 16.08 11.01 -13.32
C THR B 674 14.67 10.63 -12.93
N SER B 675 13.76 11.60 -12.85
CA SER B 675 12.37 11.25 -12.79
C SER B 675 11.55 12.14 -13.68
N TYR B 676 10.34 11.70 -13.98
CA TYR B 676 9.49 12.41 -14.93
C TYR B 676 8.02 12.42 -14.52
N LYS B 677 7.48 13.65 -14.47
CA LYS B 677 6.09 13.93 -14.19
C LYS B 677 5.32 14.03 -15.47
N PHE B 678 4.48 13.04 -15.76
CA PHE B 678 3.60 13.10 -16.92
C PHE B 678 2.62 14.29 -16.87
N LYS B 679 2.12 14.69 -18.03
CA LYS B 679 1.22 15.81 -18.11
C LYS B 679 -0.14 15.27 -18.53
N GLY B 680 -1.20 15.99 -18.19
CA GLY B 680 -2.56 15.61 -18.61
C GLY B 680 -3.18 14.38 -17.97
N ALA B 681 -3.61 13.44 -18.82
CA ALA B 681 -4.34 12.23 -18.39
C ALA B 681 -3.61 11.44 -17.28
N LEU B 682 -2.29 11.35 -17.40
CA LEU B 682 -1.50 10.62 -16.46
C LEU B 682 -0.71 11.56 -15.60
N ASP B 683 -1.26 12.71 -15.21
CA ASP B 683 -0.43 13.71 -14.48
C ASP B 683 -0.31 13.47 -12.96
N LYS B 684 -0.91 12.38 -12.53
CA LYS B 684 -0.78 11.92 -11.16
C LYS B 684 0.45 10.97 -11.03
N LEU B 685 0.96 10.51 -12.17
CA LEU B 685 2.05 9.54 -12.25
C LEU B 685 3.39 10.20 -12.41
N THR B 686 4.31 9.90 -11.48
CA THR B 686 5.75 10.17 -11.64
C THR B 686 6.49 8.83 -11.90
N VAL B 687 7.35 8.77 -12.92
CA VAL B 687 8.13 7.58 -13.26
C VAL B 687 9.59 7.94 -13.16
N GLY B 688 10.42 7.02 -12.71
CA GLY B 688 11.78 7.40 -12.46
C GLY B 688 12.74 6.25 -12.52
N GLY B 689 14.03 6.56 -12.46
CA GLY B 689 15.06 5.54 -12.50
C GLY B 689 16.44 6.13 -12.63
N GLY B 690 17.43 5.26 -12.70
CA GLY B 690 18.79 5.66 -12.69
C GLY B 690 19.74 4.49 -12.72
N ALA B 691 21.00 4.81 -13.03
CA ALA B 691 22.07 3.86 -13.12
C ALA B 691 23.36 4.45 -12.53
N ARG B 692 24.11 3.63 -11.80
CA ARG B 692 25.51 3.92 -11.50
C ARG B 692 26.33 2.92 -12.31
N TRP B 693 27.54 3.33 -12.69
CA TRP B 693 28.52 2.43 -13.26
C TRP B 693 29.83 2.91 -12.70
N GLN B 694 30.72 1.94 -12.46
CA GLN B 694 32.12 2.20 -12.22
C GLN B 694 32.99 1.16 -12.95
N GLY B 695 34.26 1.48 -13.13
CA GLY B 695 35.18 0.51 -13.71
C GLY B 695 35.79 -0.46 -12.71
N LYS B 696 36.80 -1.21 -13.17
CA LYS B 696 37.66 -2.02 -12.30
C LYS B 696 38.01 -1.25 -11.03
N SER B 697 37.86 -1.90 -9.89
CA SER B 697 38.67 -1.55 -8.74
C SER B 697 39.16 -2.83 -8.18
N TRP B 698 40.23 -2.76 -7.39
CA TRP B 698 40.89 -3.93 -6.80
C TRP B 698 41.62 -3.63 -5.49
N GLN B 699 42.04 -4.73 -4.86
CA GLN B 699 42.78 -4.70 -3.60
C GLN B 699 43.82 -5.80 -3.67
N MET B 700 44.95 -5.46 -3.10
CA MET B 700 46.08 -6.29 -3.07
C MET B 700 46.00 -6.94 -1.64
N VAL B 701 45.80 -8.26 -1.57
CA VAL B 701 45.68 -8.96 -0.25
C VAL B 701 46.68 -10.09 0.01
N TYR B 702 47.12 -10.22 1.25
CA TYR B 702 48.08 -11.24 1.69
C TYR B 702 47.31 -12.47 2.15
N ASN B 703 47.32 -13.55 1.38
CA ASN B 703 46.93 -14.89 1.86
C ASN B 703 47.97 -15.39 2.85
N ASN B 704 47.72 -15.29 4.17
CA ASN B 704 48.70 -15.68 5.22
C ASN B 704 49.07 -17.19 5.20
N PRO B 705 48.09 -18.12 5.20
CA PRO B 705 48.49 -19.52 5.23
C PRO B 705 49.32 -19.94 4.04
N ARG B 706 49.21 -19.26 2.89
CA ARG B 706 49.96 -19.68 1.69
C ARG B 706 51.10 -18.73 1.39
N SER B 707 51.29 -17.79 2.31
CA SER B 707 52.37 -16.88 2.24
C SER B 707 52.49 -16.20 0.92
N ARG B 708 51.52 -15.39 0.55
CA ARG B 708 51.63 -14.73 -0.76
C ARG B 708 50.67 -13.59 -0.94
N TRP B 709 51.00 -12.65 -1.79
CA TRP B 709 49.98 -11.71 -2.17
C TRP B 709 49.08 -12.33 -3.23
N GLU B 710 47.89 -11.76 -3.35
CA GLU B 710 46.88 -12.12 -4.34
C GLU B 710 46.19 -10.82 -4.79
N LYS B 711 45.97 -10.63 -6.09
CA LYS B 711 45.19 -9.47 -6.55
C LYS B 711 43.71 -9.86 -6.53
N PHE B 712 42.88 -9.16 -5.76
CA PHE B 712 41.44 -9.38 -5.89
C PHE B 712 40.80 -8.32 -6.74
N SER B 713 40.11 -8.75 -7.80
CA SER B 713 39.38 -7.78 -8.65
C SER B 713 37.84 -7.75 -8.57
N GLN B 714 37.27 -6.53 -8.64
CA GLN B 714 35.84 -6.33 -8.92
C GLN B 714 35.76 -5.70 -10.33
N GLU B 715 35.27 -6.50 -11.29
CA GLU B 715 35.05 -6.02 -12.66
C GLU B 715 34.11 -4.80 -12.63
N ASP B 716 34.24 -3.93 -13.65
CA ASP B 716 33.26 -2.86 -13.90
C ASP B 716 31.84 -3.40 -13.87
N TYR B 717 30.92 -2.66 -13.26
CA TYR B 717 29.55 -3.15 -13.12
C TYR B 717 28.55 -2.02 -13.10
N TRP B 718 27.31 -2.34 -13.46
CA TRP B 718 26.24 -1.34 -13.39
C TRP B 718 25.33 -1.70 -12.23
N LEU B 719 24.82 -0.69 -11.49
CA LEU B 719 23.66 -0.89 -10.66
C LEU B 719 22.48 -0.07 -11.22
N VAL B 720 21.38 -0.74 -11.62
CA VAL B 720 20.23 0.01 -12.07
C VAL B 720 19.15 0.07 -11.02
N ASP B 721 18.54 1.23 -10.78
CA ASP B 721 17.22 1.27 -10.09
C ASP B 721 16.03 2.00 -10.73
N LEU B 722 14.81 1.60 -10.37
CA LEU B 722 13.58 2.10 -11.01
C LEU B 722 12.67 2.69 -9.98
N MET B 723 11.75 3.54 -10.43
CA MET B 723 10.95 4.26 -9.44
C MET B 723 9.62 4.70 -10.02
N ALA B 724 8.55 4.62 -9.24
CA ALA B 724 7.24 5.16 -9.70
C ALA B 724 6.38 5.54 -8.50
N ARG B 725 5.77 6.73 -8.56
CA ARG B 725 4.88 7.29 -7.52
C ARG B 725 3.59 7.76 -8.18
N TYR B 726 2.46 7.39 -7.55
CA TYR B 726 1.15 7.80 -8.05
C TYR B 726 0.42 8.55 -6.94
N GLN B 727 0.02 9.79 -7.26
CA GLN B 727 -0.70 10.69 -6.38
C GLN B 727 -2.22 10.36 -6.37
N ILE B 728 -2.62 9.17 -5.91
CA ILE B 728 -4.07 8.77 -5.87
C ILE B 728 -5.03 9.85 -5.45
N THR B 729 -4.67 10.60 -4.44
CA THR B 729 -5.55 11.55 -3.81
C THR B 729 -4.81 12.83 -3.70
N ASP B 730 -5.49 13.92 -3.32
CA ASP B 730 -4.80 15.20 -3.09
C ASP B 730 -3.77 15.12 -1.91
N LYS B 731 -4.08 14.26 -0.94
CA LYS B 731 -3.34 14.12 0.30
C LYS B 731 -2.54 12.82 0.33
N LEU B 732 -2.85 11.88 -0.57
CA LEU B 732 -2.30 10.53 -0.46
C LEU B 732 -1.63 10.06 -1.74
N SER B 733 -0.34 9.71 -1.65
CA SER B 733 0.40 9.10 -2.73
C SER B 733 0.96 7.76 -2.33
N ALA B 734 1.23 6.92 -3.33
CA ALA B 734 1.81 5.60 -3.13
C ALA B 734 2.97 5.35 -4.12
N SER B 735 4.17 5.07 -3.56
CA SER B 735 5.37 4.83 -4.39
C SER B 735 5.96 3.42 -4.32
N VAL B 736 6.74 3.05 -5.32
CA VAL B 736 7.50 1.80 -5.25
C VAL B 736 8.87 2.07 -5.79
N ASN B 737 9.89 1.60 -5.08
CA ASN B 737 11.28 1.69 -5.49
C ASN B 737 11.83 0.28 -5.61
N VAL B 738 12.41 -0.04 -6.77
CA VAL B 738 13.20 -1.24 -6.95
C VAL B 738 14.69 -0.87 -7.14
N ASN B 739 15.57 -1.51 -6.37
CA ASN B 739 17.03 -1.21 -6.37
C ASN B 739 17.87 -2.37 -6.81
N ASN B 740 18.93 -2.09 -7.56
CA ASN B 740 19.74 -3.14 -8.13
C ASN B 740 18.75 -4.09 -8.90
N VAL B 741 18.03 -3.49 -9.87
CA VAL B 741 17.01 -4.17 -10.65
C VAL B 741 17.54 -5.46 -11.23
N PHE B 742 18.83 -5.52 -11.57
CA PHE B 742 19.34 -6.69 -12.31
C PHE B 742 20.01 -7.68 -11.37
N ASP B 743 19.63 -7.61 -10.11
CA ASP B 743 20.29 -8.39 -9.08
C ASP B 743 21.79 -8.60 -9.19
N LYS B 744 22.50 -7.61 -9.72
CA LYS B 744 23.95 -7.69 -9.80
C LYS B 744 24.52 -8.07 -8.44
N THR B 745 25.35 -9.12 -8.37
CA THR B 745 26.06 -9.44 -7.13
C THR B 745 27.49 -8.93 -7.29
N TYR B 746 27.99 -8.20 -6.30
CA TYR B 746 29.26 -7.48 -6.41
C TYR B 746 29.79 -7.23 -5.02
N TYR B 747 31.02 -6.70 -4.87
CA TYR B 747 31.63 -6.54 -3.56
C TYR B 747 31.78 -5.10 -3.11
N THR B 748 31.57 -4.82 -1.84
CA THR B 748 31.72 -3.44 -1.39
C THR B 748 32.89 -3.39 -0.49
N ASN B 749 33.49 -4.54 -0.28
CA ASN B 749 34.71 -4.66 0.51
C ASN B 749 35.43 -5.95 0.11
N ILE B 750 36.73 -5.84 -0.09
CA ILE B 750 37.60 -7.01 -0.20
C ILE B 750 38.95 -6.58 0.40
N GLY B 751 39.50 -7.34 1.33
CA GLY B 751 40.78 -6.90 1.89
C GLY B 751 40.71 -6.46 3.34
N PHE B 752 39.63 -5.79 3.70
CA PHE B 752 39.59 -5.20 5.02
C PHE B 752 39.73 -6.30 6.03
N TYR B 753 40.87 -6.29 6.75
CA TYR B 753 41.25 -7.39 7.64
C TYR B 753 41.00 -8.76 7.01
N THR B 754 41.54 -8.89 5.82
CA THR B 754 41.44 -10.08 5.05
C THR B 754 40.02 -10.68 4.92
N SER B 755 39.07 -9.80 4.60
CA SER B 755 37.65 -10.21 4.44
C SER B 755 36.98 -9.66 3.18
N ALA B 756 35.70 -9.96 3.05
CA ALA B 756 34.89 -9.43 2.00
C ALA B 756 33.44 -9.13 2.45
N SER B 757 32.81 -8.16 1.79
CA SER B 757 31.39 -7.88 1.94
C SER B 757 30.66 -7.65 0.60
N TYR B 758 29.42 -8.18 0.53
CA TYR B 758 28.53 -7.99 -0.62
C TYR B 758 27.74 -6.69 -0.60
N GLY B 759 27.48 -6.15 -1.79
CA GLY B 759 26.50 -5.02 -1.99
C GLY B 759 25.10 -5.58 -1.91
N ASP B 760 24.10 -4.74 -1.69
CA ASP B 760 22.73 -5.26 -1.58
C ASP B 760 22.25 -5.91 -2.86
N PRO B 761 21.72 -7.14 -2.73
CA PRO B 761 20.94 -7.76 -3.83
C PRO B 761 19.75 -6.88 -4.20
N ARG B 762 19.14 -7.12 -5.36
CA ARG B 762 17.87 -6.47 -5.71
C ARG B 762 16.97 -6.35 -4.47
N ASN B 763 16.43 -5.16 -4.21
CA ASN B 763 15.49 -4.98 -3.11
C ASN B 763 14.42 -4.01 -3.58
N LEU B 764 13.22 -4.06 -2.95
CA LEU B 764 12.16 -3.07 -3.21
C LEU B 764 11.82 -2.34 -1.95
N MET B 765 11.29 -1.14 -2.14
CA MET B 765 10.67 -0.40 -1.04
C MET B 765 9.26 0.09 -1.45
N PHE B 766 8.25 -0.28 -0.68
CA PHE B 766 6.91 0.26 -0.88
C PHE B 766 6.56 1.36 0.16
N SER B 767 5.96 2.44 -0.29
CA SER B 767 5.93 3.65 0.47
C SER B 767 4.52 4.26 0.28
N THR B 768 3.97 4.88 1.33
CA THR B 768 2.70 5.62 1.27
C THR B 768 2.86 6.93 1.99
N ARG B 769 2.56 8.02 1.32
CA ARG B 769 2.68 9.26 2.01
C ARG B 769 1.36 10.01 2.03
N TRP B 770 0.98 10.40 3.25
CA TRP B 770 -0.14 11.25 3.53
C TRP B 770 0.38 12.63 3.94
N ASP B 771 0.10 13.66 3.13
CA ASP B 771 0.43 15.02 3.52
C ASP B 771 -0.83 15.57 4.08
N PHE B 772 -0.74 16.28 5.19
CA PHE B 772 -1.84 17.13 5.54
C PHE B 772 -1.35 18.55 5.39
N DSN C 1 45.16 1.44 12.12
CA DSN C 1 45.04 1.46 13.62
C DSN C 1 45.58 0.07 13.99
O DSN C 1 47.03 0.23 14.06
CB DSN C 1 43.74 1.73 14.40
N DAB C 2 43.77 1.75 15.75
CA DAB C 2 42.63 1.23 16.52
C DAB C 2 42.99 0.25 17.69
O DAB C 2 43.29 -0.89 17.29
CB DAB C 2 41.50 0.83 15.58
CG DAB C 2 41.33 1.93 14.53
ND DAB C 2 42.62 1.93 13.84
N FHO C 3 42.62 -0.05 18.89
CA FHO C 3 41.89 -1.29 19.45
CB FHO C 3 40.69 -1.64 18.55
CG FHO C 3 39.81 -0.41 18.30
CD FHO C 3 38.34 -0.68 18.02
NE FHO C 3 38.12 -1.06 16.60
OZ FHO C 3 38.81 -0.59 15.69
CZ FHO C 3 37.20 -1.86 16.32
OH FHO C 3 36.98 -2.23 15.18
C FHO C 3 42.87 -2.43 19.77
O FHO C 3 44.07 -2.22 19.64
N GLN C 4 42.42 -3.62 20.21
CA GLN C 4 43.38 -4.76 20.43
C GLN C 4 43.75 -5.57 19.18
N DGN C 5 43.68 -4.90 18.02
CA DGN C 5 44.31 -5.41 16.80
C DGN C 5 43.66 -6.69 16.23
O DGN C 5 44.29 -7.40 15.44
CB DGN C 5 44.45 -4.26 15.77
CG DGN C 5 45.13 -2.98 16.38
CD DGN C 5 46.48 -2.64 15.78
OE1 DGN C 5 46.58 -2.35 14.59
NE2 DGN C 5 47.54 -2.65 16.59
N FHO C 6 42.42 -6.97 16.65
CA FHO C 6 41.57 -8.07 16.10
CB FHO C 6 40.85 -7.62 14.82
CG FHO C 6 40.56 -6.12 14.73
CD FHO C 6 39.13 -5.95 14.25
NE FHO C 6 38.89 -4.53 13.96
OZ FHO C 6 39.37 -3.71 14.72
CZ FHO C 6 38.19 -4.20 12.96
OH FHO C 6 37.92 -3.05 12.65
C FHO C 6 42.27 -9.42 15.94
O FHO C 6 42.50 -9.88 14.82
N GLY C 7 42.61 -10.04 17.07
CA GLY C 7 43.36 -11.31 17.14
C GLY C 7 44.38 -11.27 18.25
C01 N8E D . -27.34 -11.03 21.10
C02 N8E D . -26.43 -10.39 20.07
C03 N8E D . -25.37 -11.39 19.55
C04 N8E D . -24.02 -10.70 19.32
C05 N8E D . -22.91 -11.60 18.77
C06 N8E D . -21.64 -10.78 18.53
C07 N8E D . -20.33 -11.58 18.79
C08 N8E D . -19.06 -10.71 18.88
O09 N8E D . -17.92 -11.47 19.34
C10 N8E D . -16.65 -11.09 18.80
C11 N8E D . -15.74 -12.33 18.74
O12 N8E D . -14.51 -12.08 18.05
C13 N8E D . -13.46 -12.91 18.53
C14 N8E D . -12.19 -12.42 17.87
O15 N8E D . -11.24 -13.48 17.93
C16 N8E D . -9.93 -13.03 18.30
C17 N8E D . -9.23 -14.05 19.20
O18 N8E D . -8.10 -13.50 19.85
C19 N8E D . -8.22 -13.54 21.27
C20 N8E D . -6.93 -13.01 21.88
O21 N8E D . -5.82 -13.83 21.50
C22 N8E D . -4.88 -14.00 22.58
C23 N8E D . -3.56 -14.56 22.05
O24 N8E D . -3.72 -15.05 20.70
C01 N8E E . -7.77 9.25 -16.16
C01 N8E E . 16.42 -11.05 -5.00
C02 N8E E . -6.93 8.80 -14.96
C02 N8E E . 14.95 -11.16 -5.36
C03 N8E E . -6.29 7.41 -15.05
C03 N8E E . 14.25 -9.84 -5.67
C04 N8E E . -4.76 7.35 -14.86
C04 N8E E . 12.94 -10.07 -6.42
C05 N8E E . -4.14 5.99 -15.27
C05 N8E E . 12.18 -8.76 -6.69
C06 N8E E . -2.83 5.57 -14.55
C06 N8E E . 11.27 -8.85 -7.90
C07 N8E E . -2.31 4.16 -14.88
C07 N8E E . 11.06 -7.53 -8.65
C08 N8E E . -0.88 3.91 -14.37
C08 N8E E . 9.70 -7.41 -9.37
O09 N8E E . -0.69 2.90 -13.32
O09 N8E E . 8.84 -6.52 -8.64
C10 N8E E . 0.53 3.15 -12.61
C10 N8E E . 8.10 -5.56 -9.45
C11 N8E E . 0.56 2.58 -11.19
C11 N8E E . 7.40 -4.46 -8.62
O12 N8E E . 1.92 2.44 -10.70
O12 N8E E . 5.99 -4.34 -8.93
C13 N8E E . 2.21 3.19 -9.50
C13 N8E E . 5.19 -4.06 -7.75
C14 N8E E . 3.06 2.29 -8.62
C14 N8E E . 3.66 -4.07 -8.02
O15 N8E E . 2.82 2.58 -7.25
O15 N8E E . 2.84 -3.73 -6.87
C16 N8E E . 3.09 1.42 -6.45
C16 N8E E . 2.28 -2.41 -6.89
C17 N8E E . 2.00 1.02 -5.47
C17 N8E E . 1.48 -2.13 -5.61
O18 N8E E . 2.55 0.88 -4.16
O18 N8E E . 1.61 -0.78 -5.08
C19 N8E E . 1.62 0.78 -3.04
C19 N8E E . 1.09 -0.72 -3.70
C20 N8E E . 2.16 1.38 -1.73
C20 N8E E . 0.50 0.58 -3.05
O21 N8E E . 2.20 0.47 -0.62
O21 N8E E . -0.57 0.30 -2.08
C22 N8E E . 2.41 1.11 0.66
C22 N8E E . -0.67 1.03 -0.82
C23 N8E E . 3.16 0.33 1.76
C23 N8E E . -1.78 2.11 -0.80
O24 N8E E . 2.76 0.71 3.10
O24 N8E E . -2.55 2.27 0.41
P PO4 F . -34.05 15.43 5.45
O1 PO4 F . -33.57 15.82 4.08
O2 PO4 F . -33.83 13.94 5.71
O3 PO4 F . -35.53 15.58 5.57
O4 PO4 F . -33.27 16.36 6.38
P PO4 G . -21.26 0.70 -6.60
O1 PO4 G . -19.84 0.12 -6.65
O2 PO4 G . -22.16 -0.11 -5.70
O3 PO4 G . -21.81 0.59 -7.99
O4 PO4 G . -21.16 2.16 -6.21
P PO4 H . -9.43 -13.54 3.41
O1 PO4 H . -9.03 -12.66 2.26
O2 PO4 H . -9.36 -14.99 3.08
O3 PO4 H . -10.88 -13.29 3.77
O4 PO4 H . -8.51 -13.20 4.54
P PO4 I . -35.73 -5.00 16.59
O1 PO4 I . -34.32 -5.26 16.12
O2 PO4 I . -36.60 -6.21 16.38
O3 PO4 I . -36.38 -3.82 15.87
O4 PO4 I . -35.68 -4.82 18.08
P PO4 J . -6.59 -15.50 5.65
O1 PO4 J . -6.46 -15.06 4.21
O2 PO4 J . -7.34 -16.79 5.78
O3 PO4 J . -7.36 -14.46 6.41
O4 PO4 J . -5.24 -15.73 6.27
P PO4 K . -10.94 -9.50 2.80
O1 PO4 K . -9.68 -8.77 2.39
O2 PO4 K . -11.24 -10.73 1.98
O3 PO4 K . -12.11 -8.53 2.70
O4 PO4 K . -10.80 -10.10 4.17
P PO4 L . 26.21 -7.10 26.40
O1 PO4 L . 26.77 -7.17 25.02
O2 PO4 L . 27.31 -7.28 27.46
O3 PO4 L . 25.24 -8.26 26.45
O4 PO4 L . 25.53 -5.76 26.63
P PO4 M . 22.96 0.79 5.25
O1 PO4 M . 21.94 0.88 4.14
O2 PO4 M . 23.14 2.17 5.91
O3 PO4 M . 24.27 0.26 4.71
O4 PO4 M . 22.41 -0.21 6.26
P PO4 N . 9.68 16.81 2.46
O1 PO4 N . 9.96 17.16 1.03
O2 PO4 N . 9.93 18.06 3.30
O3 PO4 N . 10.51 15.62 2.94
O4 PO4 N . 8.25 16.40 2.52
P PO4 O . 24.94 15.83 28.46
O1 PO4 O . 24.26 15.73 27.10
O2 PO4 O . 25.37 14.43 28.84
O3 PO4 O . 23.94 16.34 29.49
O4 PO4 O . 26.13 16.76 28.53
O23 PVE P . 40.54 1.96 5.05
C22 PVE P . 40.33 2.84 4.16
O24 PVE P . 40.21 2.61 2.92
C21 PVE P . 40.16 4.28 4.59
C20 PVE P . 41.25 4.82 5.54
C18 PVE P . 40.89 4.34 6.81
O19 PVE P . 40.72 5.08 7.77
N17 PVE P . 41.06 3.03 6.89
C3 PVE P . 41.15 2.24 8.09
C4 PVE P . 40.01 1.82 8.81
C10 PVE P . 40.14 1.00 9.95
C5 PVE P . 39.02 0.56 10.69
C6 PVE P . 39.18 -0.26 11.84
O25 PVE P . 38.13 -0.69 12.59
C7 PVE P . 40.44 -0.66 12.25
O26 PVE P . 40.53 -1.47 13.36
C8 PVE P . 41.55 -0.23 11.50
C9 PVE P . 41.42 0.59 10.37
N1 PVE P . 42.51 0.98 9.66
C14 PVE P . 43.83 0.56 10.15
C15 PVE P . 44.28 1.57 11.21
O16 PVE P . 43.75 2.69 11.19
C2 PVE P . 42.40 1.78 8.55
N11 PVE P . 43.51 2.17 7.86
C12 PVE P . 44.79 1.51 7.89
C13 PVE P . 44.76 0.40 8.96
FE FE Q . 38.70 -1.91 14.14
#